data_7JXH
#
_entry.id   7JXH
#
_cell.length_a   91.138
_cell.length_b   154.617
_cell.length_c   93.548
_cell.angle_alpha   90.000
_cell.angle_beta   102.470
_cell.angle_gamma   90.000
#
_symmetry.space_group_name_H-M   'P 1 21 1'
#
loop_
_entity.id
_entity.type
_entity.pdbx_description
1 polymer 'Receptor tyrosine-protein kinase erbB-2'
2 non-polymer (2E)-N-[3-cyano-7-ethoxy-4-({3-methyl-4-[([1,2,4]triazolo[1,5-a]pyridin-7-yl)oxy]phenyl}amino)quinolin-6-yl]-4-(dimethylamino)but-2-enamide
#
_entity_poly.entity_id   1
_entity_poly.type   'polypeptide(L)'
_entity_poly.pdbx_seq_one_letter_code
;GSTSSGAMPNQAQMRILKETELRKVKVLGSGAFGTVYKGIWIPDGENVKIPVAIKVLRENTSPKANKEILDEAYVMAGVG
SPYVSRLLGICLTSTVQLVTQLMPYGCLLDHVRENRGRLGSQDLLNWCMQIAKGMSYLEDVRLVHRDLAARNVLVKSPNH
VKITDFGLARLLDIDETEYHADGGKVPIKWMALESILRRRFTHQSDVWSYGVTVWELMTFGAKPYDGIPAREIPDLLEKG
ERLPQPPICTIDVYMIMVKCWMIDSECRPRFRELVSEFSRMARDPQRFVVIQNEDLGPASPLDSTFYRSLLEDDDMGDLV
DAEEYL
;
_entity_poly.pdbx_strand_id   B,A,C,D,E,F,G,H
#
loop_
_chem_comp.id
_chem_comp.type
_chem_comp.name
_chem_comp.formula
VOY non-polymer (2E)-N-[3-cyano-7-ethoxy-4-({3-methyl-4-[([1,2,4]triazolo[1,5-a]pyridin-7-yl)oxy]phenyl}amino)quinolin-6-yl]-4-(dimethylamino)but-2-enamide 'C31 H30 N8 O3'
#
# COMPACT_ATOMS: atom_id res chain seq x y z
N PRO A 9 46.66 -24.62 10.42
CA PRO A 9 45.20 -24.59 10.49
C PRO A 9 44.56 -23.81 9.35
N ASN A 10 43.34 -23.34 9.56
CA ASN A 10 42.64 -22.45 8.65
C ASN A 10 42.40 -23.12 7.28
N GLN A 11 41.51 -24.12 7.32
CA GLN A 11 41.03 -24.75 6.10
C GLN A 11 39.65 -24.25 5.72
N ALA A 12 39.43 -22.94 5.75
CA ALA A 12 38.07 -22.54 5.35
C ALA A 12 37.95 -22.62 3.83
N GLN A 13 36.73 -22.50 3.33
CA GLN A 13 36.56 -22.64 1.88
C GLN A 13 35.78 -21.45 1.35
N MET A 14 36.41 -20.68 0.47
CA MET A 14 35.68 -19.58 -0.18
C MET A 14 35.13 -20.13 -1.48
N ARG A 15 33.84 -19.97 -1.70
CA ARG A 15 33.24 -20.52 -2.92
C ARG A 15 33.06 -19.38 -3.89
N ILE A 16 34.01 -19.21 -4.78
CA ILE A 16 33.92 -18.18 -5.81
C ILE A 16 32.73 -18.51 -6.70
N LEU A 17 31.77 -17.59 -6.76
CA LEU A 17 30.49 -17.84 -7.42
C LEU A 17 30.42 -17.16 -8.77
N LYS A 18 29.86 -17.88 -9.74
CA LYS A 18 29.45 -17.31 -11.01
C LYS A 18 28.14 -16.56 -10.80
N GLU A 19 28.01 -15.39 -11.43
CA GLU A 19 26.85 -14.55 -11.17
C GLU A 19 25.55 -15.21 -11.60
N THR A 20 25.60 -16.18 -12.51
CA THR A 20 24.39 -16.80 -13.05
C THR A 20 23.75 -17.80 -12.10
N GLU A 21 24.42 -18.20 -11.03
CA GLU A 21 23.82 -19.06 -10.02
C GLU A 21 23.29 -18.25 -8.83
N LEU A 22 23.08 -16.95 -9.02
CA LEU A 22 22.52 -16.08 -7.99
C LEU A 22 21.31 -15.34 -8.55
N ARG A 23 20.24 -15.28 -7.76
CA ARG A 23 19.04 -14.55 -8.14
C ARG A 23 18.76 -13.51 -7.07
N LYS A 24 18.78 -12.24 -7.44
CA LYS A 24 18.39 -11.17 -6.53
C LYS A 24 16.87 -11.03 -6.57
N VAL A 25 16.22 -11.33 -5.45
CA VAL A 25 14.76 -11.34 -5.39
C VAL A 25 14.19 -10.03 -4.87
N LYS A 26 14.78 -9.47 -3.81
CA LYS A 26 14.22 -8.29 -3.18
C LYS A 26 15.32 -7.50 -2.49
N VAL A 27 15.21 -6.18 -2.55
CA VAL A 27 16.14 -5.32 -1.81
C VAL A 27 15.74 -5.33 -0.35
N LEU A 28 16.72 -5.61 0.52
CA LEU A 28 16.49 -5.61 1.95
C LEU A 28 16.93 -4.33 2.64
N GLY A 29 17.90 -3.63 2.05
CA GLY A 29 18.43 -2.43 2.66
C GLY A 29 19.59 -1.94 1.83
N SER A 30 19.98 -0.68 2.03
CA SER A 30 21.13 -0.11 1.34
C SER A 30 21.73 0.94 2.27
N GLY A 31 22.85 1.52 1.85
CA GLY A 31 23.53 2.46 2.69
C GLY A 31 24.77 3.03 2.03
N ALA A 32 25.84 3.28 2.77
CA ALA A 32 27.02 3.85 2.14
C ALA A 32 27.87 2.79 1.45
N PHE A 33 27.89 1.57 1.97
CA PHE A 33 28.78 0.53 1.48
C PHE A 33 28.19 -0.36 0.40
N GLY A 34 26.87 -0.48 0.31
CA GLY A 34 26.29 -1.30 -0.73
C GLY A 34 24.83 -1.64 -0.45
N THR A 35 24.29 -2.46 -1.34
CA THR A 35 22.89 -2.88 -1.28
C THR A 35 22.82 -4.36 -0.95
N VAL A 36 21.95 -4.70 0.00
CA VAL A 36 21.76 -6.08 0.43
C VAL A 36 20.45 -6.57 -0.16
N TYR A 37 20.52 -7.69 -0.89
CA TYR A 37 19.35 -8.29 -1.50
C TYR A 37 19.02 -9.61 -0.81
N LYS A 38 17.74 -9.87 -0.63
CA LYS A 38 17.28 -11.23 -0.34
C LYS A 38 17.25 -12.00 -1.64
N GLY A 39 17.83 -13.19 -1.65
CA GLY A 39 17.91 -13.92 -2.90
C GLY A 39 18.12 -15.40 -2.71
N ILE A 40 18.31 -16.09 -3.84
CA ILE A 40 18.38 -17.54 -3.90
C ILE A 40 19.67 -17.92 -4.60
N TRP A 41 20.43 -18.82 -3.97
CA TRP A 41 21.65 -19.37 -4.56
C TRP A 41 21.40 -20.81 -4.99
N ILE A 42 21.72 -21.11 -6.24
CA ILE A 42 21.59 -22.45 -6.79
C ILE A 42 23.00 -22.91 -7.18
N PRO A 43 23.69 -23.75 -6.37
CA PRO A 43 25.06 -24.14 -6.70
C PRO A 43 25.14 -24.50 -8.17
N ASP A 44 26.28 -24.19 -8.81
CA ASP A 44 26.43 -24.43 -10.27
C ASP A 44 25.97 -25.83 -10.63
N GLY A 45 24.95 -25.96 -11.49
CA GLY A 45 24.56 -27.29 -11.98
C GLY A 45 24.26 -28.24 -10.84
N GLU A 46 23.59 -27.75 -9.80
CA GLU A 46 23.20 -28.62 -8.65
C GLU A 46 21.68 -28.49 -8.52
N ASN A 47 21.06 -29.33 -7.70
CA ASN A 47 19.58 -29.36 -7.65
C ASN A 47 19.01 -28.58 -6.46
N VAL A 48 19.83 -27.78 -5.76
CA VAL A 48 19.32 -27.14 -4.51
C VAL A 48 19.09 -25.64 -4.64
N LYS A 49 18.21 -25.09 -3.81
CA LYS A 49 18.06 -23.64 -3.73
C LYS A 49 18.23 -23.22 -2.28
N ILE A 50 19.18 -22.31 -2.03
CA ILE A 50 19.52 -21.84 -0.69
C ILE A 50 19.09 -20.39 -0.57
N PRO A 51 18.29 -20.03 0.44
CA PRO A 51 18.00 -18.62 0.69
C PRO A 51 19.28 -17.91 1.12
N VAL A 52 19.65 -16.86 0.39
CA VAL A 52 20.90 -16.15 0.64
C VAL A 52 20.63 -14.65 0.66
N ALA A 53 21.52 -13.94 1.34
CA ALA A 53 21.63 -12.49 1.22
C ALA A 53 22.83 -12.16 0.36
N ILE A 54 22.65 -11.23 -0.57
CA ILE A 54 23.71 -10.82 -1.48
C ILE A 54 23.90 -9.32 -1.32
N LYS A 55 25.12 -8.91 -0.99
CA LYS A 55 25.46 -7.50 -0.89
C LYS A 55 26.39 -7.16 -2.05
N VAL A 56 25.85 -6.38 -2.98
CA VAL A 56 26.64 -5.90 -4.14
C VAL A 56 27.20 -4.56 -3.70
N LEU A 57 28.51 -4.40 -3.81
CA LEU A 57 29.15 -3.16 -3.35
C LEU A 57 29.07 -2.16 -4.49
N ARG A 58 29.86 -1.10 -4.43
CA ARG A 58 29.73 -0.06 -5.48
C ARG A 58 30.85 -0.23 -6.51
N GLU A 59 31.16 0.83 -7.24
CA GLU A 59 32.29 0.83 -8.22
C GLU A 59 33.39 1.75 -7.72
N ASN A 60 33.06 2.65 -6.79
CA ASN A 60 34.04 3.60 -6.20
C ASN A 60 35.22 2.84 -5.58
N THR A 61 36.41 3.47 -5.50
CA THR A 61 37.55 2.84 -4.79
C THR A 61 37.58 1.36 -5.15
N SER A 62 37.28 1.02 -6.39
CA SER A 62 37.45 -0.38 -6.80
C SER A 62 38.92 -0.70 -6.56
N PRO A 63 39.89 0.20 -6.83
CA PRO A 63 41.30 -0.05 -6.49
C PRO A 63 41.61 -0.33 -5.02
N LYS A 64 40.99 0.37 -4.09
CA LYS A 64 41.43 0.12 -2.68
C LYS A 64 40.39 -0.58 -1.81
N ALA A 65 39.10 -0.40 -2.06
CA ALA A 65 38.17 -0.96 -1.10
C ALA A 65 38.00 -2.45 -1.34
N ASN A 66 38.17 -2.89 -2.60
CA ASN A 66 38.15 -4.31 -2.91
C ASN A 66 39.15 -5.06 -2.05
N LYS A 67 40.36 -4.53 -1.90
CA LYS A 67 41.37 -5.26 -1.14
C LYS A 67 41.00 -5.27 0.35
N GLU A 68 40.56 -4.14 0.91
CA GLU A 68 40.13 -4.20 2.30
C GLU A 68 38.89 -5.09 2.44
N ILE A 69 38.06 -5.15 1.40
CA ILE A 69 36.87 -6.05 1.44
C ILE A 69 37.34 -7.50 1.32
N LEU A 70 38.45 -7.71 0.62
CA LEU A 70 38.95 -9.09 0.41
C LEU A 70 39.38 -9.63 1.76
N ASP A 71 40.05 -8.80 2.55
CA ASP A 71 40.54 -9.31 3.83
C ASP A 71 39.43 -9.39 4.86
N GLU A 72 38.41 -8.54 4.75
CA GLU A 72 37.21 -8.78 5.54
C GLU A 72 36.65 -10.15 5.25
N ALA A 73 36.66 -10.53 3.97
CA ALA A 73 36.20 -11.86 3.56
C ALA A 73 37.10 -12.95 4.11
N TYR A 74 38.42 -12.75 4.08
CA TYR A 74 39.33 -13.76 4.61
C TYR A 74 39.03 -13.99 6.09
N VAL A 75 38.83 -12.92 6.85
CA VAL A 75 38.64 -13.08 8.29
C VAL A 75 37.28 -13.71 8.57
N MET A 76 36.24 -13.33 7.80
CA MET A 76 34.90 -13.88 8.00
C MET A 76 34.54 -14.97 6.99
N ALA A 77 35.51 -15.71 6.45
CA ALA A 77 35.14 -16.92 5.75
C ALA A 77 35.38 -18.15 6.61
N GLY A 78 36.13 -18.00 7.70
CA GLY A 78 36.33 -19.08 8.66
C GLY A 78 35.14 -19.29 9.58
N VAL A 79 34.78 -20.56 9.76
CA VAL A 79 33.75 -20.97 10.70
C VAL A 79 34.18 -20.66 12.13
N GLY A 80 34.13 -19.39 12.52
CA GLY A 80 34.72 -19.00 13.79
C GLY A 80 33.75 -18.97 14.95
N SER A 81 32.91 -17.95 15.02
CA SER A 81 31.94 -17.90 16.11
C SER A 81 30.53 -18.05 15.56
N PRO A 82 29.67 -18.81 16.25
CA PRO A 82 28.26 -18.92 15.82
C PRO A 82 27.50 -17.60 15.94
N TYR A 83 28.10 -16.58 16.52
CA TYR A 83 27.46 -15.28 16.72
C TYR A 83 28.01 -14.23 15.77
N VAL A 84 28.69 -14.66 14.72
CA VAL A 84 29.17 -13.81 13.65
C VAL A 84 28.73 -14.44 12.33
N SER A 85 28.10 -13.66 11.46
CA SER A 85 27.66 -14.19 10.18
C SER A 85 28.87 -14.58 9.35
N ARG A 86 28.79 -15.76 8.73
CA ARG A 86 29.91 -16.28 7.95
C ARG A 86 29.65 -16.05 6.46
N LEU A 87 30.70 -15.67 5.74
CA LEU A 87 30.59 -15.40 4.32
C LEU A 87 30.58 -16.71 3.54
N LEU A 88 29.53 -16.93 2.75
CA LEU A 88 29.46 -18.13 1.94
C LEU A 88 30.34 -18.02 0.69
N GLY A 89 30.27 -16.89 -0.01
CA GLY A 89 31.05 -16.80 -1.23
C GLY A 89 31.17 -15.38 -1.75
N ILE A 90 32.03 -15.25 -2.77
CA ILE A 90 32.32 -13.98 -3.42
C ILE A 90 32.05 -14.12 -4.91
N CYS A 91 31.35 -13.16 -5.48
CA CYS A 91 31.12 -13.08 -6.93
C CYS A 91 32.05 -12.03 -7.50
N LEU A 92 33.07 -12.47 -8.24
CA LEU A 92 34.16 -11.60 -8.69
C LEU A 92 33.84 -10.90 -10.01
N THR A 93 32.67 -10.29 -10.11
CA THR A 93 32.38 -9.43 -11.24
C THR A 93 33.16 -8.12 -11.12
N SER A 94 32.92 -7.20 -12.07
CA SER A 94 33.49 -5.86 -11.96
C SER A 94 33.15 -5.22 -10.63
N THR A 95 31.93 -5.45 -10.16
CA THR A 95 31.46 -5.04 -8.84
C THR A 95 31.37 -6.28 -7.96
N VAL A 96 32.20 -6.34 -6.92
CA VAL A 96 32.29 -7.53 -6.10
C VAL A 96 30.98 -7.74 -5.36
N GLN A 97 30.47 -8.97 -5.40
CA GLN A 97 29.26 -9.35 -4.69
C GLN A 97 29.59 -10.42 -3.65
N LEU A 98 29.00 -10.29 -2.47
CA LEU A 98 29.23 -11.21 -1.36
C LEU A 98 27.94 -11.95 -1.06
N VAL A 99 28.00 -13.28 -1.14
CA VAL A 99 26.83 -14.13 -0.95
C VAL A 99 26.98 -14.82 0.40
N THR A 100 25.87 -14.98 1.10
CA THR A 100 25.91 -15.44 2.48
C THR A 100 24.54 -16.00 2.86
N GLN A 101 24.55 -16.86 3.89
CA GLN A 101 23.30 -17.45 4.35
C GLN A 101 22.33 -16.39 4.86
N LEU A 102 21.05 -16.62 4.60
CA LEU A 102 19.98 -15.70 4.96
C LEU A 102 19.47 -16.03 6.36
N MET A 103 19.65 -15.10 7.30
CA MET A 103 19.02 -15.21 8.60
C MET A 103 17.55 -14.80 8.44
N PRO A 104 16.59 -15.72 8.59
CA PRO A 104 15.21 -15.42 8.17
C PRO A 104 14.48 -14.42 9.06
N TYR A 105 14.82 -14.28 10.33
CA TYR A 105 14.07 -13.39 11.20
C TYR A 105 14.48 -11.93 11.08
N GLY A 106 15.51 -11.64 10.29
CA GLY A 106 15.90 -10.27 9.97
C GLY A 106 16.89 -9.68 10.95
N CYS A 107 16.94 -8.35 10.94
CA CYS A 107 17.86 -7.61 11.77
C CYS A 107 17.22 -7.40 13.14
N LEU A 108 18.03 -7.49 14.19
CA LEU A 108 17.51 -7.49 15.55
C LEU A 108 16.67 -6.25 15.85
N LEU A 109 17.08 -5.09 15.32
CA LEU A 109 16.40 -3.84 15.65
C LEU A 109 14.90 -3.91 15.38
N ASP A 110 14.51 -4.34 14.17
CA ASP A 110 13.08 -4.44 13.89
C ASP A 110 12.46 -5.72 14.40
N HIS A 111 13.26 -6.73 14.74
CA HIS A 111 12.73 -7.89 15.45
C HIS A 111 12.21 -7.49 16.82
N VAL A 112 13.07 -6.88 17.63
CA VAL A 112 12.69 -6.46 18.97
C VAL A 112 11.63 -5.38 18.96
N ARG A 113 11.54 -4.58 17.88
CA ARG A 113 10.56 -3.50 17.82
C ARG A 113 9.14 -4.05 17.70
N GLU A 114 8.95 -5.09 16.90
CA GLU A 114 7.62 -5.65 16.70
C GLU A 114 7.29 -6.78 17.66
N ASN A 115 8.20 -7.12 18.57
CA ASN A 115 7.93 -8.09 19.62
C ASN A 115 8.01 -7.47 21.01
N ARG A 116 7.69 -6.18 21.10
CA ARG A 116 7.56 -5.55 22.42
C ARG A 116 6.37 -6.18 23.14
N GLY A 117 6.59 -6.61 24.38
CA GLY A 117 5.59 -7.38 25.07
C GLY A 117 5.56 -8.85 24.71
N ARG A 118 6.54 -9.31 23.93
CA ARG A 118 6.71 -10.71 23.56
C ARG A 118 8.06 -11.27 23.96
N LEU A 119 8.92 -10.46 24.56
CA LEU A 119 10.27 -10.85 24.93
C LEU A 119 10.38 -10.79 26.44
N GLY A 120 10.98 -11.82 27.05
CA GLY A 120 11.18 -11.82 28.48
C GLY A 120 12.58 -11.37 28.85
N SER A 121 12.94 -11.65 30.11
CA SER A 121 14.21 -11.18 30.63
C SER A 121 15.38 -12.01 30.12
N GLN A 122 15.17 -13.31 29.91
CA GLN A 122 16.27 -14.16 29.46
C GLN A 122 16.57 -13.93 27.98
N ASP A 123 15.54 -13.75 27.15
CA ASP A 123 15.76 -13.45 25.74
C ASP A 123 16.63 -12.20 25.57
N LEU A 124 16.39 -11.17 26.38
CA LEU A 124 17.16 -9.94 26.26
C LEU A 124 18.58 -10.13 26.80
N LEU A 125 18.72 -10.79 27.95
CA LEU A 125 20.04 -11.02 28.53
C LEU A 125 20.84 -12.03 27.72
N ASN A 126 20.17 -13.03 27.12
CA ASN A 126 20.86 -14.02 26.31
C ASN A 126 21.51 -13.38 25.09
N TRP A 127 20.78 -12.48 24.42
CA TRP A 127 21.34 -11.79 23.26
C TRP A 127 22.60 -11.01 23.63
N CYS A 128 22.52 -10.19 24.68
CA CYS A 128 23.67 -9.40 25.10
C CYS A 128 24.87 -10.28 25.41
N MET A 129 24.63 -11.48 25.95
CA MET A 129 25.72 -12.43 26.14
C MET A 129 26.30 -12.87 24.80
N GLN A 130 25.43 -13.29 23.88
CA GLN A 130 25.88 -13.75 22.56
C GLN A 130 26.59 -12.63 21.80
N ILE A 131 25.99 -11.44 21.77
CA ILE A 131 26.60 -10.33 21.05
C ILE A 131 27.97 -9.99 21.63
N ALA A 132 28.11 -10.08 22.96
CA ALA A 132 29.42 -9.89 23.57
C ALA A 132 30.38 -11.00 23.16
N LYS A 133 29.88 -12.24 23.08
CA LYS A 133 30.71 -13.35 22.62
C LYS A 133 31.16 -13.13 21.18
N GLY A 134 30.22 -12.72 20.31
CA GLY A 134 30.59 -12.45 18.93
C GLY A 134 31.64 -11.37 18.81
N MET A 135 31.48 -10.27 19.57
CA MET A 135 32.49 -9.23 19.57
C MET A 135 33.80 -9.71 20.18
N SER A 136 33.73 -10.61 21.15
CA SER A 136 34.95 -11.14 21.76
C SER A 136 35.76 -11.94 20.73
N TYR A 137 35.07 -12.67 19.85
CA TYR A 137 35.76 -13.38 18.77
C TYR A 137 36.41 -12.40 17.82
N LEU A 138 35.69 -11.34 17.43
CA LEU A 138 36.25 -10.33 16.53
C LEU A 138 37.45 -9.64 17.16
N GLU A 139 37.44 -9.46 18.49
CA GLU A 139 38.61 -8.91 19.16
C GLU A 139 39.80 -9.87 19.10
N ASP A 140 39.53 -11.17 19.13
CA ASP A 140 40.62 -12.15 19.08
C ASP A 140 41.22 -12.25 17.68
N VAL A 141 40.42 -11.98 16.65
CA VAL A 141 40.91 -12.00 15.28
C VAL A 141 41.27 -10.59 14.80
N ARG A 142 41.46 -9.65 15.72
CA ARG A 142 42.06 -8.34 15.44
C ARG A 142 41.18 -7.46 14.55
N LEU A 143 39.88 -7.66 14.57
CA LEU A 143 38.94 -6.87 13.77
C LEU A 143 38.20 -5.87 14.66
N VAL A 144 38.15 -4.62 14.21
CA VAL A 144 37.41 -3.55 14.88
C VAL A 144 36.15 -3.28 14.06
N HIS A 145 34.95 -3.52 14.58
CA HIS A 145 33.71 -3.42 13.75
C HIS A 145 33.43 -1.96 13.37
N ARG A 146 33.57 -1.02 14.31
CA ARG A 146 33.34 0.43 14.07
C ARG A 146 31.86 0.78 13.91
N ASP A 147 30.98 -0.18 13.69
CA ASP A 147 29.57 0.12 13.47
C ASP A 147 28.67 -0.93 14.11
N LEU A 148 28.96 -1.28 15.36
CA LEU A 148 28.10 -2.20 16.08
C LEU A 148 26.82 -1.49 16.49
N ALA A 149 25.68 -2.12 16.20
CA ALA A 149 24.38 -1.52 16.49
C ALA A 149 23.32 -2.60 16.40
N ALA A 150 22.15 -2.29 16.96
CA ALA A 150 21.03 -3.23 16.89
C ALA A 150 20.66 -3.55 15.45
N ARG A 151 20.66 -2.54 14.59
CA ARG A 151 20.38 -2.74 13.16
C ARG A 151 21.38 -3.68 12.50
N ASN A 152 22.59 -3.81 13.06
CA ASN A 152 23.64 -4.65 12.50
C ASN A 152 23.81 -5.96 13.27
N VAL A 153 22.77 -6.42 13.94
CA VAL A 153 22.74 -7.74 14.55
C VAL A 153 21.54 -8.48 13.97
N LEU A 154 21.75 -9.74 13.58
CA LEU A 154 20.75 -10.53 12.88
C LEU A 154 20.13 -11.56 13.80
N VAL A 155 18.89 -11.94 13.49
CA VAL A 155 18.16 -12.94 14.25
C VAL A 155 18.07 -14.19 13.37
N LYS A 156 18.86 -15.21 13.71
CA LYS A 156 18.74 -16.50 13.03
C LYS A 156 17.51 -17.25 13.51
N SER A 157 17.37 -17.40 14.82
CA SER A 157 16.22 -18.00 15.47
C SER A 157 15.92 -17.13 16.70
N PRO A 158 14.73 -17.27 17.35
CA PRO A 158 14.37 -16.35 18.43
C PRO A 158 15.41 -16.17 19.52
N ASN A 159 16.34 -17.11 19.67
CA ASN A 159 17.36 -17.05 20.71
C ASN A 159 18.74 -17.29 20.12
N HIS A 160 19.02 -16.73 18.95
CA HIS A 160 20.33 -16.85 18.32
C HIS A 160 20.56 -15.64 17.44
N VAL A 161 21.64 -14.90 17.70
CA VAL A 161 21.93 -13.68 16.97
C VAL A 161 23.35 -13.74 16.39
N LYS A 162 23.58 -12.93 15.35
CA LYS A 162 24.86 -12.86 14.67
C LYS A 162 25.20 -11.41 14.34
N ILE A 163 26.46 -11.03 14.54
CA ILE A 163 26.94 -9.71 14.16
C ILE A 163 27.28 -9.74 12.67
N THR A 164 27.00 -8.64 11.97
CA THR A 164 27.12 -8.68 10.51
C THR A 164 27.53 -7.29 10.00
N ASP A 165 27.31 -7.07 8.70
CA ASP A 165 27.61 -5.84 7.94
C ASP A 165 29.10 -5.68 7.65
N PHE A 166 29.86 -5.19 8.62
CA PHE A 166 31.32 -5.08 8.52
C PHE A 166 31.79 -4.18 7.37
N GLY A 167 30.90 -3.42 6.74
CA GLY A 167 31.34 -2.49 5.70
C GLY A 167 32.32 -1.44 6.20
N LEU A 168 32.38 -1.21 7.51
CA LEU A 168 33.32 -0.29 8.12
C LEU A 168 34.38 -1.02 8.91
N ALA A 169 34.40 -2.36 8.87
CA ALA A 169 35.34 -3.16 9.63
C ALA A 169 36.77 -2.96 9.13
N GLY A 184 33.22 10.18 9.79
CA GLY A 184 32.79 10.56 8.46
C GLY A 184 31.53 9.85 8.01
N LYS A 185 31.59 8.52 7.97
CA LYS A 185 30.45 7.70 7.56
C LYS A 185 29.97 6.78 8.67
N VAL A 186 30.48 6.93 9.88
CA VAL A 186 30.02 6.13 11.01
C VAL A 186 28.88 6.86 11.71
N PRO A 187 27.79 6.18 12.06
CA PRO A 187 26.73 6.83 12.85
C PRO A 187 27.28 7.32 14.18
N ILE A 188 27.14 8.63 14.42
CA ILE A 188 27.86 9.27 15.51
C ILE A 188 27.28 8.92 16.87
N LYS A 189 26.05 8.43 16.93
CA LYS A 189 25.41 8.14 18.21
C LYS A 189 25.80 6.78 18.77
N TRP A 190 26.52 5.95 18.00
CA TRP A 190 27.10 4.73 18.51
C TRP A 190 28.60 4.83 18.67
N MET A 191 29.19 5.99 18.41
CA MET A 191 30.63 6.15 18.40
C MET A 191 31.12 6.58 19.78
N ALA A 192 32.25 6.02 20.18
CA ALA A 192 32.92 6.48 21.39
C ALA A 192 33.35 7.94 21.22
N LEU A 193 33.59 8.60 22.35
CA LEU A 193 33.98 10.02 22.29
C LEU A 193 35.34 10.18 21.62
N GLU A 194 36.31 9.31 21.94
CA GLU A 194 37.63 9.43 21.34
C GLU A 194 37.61 9.16 19.85
N SER A 195 36.61 8.44 19.35
CA SER A 195 36.47 8.25 17.91
C SER A 195 35.87 9.49 17.24
N ILE A 196 35.01 10.22 17.95
CA ILE A 196 34.45 11.44 17.39
C ILE A 196 35.49 12.55 17.37
N LEU A 197 36.25 12.69 18.45
CA LEU A 197 37.23 13.78 18.56
C LEU A 197 38.54 13.41 17.88
N ARG A 198 39.17 12.32 18.30
CA ARG A 198 40.50 11.95 17.84
C ARG A 198 40.48 10.94 16.69
N ARG A 199 39.32 10.67 16.12
CA ARG A 199 39.18 9.75 14.97
C ARG A 199 39.77 8.38 15.26
N ARG A 200 39.93 8.03 16.53
CA ARG A 200 40.63 6.82 16.94
C ARG A 200 39.62 5.71 17.22
N PHE A 201 39.90 4.52 16.68
CA PHE A 201 39.03 3.37 16.86
C PHE A 201 39.84 2.21 17.41
N THR A 202 39.51 1.78 18.62
CA THR A 202 40.10 0.61 19.26
C THR A 202 39.01 -0.40 19.53
N HIS A 203 39.40 -1.54 20.10
CA HIS A 203 38.40 -2.50 20.58
C HIS A 203 37.57 -1.89 21.71
N GLN A 204 38.17 -1.00 22.49
CA GLN A 204 37.46 -0.36 23.60
C GLN A 204 36.43 0.65 23.10
N SER A 205 36.60 1.19 21.90
CA SER A 205 35.55 2.00 21.30
C SER A 205 34.38 1.13 20.83
N ASP A 206 34.67 -0.12 20.44
CA ASP A 206 33.60 -1.06 20.13
C ASP A 206 32.79 -1.41 21.38
N VAL A 207 33.43 -1.43 22.55
CA VAL A 207 32.72 -1.67 23.79
C VAL A 207 31.69 -0.58 24.03
N TRP A 208 32.06 0.67 23.72
CA TRP A 208 31.09 1.77 23.74
C TRP A 208 29.91 1.46 22.83
N SER A 209 30.19 1.04 21.58
CA SER A 209 29.12 0.64 20.67
C SER A 209 28.32 -0.53 21.24
N TYR A 210 28.99 -1.44 21.96
CA TYR A 210 28.28 -2.53 22.61
C TYR A 210 27.30 -2.01 23.65
N GLY A 211 27.71 -1.01 24.44
CA GLY A 211 26.81 -0.45 25.44
C GLY A 211 25.56 0.17 24.84
N VAL A 212 25.72 0.91 23.73
CA VAL A 212 24.57 1.51 23.07
C VAL A 212 23.64 0.42 22.52
N THR A 213 24.22 -0.62 21.93
CA THR A 213 23.40 -1.70 21.39
C THR A 213 22.57 -2.36 22.48
N VAL A 214 23.18 -2.61 23.64
CA VAL A 214 22.43 -3.17 24.77
C VAL A 214 21.34 -2.21 25.20
N TRP A 215 21.64 -0.91 25.19
CA TRP A 215 20.61 0.09 25.49
C TRP A 215 19.44 -0.04 24.52
N GLU A 216 19.72 -0.24 23.23
CA GLU A 216 18.65 -0.41 22.25
C GLU A 216 17.78 -1.61 22.57
N LEU A 217 18.41 -2.73 22.96
CA LEU A 217 17.64 -3.93 23.32
C LEU A 217 16.77 -3.66 24.54
N MET A 218 17.37 -3.17 25.62
CA MET A 218 16.64 -2.95 26.87
C MET A 218 15.56 -1.89 26.75
N THR A 219 15.62 -1.04 25.73
CA THR A 219 14.57 -0.08 25.45
C THR A 219 13.59 -0.57 24.38
N PHE A 220 13.75 -1.82 23.93
CA PHE A 220 12.94 -2.40 22.86
C PHE A 220 13.04 -1.58 21.57
N GLY A 221 14.27 -1.20 21.24
CA GLY A 221 14.51 -0.52 19.98
C GLY A 221 14.23 0.96 19.98
N ALA A 222 14.45 1.64 21.11
CA ALA A 222 14.36 3.09 21.13
C ALA A 222 15.51 3.71 20.36
N LYS A 223 15.32 4.95 19.93
CA LYS A 223 16.34 5.68 19.19
C LYS A 223 17.22 6.43 20.18
N PRO A 224 18.52 6.16 20.22
CA PRO A 224 19.40 6.88 21.17
C PRO A 224 19.42 8.37 20.86
N TYR A 225 19.41 9.17 21.93
CA TYR A 225 19.43 10.63 21.84
C TYR A 225 18.39 11.15 20.86
N ASP A 226 17.19 10.60 20.95
CA ASP A 226 16.14 10.91 19.99
C ASP A 226 15.82 12.39 20.00
N GLY A 227 15.76 12.98 18.80
CA GLY A 227 15.52 14.40 18.65
C GLY A 227 16.76 15.27 18.72
N ILE A 228 17.83 14.79 19.35
CA ILE A 228 19.07 15.53 19.49
C ILE A 228 19.86 15.48 18.18
N PRO A 229 20.18 16.62 17.58
CA PRO A 229 20.99 16.60 16.35
C PRO A 229 22.37 16.00 16.60
N ALA A 230 22.94 15.41 15.55
CA ALA A 230 24.21 14.70 15.67
C ALA A 230 25.36 15.65 16.00
N ARG A 231 25.30 16.90 15.56
CA ARG A 231 26.38 17.83 15.87
C ARG A 231 26.47 18.11 17.37
N GLU A 232 25.34 18.10 18.07
CA GLU A 232 25.34 18.39 19.51
C GLU A 232 25.82 17.20 20.34
N ILE A 233 25.94 16.01 19.74
CA ILE A 233 26.29 14.82 20.51
C ILE A 233 27.62 14.94 21.24
N PRO A 234 28.72 15.34 20.59
CA PRO A 234 30.01 15.33 21.31
C PRO A 234 30.05 16.29 22.50
N ASP A 235 29.46 17.48 22.35
CA ASP A 235 29.34 18.40 23.48
C ASP A 235 28.45 17.82 24.56
N LEU A 236 27.38 17.13 24.17
CA LEU A 236 26.52 16.45 25.13
C LEU A 236 27.30 15.43 25.94
N LEU A 237 28.08 14.58 25.27
CA LEU A 237 28.84 13.56 25.97
C LEU A 237 29.96 14.17 26.81
N GLU A 238 30.60 15.23 26.32
CA GLU A 238 31.67 15.87 27.08
C GLU A 238 31.15 16.57 28.32
N LYS A 239 29.86 16.93 28.35
CA LYS A 239 29.25 17.52 29.53
C LYS A 239 28.75 16.48 30.52
N GLY A 240 29.00 15.19 30.27
CA GLY A 240 28.71 14.16 31.24
C GLY A 240 27.39 13.42 31.07
N GLU A 241 26.61 13.75 30.06
CA GLU A 241 25.34 13.05 29.86
C GLU A 241 25.56 11.76 29.09
N ARG A 242 24.74 10.76 29.40
CA ARG A 242 24.74 9.48 28.72
C ARG A 242 23.29 9.08 28.45
N LEU A 243 23.11 7.93 27.83
CA LEU A 243 21.76 7.42 27.61
C LEU A 243 21.10 7.09 28.94
N PRO A 244 19.81 7.38 29.09
CA PRO A 244 19.16 7.18 30.39
C PRO A 244 18.97 5.71 30.71
N GLN A 245 18.58 5.47 31.95
CA GLN A 245 18.35 4.11 32.42
C GLN A 245 17.06 3.55 31.81
N PRO A 246 17.12 2.43 31.10
CA PRO A 246 15.90 1.83 30.56
C PRO A 246 15.00 1.35 31.69
N PRO A 247 13.67 1.47 31.53
CA PRO A 247 12.77 1.10 32.63
C PRO A 247 12.93 -0.34 33.10
N ILE A 248 13.18 -1.27 32.18
CA ILE A 248 13.28 -2.69 32.52
C ILE A 248 14.64 -3.07 33.08
N CYS A 249 15.60 -2.14 33.09
CA CYS A 249 16.93 -2.43 33.58
C CYS A 249 17.01 -2.22 35.08
N THR A 250 17.59 -3.19 35.78
CA THR A 250 18.10 -2.90 37.11
C THR A 250 19.38 -2.10 37.00
N ILE A 251 19.74 -1.44 38.11
CA ILE A 251 20.97 -0.67 38.13
C ILE A 251 22.20 -1.55 37.94
N ASP A 252 22.09 -2.87 38.20
CA ASP A 252 23.18 -3.77 37.85
C ASP A 252 23.44 -3.73 36.35
N VAL A 253 22.39 -3.95 35.55
CA VAL A 253 22.54 -3.97 34.10
C VAL A 253 22.88 -2.58 33.57
N TYR A 254 22.18 -1.56 34.05
CA TYR A 254 22.45 -0.19 33.60
C TYR A 254 23.88 0.22 33.92
N MET A 255 24.43 -0.35 34.98
CA MET A 255 25.77 0.05 35.43
C MET A 255 26.83 -0.49 34.51
N ILE A 256 26.55 -1.63 33.86
CA ILE A 256 27.47 -2.17 32.85
C ILE A 256 27.54 -1.24 31.64
N MET A 257 26.37 -0.78 31.17
CA MET A 257 26.34 0.17 30.07
C MET A 257 27.11 1.44 30.43
N VAL A 258 26.90 1.95 31.64
CA VAL A 258 27.58 3.17 32.09
C VAL A 258 29.10 2.98 32.06
N LYS A 259 29.57 1.79 32.47
CA LYS A 259 30.99 1.51 32.38
C LYS A 259 31.48 1.56 30.94
N CYS A 260 30.66 1.09 30.00
CA CYS A 260 31.03 1.09 28.59
C CYS A 260 31.12 2.49 28.00
N TRP A 261 30.58 3.50 28.69
CA TRP A 261 30.60 4.88 28.22
C TRP A 261 31.53 5.76 29.04
N MET A 262 32.50 5.17 29.73
CA MET A 262 33.52 5.96 30.39
C MET A 262 34.40 6.64 29.35
N ILE A 263 34.76 7.90 29.62
CA ILE A 263 35.61 8.64 28.70
C ILE A 263 36.99 8.00 28.63
N ASP A 264 37.49 7.53 29.76
CA ASP A 264 38.74 6.78 29.80
C ASP A 264 38.47 5.38 29.25
N SER A 265 39.17 5.02 28.18
CA SER A 265 38.89 3.76 27.50
C SER A 265 39.25 2.56 28.36
N GLU A 266 40.23 2.70 29.25
CA GLU A 266 40.63 1.62 30.14
C GLU A 266 39.80 1.55 31.42
N CYS A 267 38.75 2.37 31.52
CA CYS A 267 37.72 2.21 32.54
C CYS A 267 36.56 1.35 32.04
N ARG A 268 36.50 1.09 30.73
CA ARG A 268 35.41 0.33 30.15
C ARG A 268 35.67 -1.16 30.30
N PRO A 269 34.61 -1.98 30.34
CA PRO A 269 34.82 -3.43 30.47
C PRO A 269 35.48 -4.03 29.24
N ARG A 270 36.16 -5.15 29.46
CA ARG A 270 36.66 -5.96 28.37
C ARG A 270 35.56 -6.89 27.89
N PHE A 271 35.63 -7.26 26.61
CA PHE A 271 34.59 -8.11 26.04
C PHE A 271 34.52 -9.47 26.72
N ARG A 272 35.66 -10.00 27.16
CA ARG A 272 35.64 -11.26 27.90
C ARG A 272 35.00 -11.07 29.27
N GLU A 273 35.10 -9.88 29.85
CA GLU A 273 34.38 -9.59 31.08
C GLU A 273 32.89 -9.45 30.80
N LEU A 274 32.52 -8.73 29.74
CA LEU A 274 31.11 -8.59 29.37
C LEU A 274 30.46 -9.94 29.08
N VAL A 275 31.25 -10.89 28.56
CA VAL A 275 30.74 -12.24 28.34
C VAL A 275 30.37 -12.89 29.67
N SER A 276 31.26 -12.79 30.66
CA SER A 276 31.04 -13.46 31.94
C SER A 276 29.88 -12.83 32.70
N GLU A 277 29.80 -11.50 32.72
CA GLU A 277 28.78 -10.83 33.51
C GLU A 277 27.38 -11.06 32.95
N PHE A 278 27.24 -11.00 31.62
CA PHE A 278 25.92 -11.21 31.03
C PHE A 278 25.52 -12.67 31.06
N SER A 279 26.48 -13.60 31.02
CA SER A 279 26.17 -15.01 31.21
C SER A 279 25.74 -15.28 32.65
N ARG A 280 26.35 -14.59 33.60
CA ARG A 280 25.94 -14.71 35.00
C ARG A 280 24.53 -14.19 35.20
N MET A 281 24.20 -13.06 34.56
CA MET A 281 22.86 -12.50 34.69
C MET A 281 21.84 -13.30 33.89
N ALA A 282 22.25 -13.88 32.76
CA ALA A 282 21.34 -14.73 32.00
C ALA A 282 20.97 -16.00 32.77
N ARG A 283 21.84 -16.45 33.67
CA ARG A 283 21.52 -17.63 34.48
C ARG A 283 20.48 -17.33 35.54
N ASP A 284 20.35 -16.07 35.96
CA ASP A 284 19.30 -15.63 36.88
C ASP A 284 18.67 -14.37 36.31
N PRO A 285 17.88 -14.50 35.23
CA PRO A 285 17.37 -13.29 34.56
C PRO A 285 16.39 -12.51 35.40
N GLN A 286 15.69 -13.15 36.33
CA GLN A 286 14.68 -12.45 37.11
C GLN A 286 15.30 -11.42 38.05
N ARG A 287 16.56 -11.63 38.46
CA ARG A 287 17.23 -10.70 39.36
C ARG A 287 17.60 -9.38 38.69
N PHE A 288 17.71 -9.35 37.36
CA PHE A 288 18.38 -8.26 36.68
C PHE A 288 17.56 -7.52 35.63
N VAL A 289 16.51 -8.13 35.09
CA VAL A 289 15.66 -7.46 34.11
C VAL A 289 14.21 -7.74 34.48
N VAL A 290 13.40 -6.68 34.60
CA VAL A 290 12.04 -6.76 35.09
C VAL A 290 11.14 -6.30 33.96
N ILE A 291 10.54 -7.22 33.21
CA ILE A 291 9.77 -6.80 31.99
C ILE A 291 8.45 -6.13 32.39
N GLN A 292 7.92 -6.42 33.58
CA GLN A 292 6.60 -5.87 34.01
C GLN A 292 6.59 -4.36 33.80
N ASN A 293 7.76 -3.73 33.73
CA ASN A 293 7.88 -2.29 33.50
C ASN A 293 8.09 -1.85 32.06
N GLU A 294 7.17 -2.18 31.14
CA GLU A 294 7.35 -1.80 29.75
C GLU A 294 7.38 -0.27 29.60
N ASP A 295 6.39 0.41 30.17
CA ASP A 295 6.37 1.87 30.27
C ASP A 295 5.14 2.33 31.04
N LEU A 296 4.96 3.65 31.14
CA LEU A 296 3.80 4.24 31.80
C LEU A 296 3.41 5.51 31.04
N GLY A 297 2.10 5.78 30.98
CA GLY A 297 1.61 6.96 30.31
C GLY A 297 1.48 8.13 31.25
N PRO A 298 1.78 9.35 30.76
CA PRO A 298 1.72 10.55 31.59
C PRO A 298 0.35 11.23 31.55
N MET B 8 0.75 -23.50 -2.61
CA MET B 8 -0.22 -24.25 -3.38
C MET B 8 -0.51 -23.56 -4.72
N PRO B 9 -0.41 -24.30 -5.81
CA PRO B 9 -0.61 -23.71 -7.14
C PRO B 9 -2.06 -23.30 -7.36
N ASN B 10 -2.25 -22.08 -7.84
CA ASN B 10 -3.58 -21.49 -8.05
C ASN B 10 -4.12 -22.00 -9.38
N GLN B 11 -4.84 -23.12 -9.34
CA GLN B 11 -5.35 -23.73 -10.60
C GLN B 11 -6.82 -23.42 -10.79
N ALA B 12 -7.12 -22.26 -11.37
CA ALA B 12 -8.53 -21.87 -11.51
C ALA B 12 -8.82 -21.78 -13.00
N GLN B 13 -10.03 -21.42 -13.34
CA GLN B 13 -10.36 -21.46 -14.76
C GLN B 13 -11.08 -20.18 -15.17
N MET B 14 -10.36 -19.27 -15.82
CA MET B 14 -11.03 -18.10 -16.39
C MET B 14 -11.50 -18.58 -17.75
N ARG B 15 -12.82 -18.60 -17.96
CA ARG B 15 -13.33 -19.10 -19.25
C ARG B 15 -13.47 -17.92 -20.18
N ILE B 16 -12.52 -17.75 -21.09
CA ILE B 16 -12.57 -16.70 -22.11
C ILE B 16 -13.75 -17.01 -23.03
N LEU B 17 -14.72 -16.09 -23.06
CA LEU B 17 -16.00 -16.31 -23.72
C LEU B 17 -16.08 -15.57 -25.04
N LYS B 18 -16.64 -16.24 -26.04
CA LYS B 18 -17.01 -15.57 -27.29
C LYS B 18 -18.32 -14.82 -27.06
N GLU B 19 -18.45 -13.65 -27.69
CA GLU B 19 -19.61 -12.81 -27.42
C GLU B 19 -20.91 -13.46 -27.88
N THR B 20 -20.85 -14.39 -28.82
CA THR B 20 -22.07 -14.98 -29.35
C THR B 20 -22.67 -16.05 -28.45
N GLU B 21 -21.95 -16.51 -27.42
CA GLU B 21 -22.52 -17.42 -26.44
C GLU B 21 -23.04 -16.68 -25.21
N LEU B 22 -23.31 -15.38 -25.34
CA LEU B 22 -23.92 -14.57 -24.30
C LEU B 22 -25.13 -13.86 -24.88
N ARG B 23 -26.23 -13.86 -24.12
CA ARG B 23 -27.46 -13.16 -24.51
C ARG B 23 -27.79 -12.11 -23.46
N LYS B 24 -27.68 -10.85 -23.83
CA LYS B 24 -28.00 -9.74 -22.93
C LYS B 24 -29.51 -9.52 -22.95
N VAL B 25 -30.18 -9.81 -21.85
CA VAL B 25 -31.64 -9.75 -21.80
C VAL B 25 -32.14 -8.41 -21.28
N LYS B 26 -31.61 -7.93 -20.16
CA LYS B 26 -32.14 -6.71 -19.56
C LYS B 26 -31.06 -6.03 -18.73
N VAL B 27 -31.10 -4.69 -18.74
CA VAL B 27 -30.14 -3.90 -17.99
C VAL B 27 -30.47 -3.95 -16.51
N LEU B 28 -29.46 -4.21 -15.65
CA LEU B 28 -29.70 -4.25 -14.19
C LEU B 28 -29.10 -3.01 -13.55
N GLY B 29 -28.01 -2.51 -14.12
CA GLY B 29 -27.43 -1.27 -13.62
C GLY B 29 -26.68 -0.54 -14.72
N SER B 30 -26.60 0.78 -14.65
CA SER B 30 -25.85 1.58 -15.65
C SER B 30 -25.31 2.81 -14.95
N GLY B 31 -24.00 3.02 -15.01
CA GLY B 31 -23.40 4.15 -14.29
C GLY B 31 -22.36 4.81 -15.16
N ALA B 32 -21.48 5.59 -14.53
CA ALA B 32 -20.41 6.21 -15.29
C ALA B 32 -19.26 5.27 -15.65
N PHE B 33 -19.23 4.04 -15.15
CA PHE B 33 -18.09 3.16 -15.39
C PHE B 33 -18.42 1.88 -16.15
N GLY B 34 -19.68 1.67 -16.49
CA GLY B 34 -20.09 0.53 -17.28
C GLY B 34 -21.51 0.12 -16.96
N THR B 35 -22.08 -0.70 -17.83
CA THR B 35 -23.47 -1.12 -17.70
C THR B 35 -23.52 -2.61 -17.35
N VAL B 36 -24.40 -2.98 -16.43
CA VAL B 36 -24.55 -4.37 -16.00
C VAL B 36 -25.86 -4.90 -16.57
N TYR B 37 -25.77 -6.02 -17.28
CA TYR B 37 -26.92 -6.65 -17.92
C TYR B 37 -27.24 -7.97 -17.24
N LYS B 38 -28.52 -8.23 -17.02
CA LYS B 38 -28.96 -9.59 -16.76
C LYS B 38 -29.01 -10.34 -18.07
N GLY B 39 -28.47 -11.56 -18.10
CA GLY B 39 -28.40 -12.26 -19.36
C GLY B 39 -28.19 -13.75 -19.22
N ILE B 40 -28.01 -14.39 -20.37
CA ILE B 40 -27.94 -15.85 -20.47
C ILE B 40 -26.62 -16.22 -21.14
N TRP B 41 -25.87 -17.11 -20.51
CA TRP B 41 -24.64 -17.66 -21.06
C TRP B 41 -24.91 -19.08 -21.54
N ILE B 42 -24.62 -19.33 -22.82
CA ILE B 42 -24.77 -20.68 -23.38
C ILE B 42 -23.38 -21.18 -23.75
N PRO B 43 -22.71 -21.93 -22.87
CA PRO B 43 -21.32 -22.33 -23.15
C PRO B 43 -21.20 -23.12 -24.45
N ASP B 44 -19.97 -23.18 -24.94
CA ASP B 44 -19.69 -23.63 -26.30
C ASP B 44 -20.22 -25.05 -26.55
N GLY B 45 -21.18 -25.15 -27.47
CA GLY B 45 -21.79 -26.41 -27.87
C GLY B 45 -22.93 -26.90 -27.00
N GLU B 46 -22.78 -26.76 -25.68
CA GLU B 46 -23.79 -27.27 -24.77
C GLU B 46 -25.14 -26.60 -25.02
N ASN B 47 -26.20 -27.35 -24.73
CA ASN B 47 -27.57 -26.86 -24.80
C ASN B 47 -28.08 -26.38 -23.45
N VAL B 48 -27.18 -26.04 -22.53
CA VAL B 48 -27.56 -25.54 -21.23
C VAL B 48 -27.55 -24.01 -21.27
N LYS B 49 -28.28 -23.42 -20.33
CA LYS B 49 -28.43 -21.96 -20.24
C LYS B 49 -28.18 -21.57 -18.80
N ILE B 50 -27.22 -20.67 -18.59
CA ILE B 50 -26.81 -20.26 -17.24
C ILE B 50 -27.21 -18.79 -17.07
N PRO B 51 -28.03 -18.46 -16.08
CA PRO B 51 -28.32 -17.05 -15.80
C PRO B 51 -27.06 -16.34 -15.32
N VAL B 52 -26.67 -15.28 -16.03
CA VAL B 52 -25.43 -14.59 -15.75
C VAL B 52 -25.69 -13.09 -15.69
N ALA B 53 -24.80 -12.41 -14.97
CA ALA B 53 -24.69 -10.95 -15.03
C ALA B 53 -23.48 -10.59 -15.87
N ILE B 54 -23.64 -9.62 -16.77
CA ILE B 54 -22.60 -9.21 -17.70
C ILE B 54 -22.34 -7.72 -17.49
N LYS B 55 -21.09 -7.37 -17.21
CA LYS B 55 -20.67 -5.98 -17.07
C LYS B 55 -19.79 -5.61 -18.26
N VAL B 56 -20.32 -4.70 -19.08
CA VAL B 56 -19.54 -4.18 -20.24
C VAL B 56 -18.91 -2.90 -19.72
N LEU B 57 -17.59 -2.82 -19.77
CA LEU B 57 -16.88 -1.68 -19.16
C LEU B 57 -16.87 -0.47 -20.09
N ARG B 58 -16.17 0.58 -19.70
CA ARG B 58 -16.15 1.83 -20.49
C ARG B 58 -15.23 1.71 -21.70
N GLU B 59 -15.63 2.28 -22.84
CA GLU B 59 -14.86 2.28 -24.08
C GLU B 59 -13.56 3.02 -23.91
N ASN B 60 -13.59 4.08 -23.09
CA ASN B 60 -12.45 4.94 -22.85
C ASN B 60 -11.57 4.41 -21.70
N THR B 61 -11.14 3.16 -21.87
CA THR B 61 -10.23 2.49 -20.94
C THR B 61 -8.80 2.54 -21.46
N SER B 62 -7.96 3.18 -20.67
CA SER B 62 -6.53 3.36 -20.92
C SER B 62 -5.76 2.07 -20.65
N PRO B 63 -4.48 1.96 -21.09
CA PRO B 63 -3.73 0.72 -20.87
C PRO B 63 -3.71 0.41 -19.38
N LYS B 64 -3.55 1.47 -18.58
CA LYS B 64 -3.62 1.37 -17.12
C LYS B 64 -4.86 0.61 -16.63
N ALA B 65 -6.04 0.99 -17.13
CA ALA B 65 -7.26 0.42 -16.56
C ALA B 65 -7.42 -1.04 -16.93
N ASN B 66 -7.11 -1.41 -18.17
CA ASN B 66 -7.21 -2.82 -18.54
C ASN B 66 -6.14 -3.66 -17.83
N LYS B 67 -4.95 -3.11 -17.62
CA LYS B 67 -3.96 -3.82 -16.80
C LYS B 67 -4.51 -4.06 -15.39
N GLU B 68 -5.12 -3.06 -14.78
CA GLU B 68 -5.70 -3.29 -13.46
C GLU B 68 -6.75 -4.39 -13.51
N ILE B 69 -7.58 -4.37 -14.54
CA ILE B 69 -8.64 -5.36 -14.65
C ILE B 69 -8.06 -6.77 -14.72
N LEU B 70 -7.06 -6.99 -15.56
CA LEU B 70 -6.56 -8.34 -15.83
C LEU B 70 -5.80 -8.95 -14.63
N ASP B 71 -4.94 -8.18 -13.96
CA ASP B 71 -4.29 -8.74 -12.77
C ASP B 71 -5.28 -8.93 -11.63
N GLU B 72 -6.25 -8.03 -11.54
CA GLU B 72 -7.36 -8.16 -10.62
C GLU B 72 -8.29 -9.29 -11.05
N ALA B 73 -8.31 -9.61 -12.35
CA ALA B 73 -9.09 -10.76 -12.81
C ALA B 73 -8.49 -12.06 -12.28
N TYR B 74 -7.17 -12.12 -12.09
CA TYR B 74 -6.56 -13.33 -11.55
C TYR B 74 -6.87 -13.56 -10.08
N VAL B 75 -7.41 -12.59 -9.33
CA VAL B 75 -7.57 -12.87 -7.91
C VAL B 75 -8.94 -13.47 -7.69
N MET B 76 -9.99 -12.74 -8.05
CA MET B 76 -11.35 -13.26 -7.95
C MET B 76 -11.79 -13.77 -9.32
N ALA B 77 -11.21 -14.90 -9.68
CA ALA B 77 -11.75 -15.89 -10.60
C ALA B 77 -11.39 -17.22 -9.94
N GLY B 78 -10.43 -17.14 -9.02
CA GLY B 78 -10.07 -18.27 -8.18
C GLY B 78 -11.05 -18.36 -7.02
N VAL B 79 -11.51 -19.58 -6.75
CA VAL B 79 -12.47 -19.85 -5.69
C VAL B 79 -11.88 -19.42 -4.34
N GLY B 80 -12.44 -18.35 -3.79
CA GLY B 80 -11.97 -17.79 -2.54
C GLY B 80 -13.00 -17.91 -1.42
N SER B 81 -13.75 -16.84 -1.17
CA SER B 81 -14.76 -16.84 -0.13
C SER B 81 -16.16 -17.03 -0.72
N PRO B 82 -17.04 -17.78 -0.03
CA PRO B 82 -18.44 -17.89 -0.47
C PRO B 82 -19.21 -16.59 -0.34
N TYR B 83 -18.63 -15.57 0.29
CA TYR B 83 -19.27 -14.28 0.48
C TYR B 83 -18.67 -13.22 -0.43
N VAL B 84 -17.90 -13.65 -1.42
CA VAL B 84 -17.32 -12.77 -2.42
C VAL B 84 -17.64 -13.36 -3.80
N SER B 85 -18.18 -12.53 -4.69
CA SER B 85 -18.57 -13.01 -6.01
C SER B 85 -17.37 -13.45 -6.83
N ARG B 86 -17.55 -14.53 -7.58
CA ARG B 86 -16.46 -15.09 -8.38
C ARG B 86 -16.70 -14.77 -9.84
N LEU B 87 -15.62 -14.43 -10.55
CA LEU B 87 -15.70 -14.14 -11.98
C LEU B 87 -15.81 -15.46 -12.73
N LEU B 88 -16.87 -15.60 -13.52
CA LEU B 88 -17.02 -16.80 -14.33
C LEU B 88 -16.15 -16.73 -15.58
N GLY B 89 -16.19 -15.60 -16.28
CA GLY B 89 -15.44 -15.49 -17.52
C GLY B 89 -15.28 -14.07 -17.97
N ILE B 90 -14.42 -13.89 -18.97
CA ILE B 90 -14.11 -12.59 -19.55
C ILE B 90 -14.36 -12.67 -21.05
N CYS B 91 -15.02 -11.65 -21.59
CA CYS B 91 -15.24 -11.53 -23.04
C CYS B 91 -14.26 -10.48 -23.57
N LEU B 92 -13.24 -10.95 -24.27
CA LEU B 92 -12.14 -10.09 -24.72
C LEU B 92 -12.43 -9.39 -26.05
N THR B 93 -13.58 -8.72 -26.13
CA THR B 93 -13.84 -7.83 -27.25
C THR B 93 -12.98 -6.57 -27.10
N SER B 94 -13.14 -5.65 -28.05
CA SER B 94 -12.45 -4.37 -27.95
C SER B 94 -12.76 -3.68 -26.62
N THR B 95 -14.00 -3.81 -26.16
CA THR B 95 -14.43 -3.39 -24.83
C THR B 95 -14.65 -4.62 -23.98
N VAL B 96 -13.88 -4.73 -22.88
CA VAL B 96 -13.90 -5.93 -22.06
C VAL B 96 -15.26 -6.08 -21.39
N GLN B 97 -15.77 -7.32 -21.38
CA GLN B 97 -17.01 -7.66 -20.71
C GLN B 97 -16.71 -8.73 -19.67
N LEU B 98 -17.24 -8.53 -18.47
CA LEU B 98 -17.04 -9.43 -17.34
C LEU B 98 -18.34 -10.16 -17.06
N VAL B 99 -18.27 -11.48 -16.96
CA VAL B 99 -19.47 -12.32 -16.83
C VAL B 99 -19.37 -13.11 -15.54
N THR B 100 -20.44 -13.10 -14.75
CA THR B 100 -20.48 -13.77 -13.47
C THR B 100 -21.86 -14.36 -13.25
N GLN B 101 -21.93 -15.31 -12.32
CA GLN B 101 -23.20 -15.93 -11.95
C GLN B 101 -24.19 -14.88 -11.48
N LEU B 102 -25.44 -15.04 -11.92
CA LEU B 102 -26.50 -14.10 -11.55
C LEU B 102 -26.98 -14.37 -10.14
N MET B 103 -26.99 -13.34 -9.31
CA MET B 103 -27.59 -13.42 -7.99
C MET B 103 -29.07 -13.06 -8.14
N PRO B 104 -30.00 -14.02 -8.01
CA PRO B 104 -31.39 -13.74 -8.41
C PRO B 104 -32.10 -12.71 -7.56
N TYR B 105 -31.68 -12.51 -6.32
CA TYR B 105 -32.38 -11.60 -5.42
C TYR B 105 -31.89 -10.16 -5.50
N GLY B 106 -30.94 -9.86 -6.39
CA GLY B 106 -30.53 -8.49 -6.62
C GLY B 106 -29.51 -7.97 -5.62
N CYS B 107 -29.53 -6.65 -5.42
CA CYS B 107 -28.62 -5.99 -4.48
C CYS B 107 -29.30 -5.79 -3.13
N LEU B 108 -28.51 -5.95 -2.06
CA LEU B 108 -29.03 -5.91 -0.69
C LEU B 108 -29.78 -4.62 -0.41
N LEU B 109 -29.28 -3.49 -0.93
CA LEU B 109 -29.92 -2.21 -0.68
C LEU B 109 -31.38 -2.24 -1.13
N ASP B 110 -31.65 -2.87 -2.27
CA ASP B 110 -33.02 -2.99 -2.75
C ASP B 110 -33.77 -4.09 -2.00
N HIS B 111 -33.08 -5.18 -1.66
CA HIS B 111 -33.71 -6.27 -0.91
C HIS B 111 -34.23 -5.78 0.43
N VAL B 112 -33.38 -5.08 1.18
CA VAL B 112 -33.76 -4.60 2.50
C VAL B 112 -34.83 -3.52 2.43
N ARG B 113 -34.92 -2.80 1.31
CA ARG B 113 -35.88 -1.71 1.20
C ARG B 113 -37.31 -2.22 1.07
N GLU B 114 -37.51 -3.29 0.31
CA GLU B 114 -38.85 -3.84 0.08
C GLU B 114 -39.23 -4.93 1.07
N ASN B 115 -38.32 -5.34 1.97
CA ASN B 115 -38.64 -6.29 3.02
C ASN B 115 -38.53 -5.69 4.42
N ARG B 116 -38.76 -4.38 4.53
CA ARG B 116 -38.87 -3.76 5.85
C ARG B 116 -40.13 -4.29 6.53
N GLY B 117 -39.99 -4.68 7.80
CA GLY B 117 -41.05 -5.38 8.47
C GLY B 117 -41.13 -6.85 8.10
N ARG B 118 -40.13 -7.35 7.38
CA ARG B 118 -40.07 -8.74 6.97
C ARG B 118 -38.78 -9.42 7.39
N LEU B 119 -37.82 -8.67 7.92
CA LEU B 119 -36.49 -9.16 8.24
C LEU B 119 -36.30 -9.15 9.75
N GLY B 120 -35.77 -10.24 10.30
CA GLY B 120 -35.53 -10.36 11.72
C GLY B 120 -34.13 -9.93 12.14
N SER B 121 -33.91 -9.97 13.45
CA SER B 121 -32.61 -9.56 14.01
C SER B 121 -31.49 -10.50 13.59
N GLN B 122 -31.78 -11.79 13.40
CA GLN B 122 -30.71 -12.69 12.98
C GLN B 122 -30.35 -12.49 11.52
N ASP B 123 -31.35 -12.23 10.67
CA ASP B 123 -31.07 -11.96 9.26
C ASP B 123 -30.14 -10.76 9.11
N LEU B 124 -30.41 -9.69 9.85
CA LEU B 124 -29.60 -8.48 9.74
C LEU B 124 -28.19 -8.71 10.29
N LEU B 125 -28.07 -9.33 11.46
CA LEU B 125 -26.75 -9.59 12.03
C LEU B 125 -25.98 -10.63 11.23
N ASN B 126 -26.68 -11.61 10.64
CA ASN B 126 -26.01 -12.59 9.80
C ASN B 126 -25.37 -11.94 8.58
N TRP B 127 -26.07 -10.99 7.96
CA TRP B 127 -25.50 -10.27 6.82
C TRP B 127 -24.25 -9.51 7.22
N CYS B 128 -24.34 -8.71 8.30
CA CYS B 128 -23.18 -7.96 8.75
C CYS B 128 -22.00 -8.87 9.03
N MET B 129 -22.26 -10.08 9.51
CA MET B 129 -21.18 -11.05 9.70
C MET B 129 -20.60 -11.50 8.37
N GLN B 130 -21.46 -11.90 7.42
CA GLN B 130 -20.98 -12.36 6.12
C GLN B 130 -20.26 -11.24 5.37
N ILE B 131 -20.81 -10.02 5.39
CA ILE B 131 -20.15 -8.90 4.71
C ILE B 131 -18.77 -8.67 5.31
N ALA B 132 -18.64 -8.80 6.63
CA ALA B 132 -17.34 -8.67 7.26
C ALA B 132 -16.43 -9.83 6.88
N LYS B 133 -16.99 -11.04 6.79
CA LYS B 133 -16.19 -12.19 6.37
C LYS B 133 -15.65 -12.01 4.96
N GLY B 134 -16.49 -11.54 4.04
CA GLY B 134 -16.03 -11.30 2.68
C GLY B 134 -14.92 -10.27 2.63
N MET B 135 -15.06 -9.17 3.37
CA MET B 135 -14.02 -8.15 3.41
C MET B 135 -12.74 -8.67 4.06
N SER B 136 -12.84 -9.60 5.00
CA SER B 136 -11.65 -10.17 5.60
C SER B 136 -10.88 -10.99 4.57
N TYR B 137 -11.59 -11.68 3.67
CA TYR B 137 -10.93 -12.41 2.59
C TYR B 137 -10.22 -11.43 1.65
N LEU B 138 -10.92 -10.35 1.27
CA LEU B 138 -10.30 -9.34 0.40
C LEU B 138 -9.11 -8.69 1.07
N GLU B 139 -9.13 -8.56 2.40
CA GLU B 139 -7.95 -8.07 3.11
C GLU B 139 -6.81 -9.08 3.05
N ASP B 140 -7.14 -10.38 3.07
CA ASP B 140 -6.10 -11.40 3.01
C ASP B 140 -5.46 -11.49 1.63
N VAL B 141 -6.22 -11.18 0.58
CA VAL B 141 -5.70 -11.21 -0.78
C VAL B 141 -5.26 -9.82 -1.23
N ARG B 142 -5.09 -8.88 -0.29
CA ARG B 142 -4.44 -7.60 -0.52
C ARG B 142 -5.22 -6.69 -1.46
N LEU B 143 -6.54 -6.86 -1.52
CA LEU B 143 -7.36 -6.04 -2.39
C LEU B 143 -8.13 -5.03 -1.55
N VAL B 144 -8.14 -3.78 -2.02
CA VAL B 144 -8.87 -2.70 -1.37
C VAL B 144 -10.12 -2.41 -2.19
N HIS B 145 -11.30 -2.71 -1.63
CA HIS B 145 -12.54 -2.54 -2.41
C HIS B 145 -12.66 -1.08 -2.86
N ARG B 146 -12.69 -0.14 -1.93
CA ARG B 146 -12.74 1.32 -2.21
C ARG B 146 -14.19 1.76 -2.47
N ASP B 147 -15.12 0.82 -2.58
CA ASP B 147 -16.54 1.15 -2.87
C ASP B 147 -17.43 0.13 -2.18
N LEU B 148 -17.20 -0.10 -0.89
CA LEU B 148 -18.08 -1.02 -0.18
C LEU B 148 -19.36 -0.28 0.24
N ALA B 149 -20.51 -0.86 -0.12
CA ALA B 149 -21.80 -0.24 0.16
C ALA B 149 -22.89 -1.29 -0.02
N ALA B 150 -24.06 -1.00 0.57
CA ALA B 150 -25.20 -1.90 0.43
C ALA B 150 -25.55 -2.12 -1.04
N ARG B 151 -25.43 -1.09 -1.86
CA ARG B 151 -25.69 -1.23 -3.29
C ARG B 151 -24.73 -2.20 -3.96
N ASN B 152 -23.56 -2.44 -3.35
CA ASN B 152 -22.57 -3.35 -3.90
C ASN B 152 -22.47 -4.65 -3.10
N VAL B 153 -23.55 -5.02 -2.41
CA VAL B 153 -23.67 -6.31 -1.75
C VAL B 153 -24.88 -7.01 -2.33
N LEU B 154 -24.70 -8.25 -2.79
CA LEU B 154 -25.75 -8.96 -3.49
C LEU B 154 -26.33 -10.05 -2.62
N VAL B 155 -27.59 -10.39 -2.88
CA VAL B 155 -28.31 -11.41 -2.14
C VAL B 155 -28.42 -12.65 -3.02
N LYS B 156 -27.64 -13.68 -2.69
CA LYS B 156 -27.79 -14.96 -3.35
C LYS B 156 -29.06 -15.67 -2.89
N SER B 157 -29.23 -15.78 -1.58
CA SER B 157 -30.43 -16.36 -0.97
C SER B 157 -30.75 -15.54 0.27
N PRO B 158 -31.97 -15.66 0.86
CA PRO B 158 -32.34 -14.79 1.98
C PRO B 158 -31.37 -14.80 3.16
N ASN B 159 -30.41 -15.71 3.18
CA ASN B 159 -29.38 -15.72 4.23
C ASN B 159 -28.01 -15.97 3.63
N HIS B 160 -27.68 -15.25 2.56
CA HIS B 160 -26.39 -15.41 1.89
C HIS B 160 -26.14 -14.19 1.01
N VAL B 161 -25.06 -13.45 1.31
CA VAL B 161 -24.74 -12.24 0.56
C VAL B 161 -23.30 -12.31 0.04
N LYS B 162 -23.05 -11.51 -1.00
CA LYS B 162 -21.74 -11.46 -1.66
C LYS B 162 -21.34 -10.02 -1.97
N ILE B 163 -20.06 -9.72 -1.81
CA ILE B 163 -19.50 -8.43 -2.17
C ILE B 163 -19.03 -8.52 -3.62
N THR B 164 -19.39 -7.51 -4.40
CA THR B 164 -19.03 -7.45 -5.83
C THR B 164 -18.47 -6.06 -6.10
N ASP B 165 -17.98 -5.82 -7.30
CA ASP B 165 -17.45 -4.49 -7.70
C ASP B 165 -16.22 -4.09 -6.85
N PHE B 166 -15.21 -4.94 -6.86
CA PHE B 166 -13.95 -4.56 -6.19
C PHE B 166 -13.14 -3.95 -7.31
N GLY B 167 -11.87 -3.66 -7.07
CA GLY B 167 -11.05 -3.20 -8.21
C GLY B 167 -11.62 -1.96 -8.84
N LEU B 168 -12.23 -1.08 -8.03
CA LEU B 168 -12.64 0.23 -8.57
C LEU B 168 -11.38 1.09 -8.45
N ALA B 169 -10.34 0.78 -9.22
CA ALA B 169 -9.17 1.66 -9.19
C ALA B 169 -9.48 2.85 -10.09
N ARG B 170 -10.29 3.78 -9.59
CA ARG B 170 -10.71 4.96 -10.34
C ARG B 170 -11.32 4.55 -11.68
N VAL B 186 -17.94 10.09 -7.59
CA VAL B 186 -17.31 9.42 -6.44
C VAL B 186 -18.33 9.27 -5.33
N PRO B 187 -18.33 8.10 -4.68
CA PRO B 187 -19.23 7.92 -3.54
C PRO B 187 -18.64 8.51 -2.26
N ILE B 188 -18.83 9.81 -2.06
CA ILE B 188 -18.07 10.52 -1.04
C ILE B 188 -18.60 10.22 0.36
N LYS B 189 -19.84 9.74 0.46
CA LYS B 189 -20.51 9.49 1.72
C LYS B 189 -20.21 8.12 2.31
N TRP B 190 -19.50 7.25 1.59
CA TRP B 190 -18.99 6.00 2.12
C TRP B 190 -17.48 6.02 2.32
N MET B 191 -16.85 7.16 2.10
CA MET B 191 -15.39 7.26 2.12
C MET B 191 -14.90 7.67 3.50
N ALA B 192 -13.78 7.08 3.90
CA ALA B 192 -13.08 7.54 5.10
C ALA B 192 -12.59 8.96 4.90
N LEU B 193 -12.34 9.64 6.03
CA LEU B 193 -11.92 11.04 5.96
C LEU B 193 -10.56 11.17 5.28
N GLU B 194 -9.63 10.26 5.58
CA GLU B 194 -8.30 10.33 4.95
C GLU B 194 -8.37 10.06 3.45
N SER B 195 -9.40 9.36 2.98
CA SER B 195 -9.58 9.20 1.55
C SER B 195 -10.12 10.46 0.89
N ILE B 196 -10.97 11.21 1.60
CA ILE B 196 -11.49 12.46 1.06
C ILE B 196 -10.41 13.53 1.02
N LEU B 197 -9.66 13.67 2.10
CA LEU B 197 -8.69 14.75 2.26
C LEU B 197 -7.34 14.39 1.66
N ARG B 198 -6.76 13.27 2.09
CA ARG B 198 -5.41 12.89 1.72
C ARG B 198 -5.39 11.86 0.60
N ARG B 199 -6.56 11.54 0.03
CA ARG B 199 -6.70 10.59 -1.07
C ARG B 199 -6.09 9.23 -0.76
N ARG B 200 -6.13 8.83 0.50
CA ARG B 200 -5.54 7.57 0.96
C ARG B 200 -6.60 6.48 1.05
N PHE B 201 -6.31 5.32 0.47
CA PHE B 201 -7.22 4.17 0.51
C PHE B 201 -6.46 2.96 1.04
N THR B 202 -6.81 2.52 2.25
CA THR B 202 -6.25 1.33 2.87
C THR B 202 -7.39 0.35 3.18
N HIS B 203 -7.02 -0.79 3.76
CA HIS B 203 -8.06 -1.69 4.28
C HIS B 203 -8.82 -1.06 5.44
N GLN B 204 -8.18 -0.19 6.20
CA GLN B 204 -8.86 0.48 7.30
C GLN B 204 -9.82 1.56 6.82
N SER B 205 -9.60 2.11 5.62
CA SER B 205 -10.62 2.99 5.04
C SER B 205 -11.82 2.18 4.58
N ASP B 206 -11.61 0.94 4.16
CA ASP B 206 -12.72 0.05 3.86
C ASP B 206 -13.54 -0.27 5.12
N VAL B 207 -12.89 -0.29 6.28
CA VAL B 207 -13.60 -0.54 7.53
C VAL B 207 -14.60 0.58 7.81
N TRP B 208 -14.20 1.82 7.51
CA TRP B 208 -15.13 2.94 7.59
C TRP B 208 -16.35 2.69 6.70
N SER B 209 -16.12 2.23 5.46
CA SER B 209 -17.21 1.92 4.56
C SER B 209 -18.10 0.81 5.13
N TYR B 210 -17.51 -0.16 5.81
CA TYR B 210 -18.28 -1.24 6.41
C TYR B 210 -19.27 -0.70 7.43
N GLY B 211 -18.86 0.26 8.26
CA GLY B 211 -19.77 0.82 9.24
C GLY B 211 -20.97 1.49 8.59
N VAL B 212 -20.74 2.23 7.50
CA VAL B 212 -21.85 2.85 6.77
C VAL B 212 -22.75 1.78 6.16
N THR B 213 -22.16 0.73 5.60
CA THR B 213 -22.97 -0.34 5.02
C THR B 213 -23.85 -0.99 6.08
N VAL B 214 -23.28 -1.25 7.26
CA VAL B 214 -24.07 -1.77 8.37
C VAL B 214 -25.12 -0.74 8.77
N TRP B 215 -24.75 0.53 8.77
CA TRP B 215 -25.73 1.58 9.06
C TRP B 215 -26.89 1.53 8.07
N GLU B 216 -26.61 1.31 6.79
CA GLU B 216 -27.68 1.19 5.79
C GLU B 216 -28.63 0.05 6.13
N LEU B 217 -28.09 -1.10 6.51
CA LEU B 217 -28.93 -2.25 6.86
C LEU B 217 -29.81 -1.96 8.06
N MET B 218 -29.20 -1.45 9.13
CA MET B 218 -29.93 -1.20 10.37
C MET B 218 -30.98 -0.12 10.22
N THR B 219 -30.86 0.74 9.22
CA THR B 219 -31.88 1.73 8.90
C THR B 219 -32.84 1.23 7.83
N PHE B 220 -32.72 -0.03 7.42
CA PHE B 220 -33.52 -0.61 6.34
C PHE B 220 -33.36 0.19 5.05
N GLY B 221 -32.11 0.50 4.72
CA GLY B 221 -31.80 1.14 3.46
C GLY B 221 -32.00 2.64 3.42
N ALA B 222 -31.79 3.34 4.54
CA ALA B 222 -31.83 4.79 4.50
C ALA B 222 -30.62 5.34 3.74
N LYS B 223 -30.76 6.58 3.30
CA LYS B 223 -29.69 7.26 2.60
C LYS B 223 -28.84 8.04 3.59
N PRO B 224 -27.55 7.72 3.74
CA PRO B 224 -26.71 8.42 4.72
C PRO B 224 -26.63 9.91 4.41
N TYR B 225 -26.64 10.72 5.48
CA TYR B 225 -26.58 12.19 5.37
C TYR B 225 -27.64 12.71 4.40
N ASP B 226 -28.87 12.21 4.54
CA ASP B 226 -29.92 12.51 3.58
C ASP B 226 -30.14 14.02 3.50
N GLY B 227 -30.14 14.55 2.28
CA GLY B 227 -30.32 15.96 2.04
C GLY B 227 -29.06 16.78 2.13
N ILE B 228 -28.03 16.29 2.82
CA ILE B 228 -26.78 17.03 3.01
C ILE B 228 -25.99 16.98 1.70
N PRO B 229 -25.63 18.13 1.12
CA PRO B 229 -24.80 18.13 -0.07
C PRO B 229 -23.44 17.48 0.18
N ALA B 230 -22.89 16.87 -0.88
CA ALA B 230 -21.67 16.10 -0.74
C ALA B 230 -20.47 16.98 -0.40
N ARG B 231 -20.49 18.25 -0.81
CA ARG B 231 -19.38 19.14 -0.49
C ARG B 231 -19.30 19.48 0.99
N GLU B 232 -20.40 19.36 1.72
CA GLU B 232 -20.42 19.64 3.15
C GLU B 232 -19.97 18.46 4.00
N ILE B 233 -19.84 17.27 3.42
CA ILE B 233 -19.54 16.08 4.22
C ILE B 233 -18.20 16.20 4.96
N PRO B 234 -17.09 16.59 4.32
CA PRO B 234 -15.81 16.59 5.07
C PRO B 234 -15.80 17.56 6.25
N ASP B 235 -16.39 18.74 6.09
CA ASP B 235 -16.47 19.68 7.21
C ASP B 235 -17.39 19.15 8.29
N LEU B 236 -18.50 18.51 7.89
CA LEU B 236 -19.41 17.89 8.85
C LEU B 236 -18.70 16.81 9.66
N LEU B 237 -17.91 15.96 8.99
CA LEU B 237 -17.24 14.88 9.69
C LEU B 237 -16.16 15.39 10.63
N GLU B 238 -15.42 16.42 10.21
CA GLU B 238 -14.39 16.97 11.08
C GLU B 238 -14.96 17.72 12.28
N LYS B 239 -16.19 18.21 12.18
CA LYS B 239 -16.86 18.86 13.31
C LYS B 239 -17.46 17.85 14.28
N GLY B 240 -17.22 16.56 14.08
CA GLY B 240 -17.58 15.54 15.05
C GLY B 240 -18.88 14.82 14.81
N GLU B 241 -19.61 15.13 13.74
CA GLU B 241 -20.88 14.46 13.49
C GLU B 241 -20.67 13.16 12.72
N ARG B 242 -21.52 12.19 13.02
CA ARG B 242 -21.58 10.92 12.31
C ARG B 242 -23.03 10.57 12.04
N LEU B 243 -23.25 9.41 11.41
CA LEU B 243 -24.60 8.95 11.15
C LEU B 243 -25.31 8.64 12.47
N PRO B 244 -26.61 8.94 12.58
CA PRO B 244 -27.31 8.74 13.84
C PRO B 244 -27.51 7.26 14.15
N GLN B 245 -27.96 7.00 15.37
CA GLN B 245 -28.19 5.63 15.81
C GLN B 245 -29.48 5.11 15.17
N PRO B 246 -29.45 3.96 14.50
CA PRO B 246 -30.68 3.41 13.96
C PRO B 246 -31.62 3.02 15.07
N PRO B 247 -32.94 3.15 14.85
CA PRO B 247 -33.89 2.82 15.92
C PRO B 247 -33.78 1.39 16.41
N ILE B 248 -33.46 0.45 15.52
CA ILE B 248 -33.44 -0.97 15.90
C ILE B 248 -32.14 -1.41 16.55
N CYS B 249 -31.13 -0.54 16.61
CA CYS B 249 -29.83 -0.89 17.15
C CYS B 249 -29.75 -0.63 18.65
N THR B 250 -29.24 -1.61 19.39
CA THR B 250 -28.73 -1.34 20.73
C THR B 250 -27.41 -0.58 20.63
N ILE B 251 -26.98 -0.01 21.76
CA ILE B 251 -25.73 0.73 21.78
C ILE B 251 -24.53 -0.17 21.51
N ASP B 252 -24.68 -1.48 21.75
CA ASP B 252 -23.60 -2.41 21.43
C ASP B 252 -23.28 -2.38 19.93
N VAL B 253 -24.30 -2.54 19.08
CA VAL B 253 -24.08 -2.54 17.65
C VAL B 253 -23.65 -1.16 17.17
N TYR B 254 -24.34 -0.11 17.65
CA TYR B 254 -24.01 1.25 17.24
C TYR B 254 -22.59 1.64 17.63
N MET B 255 -22.07 1.08 18.73
CA MET B 255 -20.70 1.36 19.13
C MET B 255 -19.70 0.78 18.13
N ILE B 256 -20.05 -0.34 17.50
CA ILE B 256 -19.19 -0.92 16.48
C ILE B 256 -19.05 0.03 15.30
N MET B 257 -20.18 0.57 14.83
CA MET B 257 -20.15 1.53 13.72
C MET B 257 -19.33 2.76 14.09
N VAL B 258 -19.51 3.28 15.31
CA VAL B 258 -18.80 4.47 15.74
C VAL B 258 -17.29 4.24 15.69
N LYS B 259 -16.84 3.05 16.12
CA LYS B 259 -15.42 2.74 16.06
C LYS B 259 -14.90 2.75 14.63
N CYS B 260 -15.73 2.29 13.68
CA CYS B 260 -15.33 2.28 12.28
C CYS B 260 -15.18 3.68 11.71
N TRP B 261 -15.79 4.68 12.34
CA TRP B 261 -15.75 6.05 11.85
C TRP B 261 -14.81 6.92 12.68
N MET B 262 -13.86 6.31 13.37
CA MET B 262 -12.80 7.08 13.98
C MET B 262 -11.92 7.69 12.90
N ILE B 263 -11.52 8.94 13.10
CA ILE B 263 -10.68 9.61 12.13
C ILE B 263 -9.31 8.95 12.07
N ASP B 264 -8.80 8.53 13.23
CA ASP B 264 -7.54 7.79 13.28
C ASP B 264 -7.80 6.35 12.89
N SER B 265 -7.16 5.90 11.80
CA SER B 265 -7.45 4.57 11.25
C SER B 265 -7.05 3.45 12.19
N GLU B 266 -6.03 3.65 13.02
CA GLU B 266 -5.57 2.59 13.91
C GLU B 266 -6.45 2.44 15.15
N CYS B 267 -7.50 3.25 15.27
CA CYS B 267 -8.53 3.03 16.28
C CYS B 267 -9.73 2.27 15.74
N ARG B 268 -9.81 2.07 14.43
CA ARG B 268 -10.94 1.35 13.85
C ARG B 268 -10.77 -0.16 14.04
N PRO B 269 -11.86 -0.91 14.05
CA PRO B 269 -11.74 -2.36 14.18
C PRO B 269 -11.09 -2.97 12.95
N ARG B 270 -10.48 -4.13 13.16
CA ARG B 270 -10.02 -4.96 12.05
C ARG B 270 -11.19 -5.81 11.55
N PHE B 271 -11.12 -6.19 10.27
CA PHE B 271 -12.19 -6.99 9.69
C PHE B 271 -12.31 -8.33 10.40
N ARG B 272 -11.18 -8.90 10.83
CA ARG B 272 -11.25 -10.14 11.60
C ARG B 272 -11.86 -9.91 12.97
N GLU B 273 -11.66 -8.71 13.54
CA GLU B 273 -12.35 -8.36 14.78
C GLU B 273 -13.84 -8.20 14.54
N LEU B 274 -14.21 -7.55 13.44
CA LEU B 274 -15.62 -7.42 13.07
C LEU B 274 -16.28 -8.76 12.84
N VAL B 275 -15.51 -9.74 12.33
CA VAL B 275 -16.05 -11.09 12.14
C VAL B 275 -16.45 -11.70 13.47
N SER B 276 -15.54 -11.70 14.44
CA SER B 276 -15.82 -12.36 15.72
C SER B 276 -16.88 -11.62 16.52
N GLU B 277 -16.95 -10.29 16.39
CA GLU B 277 -17.91 -9.53 17.19
C GLU B 277 -19.34 -9.72 16.66
N PHE B 278 -19.51 -9.68 15.34
CA PHE B 278 -20.84 -9.89 14.77
C PHE B 278 -21.27 -11.35 14.79
N SER B 279 -20.32 -12.30 14.74
CA SER B 279 -20.69 -13.71 14.90
C SER B 279 -21.16 -13.98 16.32
N ARG B 280 -20.55 -13.32 17.31
CA ARG B 280 -21.02 -13.41 18.68
C ARG B 280 -22.42 -12.84 18.82
N MET B 281 -22.70 -11.72 18.14
CA MET B 281 -24.03 -11.14 18.20
C MET B 281 -25.05 -11.93 17.39
N ALA B 282 -24.62 -12.54 16.28
CA ALA B 282 -25.53 -13.39 15.51
C ALA B 282 -25.93 -14.64 16.29
N ARG B 283 -25.10 -15.09 17.22
CA ARG B 283 -25.45 -16.25 18.03
C ARG B 283 -26.54 -15.92 19.04
N ASP B 284 -26.57 -14.68 19.54
CA ASP B 284 -27.61 -14.20 20.44
C ASP B 284 -28.24 -12.96 19.82
N PRO B 285 -29.05 -13.14 18.78
CA PRO B 285 -29.56 -11.97 18.03
C PRO B 285 -30.51 -11.10 18.83
N GLN B 286 -31.22 -11.66 19.82
CA GLN B 286 -32.20 -10.88 20.56
C GLN B 286 -31.53 -9.84 21.46
N ARG B 287 -30.31 -10.12 21.92
CA ARG B 287 -29.64 -9.22 22.85
C ARG B 287 -29.22 -7.89 22.22
N PHE B 288 -29.07 -7.84 20.89
CA PHE B 288 -28.38 -6.73 20.26
C PHE B 288 -29.20 -5.98 19.22
N VAL B 289 -30.25 -6.56 18.66
CA VAL B 289 -31.10 -5.88 17.68
C VAL B 289 -32.55 -6.09 18.07
N VAL B 290 -33.29 -4.99 18.20
CA VAL B 290 -34.67 -5.01 18.66
C VAL B 290 -35.54 -4.53 17.51
N ILE B 291 -36.16 -5.47 16.79
CA ILE B 291 -36.90 -5.14 15.57
C ILE B 291 -38.18 -4.36 15.86
N GLN B 292 -38.74 -4.49 17.07
CA GLN B 292 -40.02 -3.85 17.38
C GLN B 292 -39.96 -2.32 17.25
N ASN B 293 -38.79 -1.73 17.40
CA ASN B 293 -38.70 -0.28 17.43
C ASN B 293 -38.79 0.36 16.04
N GLU B 294 -39.84 0.04 15.31
CA GLU B 294 -40.15 0.71 14.05
C GLU B 294 -41.57 0.36 13.63
N PRO C 9 14.78 -26.07 26.39
CA PRO C 9 13.71 -25.21 26.89
C PRO C 9 12.41 -25.45 26.15
N ASN C 10 11.95 -26.69 26.20
CA ASN C 10 10.80 -27.16 25.44
C ASN C 10 9.53 -26.75 26.19
N GLN C 11 8.85 -25.72 25.68
CA GLN C 11 7.65 -25.17 26.31
C GLN C 11 6.36 -25.69 25.69
N ALA C 12 6.29 -26.98 25.40
CA ALA C 12 5.03 -27.54 24.88
C ALA C 12 4.01 -27.63 26.00
N GLN C 13 2.72 -27.54 25.66
CA GLN C 13 1.66 -27.51 26.70
C GLN C 13 0.76 -28.73 26.59
N MET C 14 0.65 -29.50 27.66
CA MET C 14 -0.29 -30.66 27.68
C MET C 14 -1.54 -30.24 28.43
N ARG C 15 -2.53 -29.79 27.70
CA ARG C 15 -3.77 -29.32 28.34
C ARG C 15 -4.51 -30.52 28.91
N ILE C 16 -4.59 -30.63 30.23
CA ILE C 16 -5.40 -31.72 30.83
C ILE C 16 -6.85 -31.28 30.71
N LEU C 17 -7.63 -31.97 29.91
CA LEU C 17 -9.02 -31.65 29.62
C LEU C 17 -9.95 -32.36 30.60
N LYS C 18 -10.96 -31.63 31.06
CA LYS C 18 -12.06 -32.21 31.81
C LYS C 18 -13.02 -32.91 30.85
N GLU C 19 -13.58 -34.04 31.30
CA GLU C 19 -14.44 -34.82 30.40
C GLU C 19 -15.70 -34.05 30.00
N THR C 20 -16.12 -33.08 30.79
CA THR C 20 -17.37 -32.38 30.49
C THR C 20 -17.22 -31.32 29.41
N GLU C 21 -16.00 -30.96 29.02
CA GLU C 21 -15.80 -30.09 27.87
C GLU C 21 -15.57 -30.87 26.58
N LEU C 22 -15.99 -32.14 26.54
CA LEU C 22 -15.90 -32.97 25.35
C LEU C 22 -17.26 -33.57 25.03
N ARG C 23 -17.62 -33.54 23.74
CA ARG C 23 -18.85 -34.15 23.24
C ARG C 23 -18.48 -35.21 22.21
N LYS C 24 -18.74 -36.47 22.53
CA LYS C 24 -18.48 -37.56 21.59
C LYS C 24 -19.66 -37.64 20.63
N VAL C 25 -19.42 -37.34 19.35
CA VAL C 25 -20.52 -37.25 18.39
C VAL C 25 -20.73 -38.57 17.66
N LYS C 26 -19.67 -39.16 17.10
CA LYS C 26 -19.82 -40.35 16.27
C LYS C 26 -18.52 -41.14 16.27
N VAL C 27 -18.64 -42.47 16.24
CA VAL C 27 -17.48 -43.35 16.19
C VAL C 27 -16.87 -43.30 14.80
N LEU C 28 -15.54 -43.16 14.73
CA LEU C 28 -14.81 -43.23 13.48
C LEU C 28 -14.12 -44.57 13.26
N GLY C 29 -13.79 -45.30 14.32
CA GLY C 29 -13.16 -46.59 14.17
C GLY C 29 -12.58 -47.10 15.48
N SER C 30 -12.61 -48.40 15.72
CA SER C 30 -11.99 -48.95 16.91
C SER C 30 -10.94 -49.97 16.51
N GLY C 31 -10.25 -50.47 17.54
CA GLY C 31 -9.17 -51.43 17.32
C GLY C 31 -8.64 -51.86 18.67
N ALA C 32 -7.52 -52.58 18.66
CA ALA C 32 -7.07 -53.23 19.87
C ALA C 32 -6.53 -52.26 20.92
N PHE C 33 -6.41 -50.96 20.59
CA PHE C 33 -5.82 -50.01 21.52
C PHE C 33 -6.75 -48.88 21.93
N GLY C 34 -7.97 -48.84 21.42
CA GLY C 34 -8.91 -47.80 21.82
C GLY C 34 -9.88 -47.49 20.71
N THR C 35 -10.89 -46.69 21.06
CA THR C 35 -11.93 -46.26 20.14
C THR C 35 -11.76 -44.78 19.82
N VAL C 36 -11.91 -44.44 18.54
CA VAL C 36 -11.78 -43.07 18.07
C VAL C 36 -13.15 -42.52 17.74
N TYR C 37 -13.50 -41.40 18.37
CA TYR C 37 -14.77 -40.73 18.17
C TYR C 37 -14.55 -39.40 17.47
N LYS C 38 -15.42 -39.08 16.51
CA LYS C 38 -15.53 -37.71 16.03
C LYS C 38 -16.33 -36.92 17.06
N GLY C 39 -15.85 -35.74 17.41
CA GLY C 39 -16.51 -35.00 18.46
C GLY C 39 -16.14 -33.54 18.48
N ILE C 40 -16.64 -32.85 19.51
CA ILE C 40 -16.51 -31.41 19.66
C ILE C 40 -15.84 -31.11 20.99
N TRP C 41 -14.81 -30.28 20.97
CA TRP C 41 -14.13 -29.83 22.17
C TRP C 41 -14.56 -28.39 22.46
N ILE C 42 -15.13 -28.16 23.64
CA ILE C 42 -15.56 -26.84 24.07
C ILE C 42 -14.72 -26.42 25.26
N PRO C 43 -13.53 -25.84 25.08
CA PRO C 43 -12.65 -25.54 26.21
C PRO C 43 -13.36 -24.72 27.28
N ASP C 44 -13.01 -25.00 28.54
CA ASP C 44 -13.81 -24.66 29.71
C ASP C 44 -14.38 -23.25 29.67
N GLY C 45 -15.70 -23.15 29.71
CA GLY C 45 -16.36 -21.88 29.90
C GLY C 45 -16.36 -20.94 28.72
N GLU C 46 -16.03 -21.42 27.53
CA GLU C 46 -15.92 -20.57 26.37
C GLU C 46 -17.15 -20.69 25.47
N ASN C 47 -17.22 -19.81 24.48
CA ASN C 47 -18.22 -19.88 23.43
C ASN C 47 -17.74 -20.67 22.23
N VAL C 48 -16.49 -21.13 22.23
CA VAL C 48 -15.88 -21.69 21.03
C VAL C 48 -16.14 -23.19 20.97
N LYS C 49 -16.06 -23.73 19.75
CA LYS C 49 -16.22 -25.15 19.49
C LYS C 49 -15.14 -25.61 18.53
N ILE C 50 -14.40 -26.63 18.92
CA ILE C 50 -13.30 -27.15 18.11
C ILE C 50 -13.67 -28.56 17.66
N PRO C 51 -13.75 -28.82 16.36
CA PRO C 51 -13.95 -30.21 15.90
C PRO C 51 -12.71 -31.03 16.22
N VAL C 52 -12.90 -32.10 16.99
CA VAL C 52 -11.78 -32.90 17.47
C VAL C 52 -12.03 -34.38 17.24
N ALA C 53 -10.95 -35.13 17.22
CA ALA C 53 -10.98 -36.59 17.34
C ALA C 53 -10.57 -36.97 18.76
N ILE C 54 -11.32 -37.90 19.35
CA ILE C 54 -11.09 -38.34 20.72
C ILE C 54 -10.88 -39.85 20.69
N LYS C 55 -9.74 -40.30 21.20
CA LYS C 55 -9.44 -41.72 21.30
C LYS C 55 -9.51 -42.11 22.77
N VAL C 56 -10.55 -42.89 23.10
CA VAL C 56 -10.69 -43.42 24.48
C VAL C 56 -9.85 -44.68 24.46
N LEU C 57 -8.79 -44.71 25.24
CA LEU C 57 -7.86 -45.85 25.16
C LEU C 57 -8.49 -47.01 25.93
N ARG C 58 -7.78 -48.11 26.05
CA ARG C 58 -8.33 -49.30 26.74
C ARG C 58 -8.67 -48.98 28.20
N GLU C 59 -9.43 -49.84 28.88
CA GLU C 59 -9.95 -49.60 30.22
C GLU C 59 -8.96 -50.08 31.28
N ASN C 60 -8.82 -51.39 31.44
CA ASN C 60 -7.83 -51.87 32.42
C ASN C 60 -6.46 -51.73 31.78
N THR C 61 -5.80 -50.63 32.09
CA THR C 61 -4.47 -50.32 31.59
C THR C 61 -3.42 -50.71 32.62
N SER C 62 -2.30 -51.25 32.14
CA SER C 62 -1.19 -51.67 32.98
C SER C 62 -0.28 -50.51 33.33
N PRO C 63 0.51 -50.63 34.41
CA PRO C 63 1.46 -49.55 34.73
C PRO C 63 2.48 -49.34 33.64
N LYS C 64 3.04 -50.42 33.10
CA LYS C 64 3.97 -50.32 31.98
C LYS C 64 3.30 -49.63 30.80
N ALA C 65 2.06 -49.99 30.50
CA ALA C 65 1.31 -49.40 29.40
C ALA C 65 0.91 -47.95 29.66
N ASN C 66 1.12 -47.44 30.87
CA ASN C 66 0.87 -46.04 31.18
C ASN C 66 2.09 -45.19 30.86
N LYS C 67 3.26 -45.65 31.34
CA LYS C 67 4.54 -45.06 30.94
C LYS C 67 4.58 -44.87 29.44
N GLU C 68 4.14 -45.91 28.71
CA GLU C 68 4.11 -45.85 27.26
C GLU C 68 3.24 -44.71 26.76
N ILE C 69 2.03 -44.59 27.32
CA ILE C 69 1.09 -43.55 26.87
C ILE C 69 1.65 -42.16 27.14
N LEU C 70 2.14 -41.92 28.36
CA LEU C 70 2.65 -40.60 28.72
C LEU C 70 3.89 -40.23 27.90
N ASP C 71 4.75 -41.20 27.61
CA ASP C 71 5.89 -40.86 26.76
C ASP C 71 5.45 -40.54 25.34
N GLU C 72 4.39 -41.19 24.86
CA GLU C 72 3.80 -40.80 23.57
C GLU C 72 3.13 -39.44 23.69
N ALA C 73 2.53 -39.15 24.83
CA ALA C 73 1.90 -37.84 25.01
C ALA C 73 2.94 -36.74 25.08
N TYR C 74 4.09 -37.02 25.70
CA TYR C 74 5.18 -36.05 25.79
C TYR C 74 5.88 -35.78 24.45
N VAL C 75 5.82 -36.72 23.50
CA VAL C 75 6.55 -36.51 22.26
C VAL C 75 5.63 -35.88 21.21
N MET C 76 4.37 -36.27 21.24
CA MET C 76 3.36 -35.69 20.36
C MET C 76 2.49 -34.66 21.07
N ALA C 77 3.12 -33.87 21.94
CA ALA C 77 2.53 -32.62 22.41
C ALA C 77 3.40 -31.43 22.05
N GLY C 78 4.65 -31.67 21.68
CA GLY C 78 5.50 -30.62 21.15
C GLY C 78 5.19 -30.39 19.70
N VAL C 79 5.03 -29.11 19.34
CA VAL C 79 4.81 -28.73 17.95
C VAL C 79 6.06 -29.14 17.17
N GLY C 80 5.97 -30.24 16.44
CA GLY C 80 7.13 -30.76 15.74
C GLY C 80 7.01 -30.70 14.23
N SER C 81 6.62 -31.81 13.62
CA SER C 81 6.51 -31.71 12.17
C SER C 81 5.07 -31.48 11.77
N PRO C 82 4.84 -30.68 10.72
CA PRO C 82 3.48 -30.49 10.20
C PRO C 82 2.90 -31.76 9.59
N TYR C 83 3.69 -32.82 9.44
CA TYR C 83 3.24 -34.06 8.83
C TYR C 83 3.01 -35.15 9.86
N VAL C 84 2.96 -34.79 11.14
CA VAL C 84 2.63 -35.71 12.21
C VAL C 84 1.55 -35.03 13.05
N SER C 85 0.46 -35.74 13.33
CA SER C 85 -0.64 -35.16 14.08
C SER C 85 -0.19 -34.80 15.49
N ARG C 86 -0.63 -33.64 15.97
CA ARG C 86 -0.25 -33.14 17.29
C ARG C 86 -1.39 -33.33 18.28
N LEU C 87 -1.05 -33.75 19.50
CA LEU C 87 -2.03 -33.93 20.56
C LEU C 87 -2.39 -32.58 21.16
N LEU C 88 -3.69 -32.26 21.17
CA LEU C 88 -4.15 -31.03 21.80
C LEU C 88 -4.20 -31.19 23.31
N GLY C 89 -4.78 -32.29 23.79
CA GLY C 89 -4.93 -32.48 25.22
C GLY C 89 -5.24 -33.90 25.60
N ILE C 90 -5.19 -34.16 26.90
CA ILE C 90 -5.45 -35.47 27.48
C ILE C 90 -6.53 -35.34 28.54
N CYS C 91 -7.47 -36.29 28.55
CA CYS C 91 -8.49 -36.36 29.58
C CYS C 91 -8.09 -37.48 30.53
N LEU C 92 -7.63 -37.10 31.73
CA LEU C 92 -7.07 -38.06 32.68
C LEU C 92 -8.14 -38.73 33.53
N THR C 93 -9.15 -39.30 32.90
CA THR C 93 -10.11 -40.15 33.60
C THR C 93 -9.46 -41.50 33.92
N SER C 94 -10.23 -42.38 34.55
CA SER C 94 -9.75 -43.73 34.82
C SER C 94 -9.33 -44.42 33.53
N THR C 95 -10.07 -44.17 32.44
CA THR C 95 -9.69 -44.60 31.10
C THR C 95 -9.22 -43.36 30.34
N VAL C 96 -7.94 -43.35 29.97
CA VAL C 96 -7.34 -42.15 29.38
C VAL C 96 -7.96 -41.89 28.02
N GLN C 97 -8.24 -40.61 27.74
CA GLN C 97 -8.75 -40.17 26.45
C GLN C 97 -7.78 -39.14 25.89
N LEU C 98 -7.43 -39.29 24.61
CA LEU C 98 -6.53 -38.37 23.94
C LEU C 98 -7.31 -37.58 22.90
N VAL C 99 -7.13 -36.26 22.91
CA VAL C 99 -7.91 -35.35 22.09
C VAL C 99 -6.97 -34.61 21.13
N THR C 100 -7.31 -34.60 19.85
CA THR C 100 -6.50 -33.94 18.85
C THR C 100 -7.42 -33.31 17.80
N GLN C 101 -6.86 -32.36 17.06
CA GLN C 101 -7.57 -31.66 16.01
C GLN C 101 -8.13 -32.63 14.97
N LEU C 102 -9.38 -32.40 14.56
CA LEU C 102 -10.05 -33.27 13.60
C LEU C 102 -9.61 -32.97 12.17
N MET C 103 -9.18 -34.02 11.47
CA MET C 103 -8.84 -33.92 10.05
C MET C 103 -10.08 -34.19 9.20
N PRO C 104 -10.61 -33.19 8.50
CA PRO C 104 -11.95 -33.36 7.88
C PRO C 104 -12.01 -34.37 6.74
N TYR C 105 -10.89 -34.62 6.06
CA TYR C 105 -10.87 -35.51 4.90
C TYR C 105 -10.66 -36.96 5.27
N GLY C 106 -10.53 -37.27 6.57
CA GLY C 106 -10.42 -38.64 6.98
C GLY C 106 -9.01 -39.17 6.84
N CYS C 107 -8.91 -40.49 6.66
CA CYS C 107 -7.63 -41.16 6.50
C CYS C 107 -7.34 -41.40 5.02
N LEU C 108 -6.05 -41.36 4.69
CA LEU C 108 -5.61 -41.47 3.30
C LEU C 108 -6.14 -42.71 2.59
N LEU C 109 -6.22 -43.83 3.31
CA LEU C 109 -6.61 -45.08 2.67
C LEU C 109 -7.97 -44.98 1.98
N ASP C 110 -8.94 -44.32 2.61
CA ASP C 110 -10.23 -44.10 1.93
C ASP C 110 -10.17 -42.96 0.95
N HIS C 111 -9.39 -41.93 1.23
CA HIS C 111 -9.26 -40.80 0.31
C HIS C 111 -8.76 -41.28 -1.04
N VAL C 112 -7.70 -42.09 -1.03
CA VAL C 112 -7.13 -42.57 -2.29
C VAL C 112 -8.05 -43.58 -2.96
N ARG C 113 -8.91 -44.26 -2.20
CA ARG C 113 -9.78 -45.29 -2.78
C ARG C 113 -10.96 -44.70 -3.55
N GLU C 114 -11.58 -43.64 -3.03
CA GLU C 114 -12.74 -43.06 -3.69
C GLU C 114 -12.37 -41.94 -4.66
N ASN C 115 -11.09 -41.59 -4.74
CA ASN C 115 -10.58 -40.63 -5.71
C ASN C 115 -9.65 -41.28 -6.73
N ARG C 116 -9.86 -42.56 -7.00
CA ARG C 116 -9.14 -43.23 -8.08
C ARG C 116 -9.55 -42.62 -9.41
N GLY C 117 -8.57 -42.31 -10.25
CA GLY C 117 -8.84 -41.56 -11.45
C GLY C 117 -9.00 -40.07 -11.22
N ARG C 118 -8.71 -39.60 -10.00
CA ARG C 118 -8.86 -38.21 -9.64
C ARG C 118 -7.57 -37.60 -9.13
N LEU C 119 -6.51 -38.41 -8.98
CA LEU C 119 -5.25 -38.00 -8.38
C LEU C 119 -4.18 -37.99 -9.45
N GLY C 120 -3.36 -36.93 -9.46
CA GLY C 120 -2.28 -36.81 -10.41
C GLY C 120 -0.98 -37.38 -9.89
N SER C 121 0.03 -37.36 -10.75
CA SER C 121 1.33 -37.90 -10.39
C SER C 121 1.98 -37.12 -9.27
N GLN C 122 1.69 -35.81 -9.16
CA GLN C 122 2.30 -35.01 -8.11
C GLN C 122 1.66 -35.26 -6.74
N ASP C 123 0.34 -35.48 -6.71
CA ASP C 123 -0.33 -35.75 -5.43
C ASP C 123 0.27 -36.97 -4.73
N LEU C 124 0.47 -38.05 -5.46
CA LEU C 124 0.99 -39.27 -4.85
C LEU C 124 2.44 -39.10 -4.43
N LEU C 125 3.26 -38.52 -5.31
CA LEU C 125 4.66 -38.31 -4.95
C LEU C 125 4.81 -37.27 -3.84
N ASN C 126 3.93 -36.27 -3.81
CA ASN C 126 3.96 -35.30 -2.73
C ASN C 126 3.62 -35.96 -1.40
N TRP C 127 2.62 -36.85 -1.39
CA TRP C 127 2.27 -37.56 -0.17
C TRP C 127 3.44 -38.41 0.32
N CYS C 128 3.99 -39.24 -0.58
CA CYS C 128 5.12 -40.10 -0.21
C CYS C 128 6.28 -39.27 0.34
N MET C 129 6.48 -38.06 -0.19
CA MET C 129 7.49 -37.17 0.37
C MET C 129 7.09 -36.69 1.76
N GLN C 130 5.84 -36.22 1.91
CA GLN C 130 5.37 -35.76 3.22
C GLN C 130 5.40 -36.88 4.25
N ILE C 131 4.94 -38.08 3.86
CA ILE C 131 4.98 -39.23 4.76
C ILE C 131 6.42 -39.56 5.13
N ALA C 132 7.34 -39.45 4.17
CA ALA C 132 8.74 -39.70 4.46
C ALA C 132 9.30 -38.64 5.41
N LYS C 133 8.91 -37.37 5.22
CA LYS C 133 9.36 -36.32 6.13
C LYS C 133 8.87 -36.56 7.55
N GLY C 134 7.60 -36.95 7.71
CA GLY C 134 7.08 -37.24 9.04
C GLY C 134 7.85 -38.34 9.73
N MET C 135 8.15 -39.42 9.01
CA MET C 135 8.93 -40.51 9.59
C MET C 135 10.35 -40.07 9.92
N SER C 136 10.90 -39.13 9.15
CA SER C 136 12.24 -38.62 9.44
C SER C 136 12.26 -37.85 10.76
N TYR C 137 11.20 -37.09 11.04
CA TYR C 137 11.09 -36.40 12.33
C TYR C 137 10.96 -37.41 13.47
N LEU C 138 10.12 -38.42 13.29
CA LEU C 138 9.93 -39.42 14.34
C LEU C 138 11.22 -40.19 14.62
N GLU C 139 12.06 -40.40 13.60
CA GLU C 139 13.35 -41.02 13.84
C GLU C 139 14.27 -40.10 14.64
N ASP C 140 14.17 -38.78 14.44
CA ASP C 140 15.02 -37.86 15.17
C ASP C 140 14.62 -37.75 16.63
N VAL C 141 13.34 -37.99 16.93
CA VAL C 141 12.86 -37.98 18.30
C VAL C 141 12.82 -39.38 18.90
N ARG C 142 13.51 -40.34 18.27
CA ARG C 142 13.75 -41.68 18.82
C ARG C 142 12.48 -42.49 18.97
N LEU C 143 11.47 -42.22 18.13
CA LEU C 143 10.21 -42.95 18.18
C LEU C 143 10.13 -43.96 17.04
N VAL C 144 9.73 -45.19 17.36
CA VAL C 144 9.50 -46.23 16.37
C VAL C 144 7.99 -46.43 16.27
N HIS C 145 7.44 -46.19 15.07
CA HIS C 145 5.99 -46.19 14.91
C HIS C 145 5.42 -47.60 15.00
N ARG C 146 6.04 -48.55 14.32
CA ARG C 146 5.68 -49.97 14.31
C ARG C 146 4.34 -50.25 13.62
N ASP C 147 3.56 -49.22 13.32
CA ASP C 147 2.24 -49.43 12.69
C ASP C 147 2.02 -48.44 11.57
N LEU C 148 3.06 -48.19 10.78
CA LEU C 148 2.94 -47.26 9.67
C LEU C 148 2.15 -47.90 8.54
N ALA C 149 1.11 -47.22 8.09
CA ALA C 149 0.24 -47.76 7.05
C ALA C 149 -0.62 -46.62 6.49
N ALA C 150 -1.15 -46.85 5.30
CA ALA C 150 -2.05 -45.88 4.69
C ALA C 150 -3.24 -45.58 5.58
N ARG C 151 -3.74 -46.59 6.29
CA ARG C 151 -4.87 -46.40 7.22
C ARG C 151 -4.55 -45.44 8.34
N ASN C 152 -3.27 -45.27 8.68
CA ASN C 152 -2.85 -44.42 9.79
C ASN C 152 -2.19 -43.13 9.31
N VAL C 153 -2.53 -42.70 8.10
CA VAL C 153 -2.12 -41.41 7.58
C VAL C 153 -3.38 -40.61 7.28
N LEU C 154 -3.44 -39.39 7.79
CA LEU C 154 -4.65 -38.57 7.75
C LEU C 154 -4.50 -37.48 6.69
N VAL C 155 -5.62 -37.07 6.12
CA VAL C 155 -5.64 -36.02 5.09
C VAL C 155 -6.20 -34.76 5.71
N LYS C 156 -5.33 -33.78 5.98
CA LYS C 156 -5.80 -32.47 6.39
C LYS C 156 -6.39 -31.71 5.20
N SER C 157 -5.65 -31.65 4.11
CA SER C 157 -6.08 -31.02 2.87
C SER C 157 -5.63 -31.91 1.72
N PRO C 158 -6.18 -31.71 0.52
CA PRO C 158 -5.85 -32.61 -0.60
C PRO C 158 -4.36 -32.75 -0.89
N ASN C 159 -3.50 -31.91 -0.31
CA ASN C 159 -2.05 -32.00 -0.48
C ASN C 159 -1.34 -31.83 0.85
N HIS C 160 -1.85 -32.48 1.90
CA HIS C 160 -1.24 -32.38 3.23
C HIS C 160 -1.70 -33.58 4.03
N VAL C 161 -0.75 -34.41 4.47
CA VAL C 161 -1.05 -35.61 5.22
C VAL C 161 -0.27 -35.61 6.54
N LYS C 162 -0.77 -36.40 7.49
CA LYS C 162 -0.18 -36.52 8.81
C LYS C 162 -0.18 -37.99 9.24
N ILE C 163 0.90 -38.40 9.92
CA ILE C 163 1.02 -39.73 10.53
C ILE C 163 0.40 -39.67 11.93
N THR C 164 -0.36 -40.69 12.30
CA THR C 164 -1.15 -40.61 13.54
C THR C 164 -1.16 -41.98 14.21
N ASP C 165 -2.18 -42.19 15.07
CA ASP C 165 -2.49 -43.43 15.79
C ASP C 165 -1.50 -43.69 16.92
N PHE C 166 -0.30 -44.16 16.60
CA PHE C 166 0.76 -44.40 17.60
C PHE C 166 0.36 -45.35 18.72
N GLY C 167 -0.71 -46.15 18.58
CA GLY C 167 -1.05 -47.03 19.68
C GLY C 167 0.00 -48.10 19.95
N LEU C 168 0.77 -48.46 18.92
CA LEU C 168 1.88 -49.39 19.06
C LEU C 168 3.22 -48.68 19.08
N ALA C 169 3.23 -47.35 19.06
CA ALA C 169 4.50 -46.63 19.00
C ALA C 169 5.23 -46.72 20.33
N ARG C 170 6.56 -46.68 20.24
CA ARG C 170 7.44 -46.77 21.39
C ARG C 170 8.56 -45.76 21.20
N LEU C 171 9.09 -45.29 22.33
CA LEU C 171 10.12 -44.27 22.30
C LEU C 171 11.50 -44.90 22.25
N GLY C 184 2.35 -59.87 17.68
CA GLY C 184 1.05 -60.16 18.27
C GLY C 184 -0.08 -59.34 17.69
N LYS C 185 -0.09 -58.05 17.99
CA LYS C 185 -1.15 -57.15 17.52
C LYS C 185 -0.75 -56.31 16.33
N VAL C 186 0.51 -56.36 15.91
CA VAL C 186 0.94 -55.60 14.74
C VAL C 186 0.44 -56.30 13.48
N PRO C 187 -0.24 -55.60 12.58
CA PRO C 187 -0.63 -56.19 11.29
C PRO C 187 0.59 -56.69 10.52
N ILE C 188 0.61 -58.01 10.27
CA ILE C 188 1.82 -58.67 9.81
C ILE C 188 2.21 -58.28 8.38
N LYS C 189 1.28 -57.74 7.60
CA LYS C 189 1.55 -57.44 6.19
C LYS C 189 2.25 -56.09 5.99
N TRP C 190 2.43 -55.30 7.05
CA TRP C 190 3.24 -54.10 7.02
C TRP C 190 4.54 -54.26 7.78
N MET C 191 4.82 -55.46 8.29
CA MET C 191 5.93 -55.68 9.19
C MET C 191 7.18 -56.11 8.43
N ALA C 192 8.33 -55.61 8.88
CA ALA C 192 9.61 -56.10 8.39
C ALA C 192 9.78 -57.57 8.80
N LEU C 193 10.64 -58.26 8.06
CA LEU C 193 10.83 -59.69 8.32
C LEU C 193 11.47 -59.93 9.69
N GLU C 194 12.47 -59.13 10.08
CA GLU C 194 13.05 -59.33 11.39
C GLU C 194 12.07 -58.99 12.50
N SER C 195 11.07 -58.14 12.22
CA SER C 195 10.02 -57.86 13.19
C SER C 195 9.04 -59.03 13.28
N ILE C 196 8.80 -59.73 12.17
CA ILE C 196 7.91 -60.88 12.20
C ILE C 196 8.50 -62.02 13.00
N LEU C 197 9.80 -62.30 12.79
CA LEU C 197 10.41 -63.47 13.39
C LEU C 197 10.96 -63.19 14.79
N ARG C 198 11.81 -62.17 14.93
CA ARG C 198 12.53 -61.88 16.16
C ARG C 198 11.90 -60.77 16.99
N ARG C 199 10.75 -60.23 16.58
CA ARG C 199 10.11 -59.14 17.31
C ARG C 199 11.05 -57.95 17.46
N ARG C 200 11.89 -57.76 16.44
CA ARG C 200 12.89 -56.70 16.41
C ARG C 200 12.28 -55.51 15.69
N PHE C 201 12.30 -54.34 16.33
CA PHE C 201 11.70 -53.14 15.77
C PHE C 201 12.70 -51.99 15.82
N THR C 202 13.17 -51.57 14.65
CA THR C 202 14.05 -50.43 14.51
C THR C 202 13.38 -49.39 13.61
N HIS C 203 14.06 -48.28 13.41
CA HIS C 203 13.60 -47.31 12.40
C HIS C 203 13.68 -47.91 11.01
N GLN C 204 14.60 -48.86 10.80
CA GLN C 204 14.72 -49.51 9.50
C GLN C 204 13.59 -50.50 9.25
N SER C 205 12.96 -51.03 10.30
CA SER C 205 11.76 -51.83 10.10
C SER C 205 10.57 -50.96 9.74
N ASP C 206 10.52 -49.72 10.23
CA ASP C 206 9.51 -48.77 9.77
C ASP C 206 9.69 -48.45 8.30
N VAL C 207 10.93 -48.47 7.81
CA VAL C 207 11.18 -48.23 6.39
C VAL C 207 10.52 -49.32 5.55
N TRP C 208 10.58 -50.57 6.02
CA TRP C 208 9.83 -51.64 5.38
C TRP C 208 8.35 -51.31 5.35
N SER C 209 7.80 -50.86 6.49
CA SER C 209 6.40 -50.45 6.53
C SER C 209 6.15 -49.26 5.61
N TYR C 210 7.12 -48.34 5.53
CA TYR C 210 6.98 -47.20 4.62
C TYR C 210 6.85 -47.66 3.18
N GLY C 211 7.65 -48.64 2.77
CA GLY C 211 7.55 -49.15 1.42
C GLY C 211 6.18 -49.73 1.12
N VAL C 212 5.61 -50.47 2.08
CA VAL C 212 4.27 -51.03 1.91
C VAL C 212 3.24 -49.91 1.81
N THR C 213 3.37 -48.88 2.65
CA THR C 213 2.44 -47.75 2.60
C THR C 213 2.51 -47.05 1.25
N VAL C 214 3.72 -46.85 0.73
CA VAL C 214 3.85 -46.26 -0.60
C VAL C 214 3.21 -47.16 -1.65
N TRP C 215 3.38 -48.47 -1.50
CA TRP C 215 2.74 -49.41 -2.41
C TRP C 215 1.21 -49.24 -2.38
N GLU C 216 0.64 -49.04 -1.19
CA GLU C 216 -0.79 -48.82 -1.08
C GLU C 216 -1.23 -47.59 -1.86
N LEU C 217 -0.48 -46.50 -1.75
CA LEU C 217 -0.84 -45.28 -2.46
C LEU C 217 -0.75 -45.48 -3.97
N MET C 218 0.34 -46.08 -4.43
CA MET C 218 0.53 -46.27 -5.87
C MET C 218 -0.47 -47.26 -6.47
N THR C 219 -1.06 -48.12 -5.65
CA THR C 219 -2.13 -49.01 -6.08
C THR C 219 -3.51 -48.43 -5.83
N PHE C 220 -3.60 -47.18 -5.38
CA PHE C 220 -4.88 -46.55 -5.01
C PHE C 220 -5.61 -47.34 -3.95
N GLY C 221 -4.87 -47.76 -2.92
CA GLY C 221 -5.48 -48.42 -1.77
C GLY C 221 -5.78 -49.89 -1.94
N ALA C 222 -4.96 -50.60 -2.70
CA ALA C 222 -5.13 -52.05 -2.78
C ALA C 222 -4.70 -52.71 -1.47
N LYS C 223 -5.15 -53.95 -1.29
CA LYS C 223 -4.80 -54.73 -0.11
C LYS C 223 -3.53 -55.51 -0.38
N PRO C 224 -2.44 -55.26 0.35
CA PRO C 224 -1.20 -56.01 0.10
C PRO C 224 -1.40 -57.50 0.34
N TYR C 225 -0.81 -58.30 -0.55
CA TYR C 225 -0.90 -59.77 -0.52
C TYR C 225 -2.35 -60.23 -0.38
N ASP C 226 -3.24 -59.62 -1.15
CA ASP C 226 -4.67 -59.87 -0.99
C ASP C 226 -5.00 -61.35 -1.20
N GLY C 227 -5.78 -61.91 -0.29
CA GLY C 227 -6.16 -63.30 -0.33
C GLY C 227 -5.18 -64.24 0.35
N ILE C 228 -3.93 -63.83 0.50
CA ILE C 228 -2.92 -64.66 1.14
C ILE C 228 -3.13 -64.62 2.66
N PRO C 229 -3.32 -65.76 3.31
CA PRO C 229 -3.44 -65.76 4.77
C PRO C 229 -2.17 -65.23 5.44
N ALA C 230 -2.36 -64.62 6.61
CA ALA C 230 -1.23 -63.98 7.28
C ALA C 230 -0.18 -64.97 7.73
N ARG C 231 -0.58 -66.23 8.00
CA ARG C 231 0.40 -67.23 8.41
C ARG C 231 1.35 -67.62 7.29
N GLU C 232 0.96 -67.42 6.03
CA GLU C 232 1.83 -67.73 4.90
C GLU C 232 2.80 -66.60 4.58
N ILE C 233 2.58 -65.42 5.16
CA ILE C 233 3.41 -64.25 4.82
C ILE C 233 4.89 -64.48 5.12
N PRO C 234 5.29 -64.95 6.31
CA PRO C 234 6.74 -65.07 6.57
C PRO C 234 7.45 -66.05 5.64
N ASP C 235 6.82 -67.18 5.32
CA ASP C 235 7.41 -68.11 4.37
C ASP C 235 7.48 -67.52 2.97
N LEU C 236 6.44 -66.77 2.59
CA LEU C 236 6.42 -66.09 1.30
C LEU C 236 7.60 -65.12 1.18
N LEU C 237 7.84 -64.33 2.23
CA LEU C 237 8.92 -63.34 2.19
C LEU C 237 10.29 -64.02 2.19
N GLU C 238 10.45 -65.11 2.94
CA GLU C 238 11.73 -65.80 2.99
C GLU C 238 12.05 -66.46 1.65
N LYS C 239 11.03 -66.81 0.87
CA LYS C 239 11.22 -67.41 -0.45
C LYS C 239 11.43 -66.35 -1.54
N GLY C 240 11.55 -65.08 -1.18
CA GLY C 240 11.98 -64.05 -2.10
C GLY C 240 10.89 -63.24 -2.78
N GLU C 241 9.62 -63.50 -2.49
CA GLU C 241 8.54 -62.76 -3.13
C GLU C 241 8.25 -61.47 -2.36
N ARG C 242 7.86 -60.44 -3.12
CA ARG C 242 7.44 -59.16 -2.56
C ARG C 242 6.19 -58.70 -3.29
N LEU C 243 5.68 -57.54 -2.90
CA LEU C 243 4.54 -56.96 -3.58
C LEU C 243 4.90 -56.62 -5.03
N PRO C 244 4.00 -56.83 -5.98
CA PRO C 244 4.34 -56.59 -7.38
C PRO C 244 4.44 -55.09 -7.68
N GLN C 245 4.93 -54.80 -8.87
CA GLN C 245 5.09 -53.42 -9.30
C GLN C 245 3.71 -52.83 -9.63
N PRO C 246 3.32 -51.71 -9.04
CA PRO C 246 2.05 -51.10 -9.39
C PRO C 246 2.07 -50.65 -10.84
N PRO C 247 0.93 -50.69 -11.52
CA PRO C 247 0.91 -50.35 -12.95
C PRO C 247 1.40 -48.94 -13.24
N ILE C 248 1.11 -47.97 -12.35
CA ILE C 248 1.46 -46.58 -12.63
C ILE C 248 2.90 -46.23 -12.28
N CYS C 249 3.63 -47.15 -11.66
CA CYS C 249 4.99 -46.87 -11.21
C CYS C 249 6.00 -47.17 -12.30
N THR C 250 6.91 -46.23 -12.54
CA THR C 250 8.11 -46.56 -13.28
C THR C 250 9.02 -47.44 -12.43
N ILE C 251 9.98 -48.07 -13.08
CA ILE C 251 10.91 -48.92 -12.35
C ILE C 251 11.77 -48.09 -11.40
N ASP C 252 11.92 -46.80 -11.66
CA ASP C 252 12.61 -45.92 -10.72
C ASP C 252 11.90 -45.92 -9.37
N VAL C 253 10.59 -45.68 -9.38
CA VAL C 253 9.83 -45.62 -8.14
C VAL C 253 9.77 -46.99 -7.47
N TYR C 254 9.50 -48.04 -8.25
CA TYR C 254 9.41 -49.39 -7.70
C TYR C 254 10.74 -49.86 -7.12
N MET C 255 11.85 -49.35 -7.65
CA MET C 255 13.16 -49.74 -7.12
C MET C 255 13.35 -49.24 -5.69
N ILE C 256 12.75 -48.11 -5.35
CA ILE C 256 12.79 -47.62 -3.98
C ILE C 256 12.08 -48.59 -3.04
N MET C 257 10.87 -49.02 -3.41
CA MET C 257 10.12 -49.95 -2.59
C MET C 257 10.89 -51.24 -2.35
N VAL C 258 11.52 -51.79 -3.39
CA VAL C 258 12.27 -53.04 -3.25
C VAL C 258 13.38 -52.88 -2.23
N LYS C 259 14.05 -51.74 -2.23
CA LYS C 259 15.10 -51.48 -1.25
C LYS C 259 14.56 -51.46 0.17
N CYS C 260 13.34 -50.97 0.36
CA CYS C 260 12.73 -50.96 1.69
C CYS C 260 12.42 -52.37 2.18
N TRP C 261 12.32 -53.33 1.27
CA TRP C 261 11.97 -54.71 1.62
C TRP C 261 13.17 -55.64 1.53
N MET C 262 14.39 -55.08 1.61
CA MET C 262 15.59 -55.90 1.72
C MET C 262 15.59 -56.64 3.06
N ILE C 263 16.04 -57.89 3.03
CA ILE C 263 16.07 -58.68 4.26
C ILE C 263 17.09 -58.11 5.24
N ASP C 264 18.22 -57.62 4.74
CA ASP C 264 19.21 -56.95 5.57
C ASP C 264 18.73 -55.52 5.83
N SER C 265 18.54 -55.18 7.11
CA SER C 265 17.98 -53.88 7.47
C SER C 265 18.90 -52.73 7.06
N GLU C 266 20.20 -52.96 7.05
CA GLU C 266 21.16 -51.93 6.68
C GLU C 266 21.30 -51.77 5.17
N CYS C 267 20.54 -52.54 4.39
CA CYS C 267 20.43 -52.32 2.96
C CYS C 267 19.22 -51.48 2.59
N ARG C 268 18.32 -51.22 3.54
CA ARG C 268 17.13 -50.43 3.30
C ARG C 268 17.48 -48.94 3.29
N PRO C 269 16.68 -48.12 2.62
CA PRO C 269 16.95 -46.68 2.61
C PRO C 269 16.75 -46.07 3.99
N ARG C 270 17.43 -44.95 4.21
CA ARG C 270 17.16 -44.13 5.38
C ARG C 270 15.99 -43.19 5.06
N PHE C 271 15.27 -42.78 6.11
CA PHE C 271 14.15 -41.88 5.91
C PHE C 271 14.60 -40.55 5.33
N ARG C 272 15.78 -40.07 5.73
CA ARG C 272 16.30 -38.83 5.16
C ARG C 272 16.67 -39.00 3.70
N GLU C 273 17.12 -40.19 3.31
CA GLU C 273 17.34 -40.47 1.89
C GLU C 273 16.03 -40.52 1.13
N LEU C 274 15.01 -41.16 1.71
CA LEU C 274 13.69 -41.21 1.09
C LEU C 274 13.09 -39.82 0.94
N VAL C 275 13.37 -38.91 1.88
CA VAL C 275 12.89 -37.55 1.77
C VAL C 275 13.48 -36.86 0.54
N SER C 276 14.79 -37.02 0.32
CA SER C 276 15.44 -36.35 -0.80
C SER C 276 15.11 -36.99 -2.13
N GLU C 277 14.83 -38.30 -2.16
CA GLU C 277 14.59 -38.97 -3.43
C GLU C 277 13.16 -38.73 -3.93
N PHE C 278 12.17 -38.79 -3.03
CA PHE C 278 10.79 -38.53 -3.44
C PHE C 278 10.53 -37.05 -3.68
N SER C 279 11.27 -36.18 -3.00
CA SER C 279 11.17 -34.74 -3.32
C SER C 279 11.75 -34.46 -4.69
N ARG C 280 12.81 -35.19 -5.07
CA ARG C 280 13.33 -35.07 -6.42
C ARG C 280 12.31 -35.55 -7.45
N MET C 281 11.60 -36.64 -7.13
CA MET C 281 10.57 -37.12 -8.04
C MET C 281 9.34 -36.23 -8.03
N ALA C 282 9.02 -35.61 -6.89
CA ALA C 282 7.90 -34.67 -6.86
C ALA C 282 8.17 -33.44 -7.71
N ARG C 283 9.45 -33.09 -7.94
CA ARG C 283 9.76 -31.95 -8.80
C ARG C 283 9.48 -32.26 -10.26
N ASP C 284 9.69 -33.50 -10.69
CA ASP C 284 9.37 -33.95 -12.06
C ASP C 284 8.46 -35.16 -11.98
N PRO C 285 7.18 -34.96 -11.63
CA PRO C 285 6.29 -36.11 -11.44
C PRO C 285 6.01 -36.87 -12.72
N GLN C 286 6.09 -36.21 -13.88
CA GLN C 286 5.76 -36.89 -15.13
C GLN C 286 6.80 -37.94 -15.47
N ARG C 287 8.05 -37.76 -15.03
CA ARG C 287 9.12 -38.70 -15.34
C ARG C 287 8.97 -40.01 -14.59
N PHE C 288 8.22 -40.03 -13.48
CA PHE C 288 8.27 -41.15 -12.55
C PHE C 288 6.94 -41.84 -12.28
N VAL C 289 5.80 -41.19 -12.50
CA VAL C 289 4.49 -41.80 -12.27
C VAL C 289 3.60 -41.51 -13.46
N VAL C 290 3.01 -42.55 -14.04
CA VAL C 290 2.23 -42.48 -15.27
C VAL C 290 0.79 -42.82 -14.92
N ILE C 291 -0.06 -41.79 -14.81
CA ILE C 291 -1.43 -42.00 -14.32
C ILE C 291 -2.28 -42.75 -15.33
N GLN C 292 -1.96 -42.67 -16.63
CA GLN C 292 -2.76 -43.35 -17.64
C GLN C 292 -2.77 -44.87 -17.46
N ASN C 293 -1.75 -45.43 -16.80
CA ASN C 293 -1.63 -46.87 -16.63
C ASN C 293 -2.48 -47.41 -15.49
N GLU C 294 -3.29 -46.58 -14.84
CA GLU C 294 -4.06 -47.01 -13.67
C GLU C 294 -5.17 -47.99 -14.03
N PRO D 9 14.24 53.95 35.44
CA PRO D 9 13.28 53.02 36.02
C PRO D 9 12.06 52.85 35.13
N ASN D 10 11.35 51.73 35.33
CA ASN D 10 10.16 51.39 34.57
C ASN D 10 8.94 51.78 35.39
N GLN D 11 8.30 52.88 34.98
CA GLN D 11 7.12 53.41 35.72
C GLN D 11 5.86 53.21 34.91
N ALA D 12 5.43 51.97 34.76
CA ALA D 12 4.17 51.67 34.07
C ALA D 12 3.12 51.53 35.15
N GLN D 13 1.86 51.38 34.77
CA GLN D 13 0.82 51.40 35.82
C GLN D 13 -0.09 50.19 35.74
N MET D 14 -0.25 49.48 36.86
CA MET D 14 -1.23 48.38 36.94
C MET D 14 -2.44 48.99 37.61
N ARG D 15 -3.60 48.80 37.01
CA ARG D 15 -4.84 49.36 37.58
C ARG D 15 -5.60 48.17 38.12
N ILE D 16 -5.62 48.03 39.45
CA ILE D 16 -6.39 46.93 40.06
C ILE D 16 -7.86 47.33 39.96
N LEU D 17 -8.63 46.56 39.21
CA LEU D 17 -10.02 46.87 38.94
C LEU D 17 -10.95 46.20 39.94
N LYS D 18 -11.96 46.94 40.37
CA LYS D 18 -13.05 46.37 41.15
C LYS D 18 -13.99 45.64 40.22
N GLU D 19 -14.55 44.52 40.71
CA GLU D 19 -15.38 43.70 39.84
C GLU D 19 -16.66 44.41 39.40
N THR D 20 -17.12 45.40 40.16
CA THR D 20 -18.36 46.08 39.82
C THR D 20 -18.19 47.16 38.75
N GLU D 21 -16.97 47.53 38.40
CA GLU D 21 -16.77 48.44 37.27
C GLU D 21 -16.52 47.69 35.97
N LEU D 22 -16.92 46.41 35.91
CA LEU D 22 -16.87 45.60 34.70
C LEU D 22 -18.22 44.97 34.45
N ARG D 23 -18.66 44.99 33.19
CA ARG D 23 -19.89 44.35 32.76
C ARG D 23 -19.53 43.29 31.73
N LYS D 24 -19.70 42.01 32.07
CA LYS D 24 -19.41 40.94 31.12
C LYS D 24 -20.61 40.78 30.20
N VAL D 25 -20.41 41.08 28.92
CA VAL D 25 -21.51 41.15 27.96
C VAL D 25 -21.72 39.82 27.24
N LYS D 26 -20.66 39.24 26.68
CA LYS D 26 -20.81 38.06 25.85
C LYS D 26 -19.53 37.23 25.86
N VAL D 27 -19.68 35.91 25.82
CA VAL D 27 -18.53 35.02 25.78
C VAL D 27 -17.90 35.08 24.39
N LEU D 28 -16.58 35.25 24.34
CA LEU D 28 -15.86 35.21 23.08
C LEU D 28 -15.14 33.89 22.85
N GLY D 29 -14.82 33.16 23.91
CA GLY D 29 -14.20 31.86 23.79
C GLY D 29 -13.64 31.39 25.11
N SER D 30 -13.71 30.09 25.39
CA SER D 30 -13.11 29.55 26.60
C SER D 30 -12.10 28.47 26.21
N GLY D 31 -11.39 27.99 27.22
CA GLY D 31 -10.37 26.98 27.00
C GLY D 31 -9.77 26.60 28.33
N ALA D 32 -8.68 25.83 28.28
CA ALA D 32 -8.20 25.21 29.51
C ALA D 32 -7.58 26.20 30.49
N PHE D 33 -7.46 27.48 30.15
CA PHE D 33 -6.82 28.45 31.02
C PHE D 33 -7.74 29.57 31.47
N GLY D 34 -8.97 29.62 31.01
CA GLY D 34 -9.91 30.64 31.42
C GLY D 34 -10.88 30.99 30.32
N THR D 35 -11.88 31.78 30.67
CA THR D 35 -12.91 32.21 29.74
C THR D 35 -12.74 33.70 29.45
N VAL D 36 -12.86 34.06 28.18
CA VAL D 36 -12.72 35.44 27.71
C VAL D 36 -14.10 35.98 27.37
N TYR D 37 -14.46 37.09 27.98
CA TYR D 37 -15.75 37.73 27.77
C TYR D 37 -15.57 39.08 27.08
N LYS D 38 -16.46 39.37 26.13
CA LYS D 38 -16.61 40.73 25.64
C LYS D 38 -17.37 41.53 26.69
N GLY D 39 -16.88 42.73 27.00
CA GLY D 39 -17.53 43.49 28.05
C GLY D 39 -17.19 44.96 28.01
N ILE D 40 -17.69 45.67 29.01
CA ILE D 40 -17.58 47.12 29.11
C ILE D 40 -16.95 47.46 30.45
N TRP D 41 -15.91 48.29 30.41
CA TRP D 41 -15.25 48.79 31.62
C TRP D 41 -15.65 50.24 31.85
N ILE D 42 -16.17 50.53 33.03
CA ILE D 42 -16.50 51.90 33.41
C ILE D 42 -15.54 52.31 34.52
N PRO D 43 -14.41 52.93 34.20
CA PRO D 43 -13.41 53.25 35.23
C PRO D 43 -14.00 54.08 36.35
N ASP D 44 -13.45 53.88 37.55
CA ASP D 44 -13.99 54.45 38.78
C ASP D 44 -14.27 55.93 38.64
N GLY D 45 -15.53 56.32 38.86
CA GLY D 45 -15.95 57.71 38.85
C GLY D 45 -16.36 58.29 37.50
N GLU D 46 -15.66 57.89 36.44
CA GLU D 46 -15.97 58.41 35.11
C GLU D 46 -17.27 57.83 34.59
N ASN D 47 -17.95 58.62 33.75
CA ASN D 47 -19.14 58.17 33.04
C ASN D 47 -18.81 57.68 31.64
N VAL D 48 -17.57 57.22 31.43
CA VAL D 48 -17.14 56.71 30.14
C VAL D 48 -17.28 55.19 30.16
N LYS D 49 -17.34 54.61 28.97
CA LYS D 49 -17.51 53.18 28.80
C LYS D 49 -16.47 52.70 27.79
N ILE D 50 -15.64 51.75 28.19
CA ILE D 50 -14.55 51.24 27.36
C ILE D 50 -14.86 49.80 26.99
N PRO D 51 -14.97 49.47 25.70
CA PRO D 51 -15.12 48.06 25.30
C PRO D 51 -13.84 47.32 25.61
N VAL D 52 -13.94 46.26 26.42
CA VAL D 52 -12.78 45.51 26.87
C VAL D 52 -13.04 44.02 26.69
N ALA D 53 -11.95 43.27 26.64
CA ALA D 53 -12.00 41.82 26.76
C ALA D 53 -11.59 41.45 28.17
N ILE D 54 -12.33 40.53 28.77
CA ILE D 54 -12.09 40.12 30.16
C ILE D 54 -11.85 38.62 30.15
N LYS D 55 -10.70 38.19 30.64
CA LYS D 55 -10.38 36.78 30.79
C LYS D 55 -10.38 36.46 32.27
N VAL D 56 -11.42 35.74 32.71
CA VAL D 56 -11.50 35.28 34.12
C VAL D 56 -10.67 34.01 34.11
N LEU D 57 -9.63 33.96 34.91
CA LEU D 57 -8.67 32.83 34.84
C LEU D 57 -9.22 31.65 35.61
N ARG D 58 -8.37 30.66 35.82
CA ARG D 58 -8.82 29.43 36.50
C ARG D 58 -9.06 29.71 37.98
N GLU D 59 -9.88 28.91 38.62
CA GLU D 59 -10.33 29.11 39.99
C GLU D 59 -9.28 28.59 40.98
N ASN D 60 -8.94 27.32 40.88
CA ASN D 60 -7.91 26.68 41.71
C ASN D 60 -6.51 26.89 41.12
N THR D 61 -6.18 28.17 40.94
CA THR D 61 -4.86 28.51 40.39
C THR D 61 -3.82 28.13 41.44
N SER D 62 -2.79 27.41 41.03
CA SER D 62 -1.70 27.01 41.96
C SER D 62 -0.90 28.25 42.35
N PRO D 63 -0.14 28.21 43.45
CA PRO D 63 0.69 29.34 43.82
C PRO D 63 1.73 29.67 42.76
N LYS D 64 2.36 28.64 42.19
CA LYS D 64 3.37 28.88 41.12
C LYS D 64 2.68 29.64 40.02
N ALA D 65 1.46 29.22 39.68
CA ALA D 65 0.75 29.89 38.58
C ALA D 65 0.65 31.38 38.88
N ASN D 66 0.40 31.78 40.12
CA ASN D 66 0.32 33.22 40.40
C ASN D 66 1.60 33.94 40.00
N LYS D 67 2.77 33.39 40.29
CA LYS D 67 4.00 34.10 39.88
C LYS D 67 3.97 34.21 38.35
N GLU D 68 3.68 33.11 37.66
CA GLU D 68 3.59 33.11 36.18
C GLU D 68 2.66 34.25 35.75
N ILE D 69 1.45 34.33 36.31
CA ILE D 69 0.47 35.38 35.93
C ILE D 69 1.00 36.77 36.25
N LEU D 70 1.55 36.97 37.44
CA LEU D 70 2.03 38.32 37.80
C LEU D 70 3.20 38.71 36.90
N ASP D 71 4.15 37.79 36.69
CA ASP D 71 5.27 38.08 35.76
C ASP D 71 4.67 38.39 34.38
N GLU D 72 3.71 37.58 33.92
CA GLU D 72 2.97 37.79 32.65
C GLU D 72 2.32 39.17 32.66
N ALA D 73 1.73 39.58 33.78
CA ALA D 73 1.12 40.92 33.83
C ALA D 73 2.16 41.99 34.17
N TYR D 74 3.39 41.62 34.50
CA TYR D 74 4.40 42.64 34.80
C TYR D 74 5.03 43.11 33.49
N VAL D 75 5.06 42.25 32.49
CA VAL D 75 5.79 42.63 31.25
C VAL D 75 4.79 43.12 30.20
N MET D 76 3.57 42.59 30.25
CA MET D 76 2.50 43.11 29.40
C MET D 76 1.63 44.12 30.14
N ALA D 77 2.25 44.95 30.98
CA ALA D 77 1.68 46.20 31.42
C ALA D 77 2.53 47.39 31.05
N GLY D 78 3.79 47.18 30.67
CA GLY D 78 4.60 48.26 30.15
C GLY D 78 4.23 48.51 28.70
N VAL D 79 4.01 49.77 28.36
CA VAL D 79 3.69 50.14 26.98
C VAL D 79 4.90 49.79 26.13
N GLY D 80 4.83 48.66 25.44
CA GLY D 80 5.97 48.15 24.70
C GLY D 80 5.78 48.14 23.19
N SER D 81 5.41 46.99 22.65
CA SER D 81 5.25 46.99 21.21
C SER D 81 3.79 47.14 20.83
N PRO D 82 3.49 47.88 19.76
CA PRO D 82 2.11 47.97 19.26
C PRO D 82 1.59 46.67 18.69
N TYR D 83 2.43 45.64 18.56
CA TYR D 83 2.02 44.39 17.97
C TYR D 83 1.87 43.28 19.00
N VAL D 84 1.86 43.63 20.28
CA VAL D 84 1.59 42.67 21.34
C VAL D 84 0.52 43.29 22.21
N SER D 85 -0.56 42.56 22.48
CA SER D 85 -1.65 43.15 23.26
C SER D 85 -1.16 43.44 24.68
N ARG D 86 -1.47 44.65 25.17
CA ARG D 86 -1.00 45.13 26.47
C ARG D 86 -2.15 45.07 27.46
N LEU D 87 -1.83 44.66 28.68
CA LEU D 87 -2.85 44.45 29.70
C LEU D 87 -3.28 45.79 30.30
N LEU D 88 -4.60 46.05 30.30
CA LEU D 88 -5.12 47.28 30.89
C LEU D 88 -5.23 47.20 32.40
N GLY D 89 -5.79 46.12 32.94
CA GLY D 89 -5.95 46.03 34.38
C GLY D 89 -6.22 44.63 34.87
N ILE D 90 -6.16 44.47 36.20
CA ILE D 90 -6.37 43.19 36.86
C ILE D 90 -7.45 43.34 37.92
N CYS D 91 -8.37 42.37 37.97
CA CYS D 91 -9.40 42.30 39.01
C CYS D 91 -9.03 41.19 39.99
N LEU D 92 -8.57 41.57 41.18
CA LEU D 92 -8.07 40.61 42.15
C LEU D 92 -9.18 39.98 43.01
N THR D 93 -10.20 39.43 42.37
CA THR D 93 -11.14 38.59 43.10
C THR D 93 -10.46 37.26 43.44
N SER D 94 -11.22 36.36 44.09
CA SER D 94 -10.68 35.03 44.39
C SER D 94 -10.18 34.34 43.12
N THR D 95 -10.87 34.55 42.00
CA THR D 95 -10.41 34.12 40.69
C THR D 95 -9.96 35.35 39.93
N VAL D 96 -8.68 35.41 39.57
CA VAL D 96 -8.11 36.61 38.97
C VAL D 96 -8.75 36.85 37.60
N GLN D 97 -9.06 38.11 37.33
CA GLN D 97 -9.62 38.54 36.06
C GLN D 97 -8.68 39.56 35.43
N LEU D 98 -8.39 39.37 34.14
CA LEU D 98 -7.51 40.25 33.41
C LEU D 98 -8.31 41.03 32.38
N VAL D 99 -8.13 42.35 32.36
CA VAL D 99 -8.91 43.23 31.44
C VAL D 99 -7.97 43.84 30.42
N THR D 100 -8.35 43.77 29.16
CA THR D 100 -7.53 44.26 28.04
C THR D 100 -8.44 44.99 27.07
N GLN D 101 -7.90 45.91 26.30
CA GLN D 101 -8.69 46.65 25.29
C GLN D 101 -9.29 45.66 24.32
N LEU D 102 -10.52 45.88 23.88
CA LEU D 102 -11.14 44.93 22.95
C LEU D 102 -10.76 45.27 21.54
N MET D 103 -10.24 44.29 20.83
CA MET D 103 -9.91 44.39 19.42
C MET D 103 -11.17 44.14 18.61
N PRO D 104 -11.72 45.16 17.93
CA PRO D 104 -13.09 45.03 17.38
C PRO D 104 -13.23 44.02 16.26
N TYR D 105 -12.16 43.74 15.52
CA TYR D 105 -12.24 42.84 14.37
C TYR D 105 -11.97 41.39 14.74
N GLY D 106 -11.72 41.10 16.03
CA GLY D 106 -11.54 39.74 16.47
C GLY D 106 -10.13 39.23 16.25
N CYS D 107 -10.02 37.91 16.08
CA CYS D 107 -8.76 37.21 15.85
C CYS D 107 -8.51 37.04 14.36
N LEU D 108 -7.22 37.05 13.99
CA LEU D 108 -6.83 36.98 12.60
C LEU D 108 -7.40 35.75 11.90
N LEU D 109 -7.42 34.60 12.60
CA LEU D 109 -7.84 33.34 11.98
C LEU D 109 -9.25 33.40 11.41
N ASP D 110 -10.17 34.03 12.14
CA ASP D 110 -11.52 34.17 11.60
C ASP D 110 -11.57 35.28 10.56
N HIS D 111 -10.79 36.33 10.77
CA HIS D 111 -10.71 37.45 9.83
C HIS D 111 -10.23 36.99 8.46
N VAL D 112 -9.12 36.25 8.43
CA VAL D 112 -8.56 35.82 7.16
C VAL D 112 -9.46 34.81 6.47
N ARG D 113 -10.27 34.07 7.22
CA ARG D 113 -11.12 33.05 6.63
C ARG D 113 -12.32 33.65 5.91
N GLU D 114 -12.92 34.69 6.50
CA GLU D 114 -14.09 35.33 5.91
C GLU D 114 -13.71 36.46 4.97
N ASN D 115 -12.43 36.75 4.83
CA ASN D 115 -11.94 37.71 3.85
C ASN D 115 -11.09 37.03 2.78
N ARG D 116 -11.36 35.76 2.51
CA ARG D 116 -10.74 35.09 1.37
C ARG D 116 -11.27 35.73 0.09
N GLY D 117 -10.37 36.08 -0.82
CA GLY D 117 -10.77 36.86 -1.97
C GLY D 117 -10.92 38.34 -1.67
N ARG D 118 -10.52 38.78 -0.48
CA ARG D 118 -10.63 40.17 -0.06
C ARG D 118 -9.29 40.77 0.37
N LEU D 119 -8.23 39.98 0.46
CA LEU D 119 -6.95 40.41 0.99
C LEU D 119 -5.93 40.45 -0.12
N GLY D 120 -5.14 41.53 -0.15
CA GLY D 120 -4.10 41.64 -1.14
C GLY D 120 -2.79 41.06 -0.62
N SER D 121 -1.79 41.03 -1.51
CA SER D 121 -0.49 40.51 -1.13
C SER D 121 0.16 41.35 -0.05
N GLN D 122 -0.16 42.65 -0.01
CA GLN D 122 0.44 43.53 0.98
C GLN D 122 -0.15 43.30 2.37
N ASP D 123 -1.44 42.99 2.47
CA ASP D 123 -2.03 42.70 3.79
C ASP D 123 -1.31 41.53 4.46
N LEU D 124 -1.09 40.45 3.72
CA LEU D 124 -0.50 39.26 4.31
C LEU D 124 0.95 39.50 4.71
N LEU D 125 1.74 40.11 3.81
CA LEU D 125 3.13 40.38 4.13
C LEU D 125 3.27 41.41 5.24
N ASN D 126 2.35 42.38 5.30
CA ASN D 126 2.37 43.35 6.39
C ASN D 126 2.07 42.65 7.72
N TRP D 127 1.09 41.75 7.73
CA TRP D 127 0.79 40.99 8.93
C TRP D 127 1.98 40.14 9.36
N CYS D 128 2.51 39.35 8.43
CA CYS D 128 3.67 38.51 8.74
C CYS D 128 4.83 39.32 9.28
N MET D 129 4.99 40.55 8.80
CA MET D 129 6.02 41.44 9.34
C MET D 129 5.70 41.85 10.77
N GLN D 130 4.46 42.29 11.02
CA GLN D 130 4.08 42.71 12.37
C GLN D 130 4.17 41.58 13.38
N ILE D 131 3.71 40.39 13.00
CA ILE D 131 3.84 39.23 13.89
C ILE D 131 5.30 38.95 14.19
N ALA D 132 6.18 39.11 13.19
CA ALA D 132 7.61 38.94 13.44
C ALA D 132 8.14 40.05 14.33
N LYS D 133 7.69 41.28 14.11
CA LYS D 133 8.09 42.38 14.99
C LYS D 133 7.61 42.17 16.41
N GLY D 134 6.34 41.76 16.56
CA GLY D 134 5.81 41.48 17.89
C GLY D 134 6.56 40.38 18.60
N MET D 135 6.82 39.27 17.90
CA MET D 135 7.60 38.19 18.50
C MET D 135 9.03 38.61 18.80
N SER D 136 9.57 39.54 18.00
CA SER D 136 10.92 40.04 18.28
C SER D 136 10.95 40.83 19.59
N TYR D 137 9.89 41.59 19.86
CA TYR D 137 9.80 42.29 21.15
C TYR D 137 9.70 41.32 22.31
N LEU D 138 8.83 40.31 22.20
CA LEU D 138 8.68 39.33 23.27
C LEU D 138 9.98 38.56 23.50
N GLU D 139 10.78 38.35 22.46
CA GLU D 139 12.09 37.73 22.65
C GLU D 139 13.03 38.66 23.42
N ASP D 140 12.91 39.97 23.22
CA ASP D 140 13.77 40.91 23.92
C ASP D 140 13.43 40.98 25.41
N VAL D 141 12.18 40.70 25.77
CA VAL D 141 11.76 40.69 27.16
C VAL D 141 11.79 39.27 27.73
N ARG D 142 12.45 38.33 27.06
CA ARG D 142 12.77 37.00 27.58
C ARG D 142 11.53 36.14 27.80
N LEU D 143 10.46 36.39 27.05
CA LEU D 143 9.22 35.62 27.18
C LEU D 143 9.08 34.67 26.00
N VAL D 144 8.72 33.42 26.30
CA VAL D 144 8.46 32.40 25.28
C VAL D 144 6.96 32.17 25.20
N HIS D 145 6.39 32.41 24.01
CA HIS D 145 4.94 32.35 23.84
C HIS D 145 4.42 30.92 23.91
N ARG D 146 5.09 29.99 23.21
CA ARG D 146 4.76 28.57 23.17
C ARG D 146 3.43 28.26 22.49
N ASP D 147 2.60 29.28 22.22
CA ASP D 147 1.29 29.05 21.64
C ASP D 147 1.02 30.06 20.53
N LEU D 148 2.03 30.35 19.72
CA LEU D 148 1.84 31.30 18.63
C LEU D 148 1.02 30.66 17.51
N ALA D 149 -0.05 31.34 17.12
CA ALA D 149 -0.96 30.83 16.10
C ALA D 149 -1.87 31.96 15.65
N ALA D 150 -2.45 31.81 14.46
CA ALA D 150 -3.39 32.79 13.94
C ALA D 150 -4.56 33.01 14.89
N ARG D 151 -5.03 31.93 15.54
CA ARG D 151 -6.12 32.04 16.50
C ARG D 151 -5.76 32.93 17.67
N ASN D 152 -4.46 33.11 17.94
CA ASN D 152 -4.00 33.94 19.05
C ASN D 152 -3.36 35.23 18.56
N VAL D 153 -3.73 35.68 17.36
CA VAL D 153 -3.33 36.98 16.83
C VAL D 153 -4.61 37.76 16.54
N LEU D 154 -4.67 39.00 17.03
CA LEU D 154 -5.88 39.81 17.00
C LEU D 154 -5.79 40.89 15.93
N VAL D 155 -6.94 41.29 15.41
CA VAL D 155 -7.03 42.32 14.39
C VAL D 155 -7.57 43.58 15.06
N LYS D 156 -6.70 44.56 15.30
CA LYS D 156 -7.18 45.85 15.75
C LYS D 156 -7.86 46.59 14.60
N SER D 157 -7.18 46.69 13.47
CA SER D 157 -7.69 47.27 12.23
C SER D 157 -7.18 46.39 11.10
N PRO D 158 -7.76 46.52 9.89
CA PRO D 158 -7.39 45.60 8.80
C PRO D 158 -5.90 45.51 8.51
N ASN D 159 -5.11 46.51 8.91
CA ASN D 159 -3.66 46.50 8.67
C ASN D 159 -2.87 46.65 9.96
N HIS D 160 -3.41 46.11 11.06
CA HIS D 160 -2.72 46.18 12.35
C HIS D 160 -3.16 44.99 13.18
N VAL D 161 -2.19 44.14 13.56
CA VAL D 161 -2.47 42.93 14.33
C VAL D 161 -1.62 42.91 15.59
N LYS D 162 -2.07 42.13 16.58
CA LYS D 162 -1.41 42.02 17.87
C LYS D 162 -1.37 40.56 18.31
N ILE D 163 -0.27 40.19 18.97
CA ILE D 163 -0.12 38.87 19.58
C ILE D 163 -0.74 38.91 20.96
N THR D 164 -1.47 37.85 21.33
CA THR D 164 -2.27 37.90 22.55
C THR D 164 -2.22 36.53 23.24
N ASP D 165 -3.22 36.29 24.10
CA ASP D 165 -3.46 35.03 24.82
C ASP D 165 -2.46 34.82 25.95
N PHE D 166 -1.26 34.35 25.64
CA PHE D 166 -0.20 34.14 26.63
C PHE D 166 -0.60 33.17 27.74
N GLY D 167 -1.64 32.35 27.56
CA GLY D 167 -2.02 31.45 28.63
C GLY D 167 -0.95 30.41 28.94
N LEU D 168 -0.13 30.07 27.95
CA LEU D 168 1.00 29.18 28.14
C LEU D 168 2.32 29.91 28.18
N ALA D 169 2.29 31.25 28.22
CA ALA D 169 3.52 32.02 28.18
C ALA D 169 4.30 31.90 29.49
N ARG D 170 5.62 31.87 29.35
CA ARG D 170 6.52 31.70 30.48
C ARG D 170 7.71 32.61 30.28
N LEU D 171 8.03 33.39 31.31
CA LEU D 171 9.17 34.30 31.24
C LEU D 171 10.44 33.54 31.61
N LEU D 172 11.46 33.64 30.77
CA LEU D 172 12.69 32.90 30.98
C LEU D 172 13.56 33.58 32.04
N ASP D 173 14.00 32.80 33.02
CA ASP D 173 14.93 33.29 34.04
C ASP D 173 16.22 33.75 33.38
N ILE D 174 16.95 34.63 34.09
CA ILE D 174 18.28 35.00 33.65
C ILE D 174 19.18 33.76 33.73
N ASP D 175 20.08 33.63 32.76
CA ASP D 175 20.89 32.43 32.54
C ASP D 175 20.06 31.22 32.15
N GLU D 176 18.85 31.42 31.61
CA GLU D 176 18.00 30.33 31.15
C GLU D 176 17.60 30.60 29.71
N THR D 177 17.91 29.66 28.81
CA THR D 177 17.58 29.80 27.41
C THR D 177 16.38 28.96 26.97
N GLU D 178 15.85 28.12 27.87
CA GLU D 178 14.77 27.21 27.52
C GLU D 178 13.81 27.08 28.69
N TYR D 179 12.71 26.37 28.44
CA TYR D 179 11.72 26.04 29.45
C TYR D 179 11.16 24.65 29.17
N HIS D 180 10.91 23.89 30.22
CA HIS D 180 10.44 22.52 30.11
C HIS D 180 9.10 22.38 30.81
N ALA D 181 8.22 21.56 30.22
CA ALA D 181 6.90 21.33 30.80
C ALA D 181 6.29 20.04 30.24
N LYS D 185 -0.68 20.65 27.18
CA LYS D 185 -1.89 21.35 26.75
C LYS D 185 -1.61 22.22 25.53
N VAL D 186 -0.41 22.08 24.96
CA VAL D 186 -0.02 22.86 23.79
C VAL D 186 -0.50 22.15 22.53
N PRO D 187 -1.17 22.85 21.61
CA PRO D 187 -1.58 22.26 20.33
C PRO D 187 -0.38 21.80 19.51
N ILE D 188 -0.29 20.48 19.33
CA ILE D 188 0.95 19.87 18.85
C ILE D 188 1.27 20.20 17.39
N LYS D 189 0.30 20.67 16.61
CA LYS D 189 0.58 20.95 15.20
C LYS D 189 1.24 22.31 14.99
N TRP D 190 1.39 23.10 16.06
CA TRP D 190 2.20 24.32 16.03
C TRP D 190 3.51 24.15 16.79
N MET D 191 3.81 22.94 17.28
CA MET D 191 4.96 22.73 18.15
C MET D 191 6.18 22.32 17.34
N ALA D 192 7.34 22.85 17.73
CA ALA D 192 8.60 22.39 17.17
C ALA D 192 8.86 20.93 17.57
N LEU D 193 9.72 20.27 16.80
CA LEU D 193 9.99 18.87 17.04
C LEU D 193 10.65 18.64 18.40
N GLU D 194 11.60 19.50 18.78
CA GLU D 194 12.25 19.33 20.07
C GLU D 194 11.29 19.56 21.23
N SER D 195 10.22 20.32 21.02
CA SER D 195 9.22 20.50 22.06
C SER D 195 8.31 19.28 22.20
N ILE D 196 8.03 18.59 21.10
CA ILE D 196 7.20 17.39 21.17
C ILE D 196 7.96 16.27 21.86
N LEU D 197 9.23 16.08 21.48
CA LEU D 197 10.03 14.96 21.94
C LEU D 197 10.72 15.26 23.27
N ARG D 198 11.44 16.38 23.35
CA ARG D 198 12.25 16.70 24.51
C ARG D 198 11.58 17.69 25.46
N ARG D 199 10.33 18.06 25.21
CA ARG D 199 9.60 19.03 26.01
C ARG D 199 10.39 20.33 26.17
N ARG D 200 11.19 20.66 25.16
CA ARG D 200 12.05 21.83 25.20
C ARG D 200 11.36 23.00 24.51
N PHE D 201 11.34 24.16 25.16
CA PHE D 201 10.75 25.37 24.60
C PHE D 201 11.74 26.52 24.70
N THR D 202 12.25 26.96 23.55
CA THR D 202 13.14 28.10 23.43
C THR D 202 12.47 29.15 22.55
N HIS D 203 13.16 30.27 22.34
CA HIS D 203 12.70 31.24 21.35
C HIS D 203 12.73 30.66 19.95
N GLN D 204 13.63 29.71 19.69
CA GLN D 204 13.70 29.09 18.36
C GLN D 204 12.56 28.12 18.12
N SER D 205 11.95 27.56 19.16
CA SER D 205 10.74 26.78 18.96
C SER D 205 9.56 27.67 18.61
N ASP D 206 9.56 28.92 19.11
CA ASP D 206 8.55 29.88 18.68
C ASP D 206 8.72 30.22 17.19
N VAL D 207 9.94 30.16 16.68
CA VAL D 207 10.17 30.43 15.26
C VAL D 207 9.47 29.38 14.41
N TRP D 208 9.52 28.11 14.84
CA TRP D 208 8.74 27.07 14.19
C TRP D 208 7.25 27.41 14.21
N SER D 209 6.74 27.82 15.37
CA SER D 209 5.34 28.21 15.46
C SER D 209 5.04 29.39 14.55
N TYR D 210 5.99 30.31 14.41
CA TYR D 210 5.81 31.42 13.48
C TYR D 210 5.66 30.93 12.06
N GLY D 211 6.48 29.96 11.66
CA GLY D 211 6.36 29.42 10.30
C GLY D 211 5.00 28.82 10.03
N VAL D 212 4.45 28.09 11.00
CA VAL D 212 3.11 27.55 10.85
C VAL D 212 2.09 28.67 10.75
N THR D 213 2.26 29.71 11.57
CA THR D 213 1.33 30.83 11.55
C THR D 213 1.32 31.53 10.19
N VAL D 214 2.49 31.73 9.60
CA VAL D 214 2.56 32.32 8.26
C VAL D 214 1.87 31.41 7.24
N TRP D 215 2.06 30.10 7.38
CA TRP D 215 1.37 29.14 6.52
C TRP D 215 -0.15 29.31 6.61
N GLU D 216 -0.67 29.53 7.83
CA GLU D 216 -2.11 29.74 7.99
C GLU D 216 -2.59 30.94 7.19
N LEU D 217 -1.84 32.05 7.27
CA LEU D 217 -2.21 33.25 6.52
C LEU D 217 -2.15 32.99 5.01
N MET D 218 -1.05 32.41 4.55
CA MET D 218 -0.87 32.18 3.12
C MET D 218 -1.86 31.16 2.56
N THR D 219 -2.43 30.31 3.41
CA THR D 219 -3.50 29.41 2.99
C THR D 219 -4.89 30.00 3.27
N PHE D 220 -4.95 31.25 3.71
CA PHE D 220 -6.19 31.91 4.12
C PHE D 220 -6.86 31.12 5.25
N GLY D 221 -6.06 30.72 6.24
CA GLY D 221 -6.60 30.09 7.42
C GLY D 221 -6.93 28.62 7.28
N ALA D 222 -6.19 27.88 6.47
CA ALA D 222 -6.40 26.44 6.41
C ALA D 222 -5.95 25.76 7.70
N LYS D 223 -6.41 24.53 7.89
CA LYS D 223 -6.05 23.75 9.06
C LYS D 223 -4.77 22.98 8.76
N PRO D 224 -3.67 23.24 9.47
CA PRO D 224 -2.43 22.51 9.20
C PRO D 224 -2.60 21.01 9.43
N TYR D 225 -1.99 20.22 8.55
CA TYR D 225 -2.08 18.76 8.60
C TYR D 225 -3.54 18.31 8.73
N ASP D 226 -4.39 18.88 7.88
CA ASP D 226 -5.83 18.68 8.00
C ASP D 226 -6.19 17.20 7.93
N GLY D 227 -6.98 16.73 8.89
CA GLY D 227 -7.40 15.35 8.95
C GLY D 227 -6.43 14.41 9.64
N ILE D 228 -5.16 14.77 9.71
CA ILE D 228 -4.13 13.90 10.28
C ILE D 228 -4.28 13.88 11.80
N PRO D 229 -4.43 12.70 12.41
CA PRO D 229 -4.48 12.64 13.87
C PRO D 229 -3.21 13.19 14.49
N ALA D 230 -3.37 13.79 15.67
CA ALA D 230 -2.26 14.49 16.30
C ALA D 230 -1.13 13.53 16.70
N ARG D 231 -1.47 12.27 16.98
CA ARG D 231 -0.43 11.31 17.36
C ARG D 231 0.48 10.97 16.19
N GLU D 232 0.03 11.17 14.95
CA GLU D 232 0.85 10.90 13.77
C GLU D 232 1.80 12.04 13.44
N ILE D 233 1.60 13.23 14.02
CA ILE D 233 2.43 14.38 13.67
C ILE D 233 3.91 14.13 13.96
N PRO D 234 4.31 13.64 15.14
CA PRO D 234 5.76 13.49 15.38
C PRO D 234 6.44 12.52 14.43
N ASP D 235 5.76 11.44 14.08
CA ASP D 235 6.31 10.51 13.10
C ASP D 235 6.37 11.15 11.71
N LEU D 236 5.34 11.91 11.35
CA LEU D 236 5.34 12.62 10.07
C LEU D 236 6.50 13.60 9.96
N LEU D 237 6.73 14.38 11.01
CA LEU D 237 7.79 15.39 10.98
C LEU D 237 9.17 14.74 10.94
N GLU D 238 9.37 13.64 11.68
CA GLU D 238 10.64 12.96 11.66
C GLU D 238 10.91 12.29 10.33
N LYS D 239 9.85 11.96 9.57
CA LYS D 239 9.99 11.39 8.24
C LYS D 239 10.20 12.44 7.16
N GLY D 240 10.37 13.71 7.53
CA GLY D 240 10.80 14.73 6.60
C GLY D 240 9.69 15.56 5.96
N GLU D 241 8.43 15.30 6.29
CA GLU D 241 7.35 16.06 5.69
C GLU D 241 7.11 17.34 6.48
N ARG D 242 6.70 18.38 5.76
CA ARG D 242 6.28 19.65 6.33
C ARG D 242 5.01 20.08 5.60
N LEU D 243 4.47 21.24 5.99
CA LEU D 243 3.29 21.74 5.31
C LEU D 243 3.63 22.07 3.86
N PRO D 244 2.73 21.78 2.92
CA PRO D 244 3.04 22.01 1.50
C PRO D 244 3.07 23.48 1.18
N GLN D 245 3.49 23.78 -0.04
CA GLN D 245 3.62 25.16 -0.49
C GLN D 245 2.25 25.76 -0.73
N PRO D 246 1.92 26.89 -0.10
CA PRO D 246 0.62 27.53 -0.36
C PRO D 246 0.54 27.98 -1.80
N PRO D 247 -0.66 27.99 -2.38
CA PRO D 247 -0.79 28.35 -3.81
C PRO D 247 -0.30 29.76 -4.13
N ILE D 248 -0.55 30.73 -3.23
CA ILE D 248 -0.19 32.11 -3.51
C ILE D 248 1.25 32.45 -3.19
N CYS D 249 2.00 31.52 -2.60
CA CYS D 249 3.36 31.80 -2.20
C CYS D 249 4.33 31.49 -3.34
N THR D 250 5.22 32.45 -3.61
CA THR D 250 6.40 32.17 -4.39
C THR D 250 7.37 31.33 -3.55
N ILE D 251 8.38 30.77 -4.22
CA ILE D 251 9.36 29.95 -3.52
C ILE D 251 10.14 30.80 -2.52
N ASP D 252 10.16 32.12 -2.69
CA ASP D 252 10.79 33.00 -1.71
C ASP D 252 10.13 32.86 -0.34
N VAL D 253 8.82 33.06 -0.28
CA VAL D 253 8.10 33.03 0.98
C VAL D 253 8.09 31.63 1.57
N TYR D 254 7.81 30.62 0.74
CA TYR D 254 7.79 29.24 1.22
C TYR D 254 9.15 28.80 1.74
N MET D 255 10.23 29.36 1.21
CA MET D 255 11.56 29.01 1.70
C MET D 255 11.78 29.49 3.12
N ILE D 256 11.18 30.62 3.50
CA ILE D 256 11.28 31.10 4.88
C ILE D 256 10.58 30.13 5.83
N MET D 257 9.36 29.72 5.48
CA MET D 257 8.63 28.76 6.30
C MET D 257 9.42 27.46 6.46
N VAL D 258 10.00 26.97 5.36
CA VAL D 258 10.78 25.73 5.42
C VAL D 258 11.94 25.88 6.38
N LYS D 259 12.59 27.05 6.38
CA LYS D 259 13.68 27.32 7.32
C LYS D 259 13.20 27.28 8.77
N CYS D 260 11.98 27.75 9.02
CA CYS D 260 11.45 27.72 10.38
C CYS D 260 11.19 26.30 10.87
N TRP D 261 11.06 25.34 9.97
CA TRP D 261 10.75 23.97 10.32
C TRP D 261 11.94 23.04 10.20
N MET D 262 13.16 23.60 10.26
CA MET D 262 14.35 22.77 10.36
C MET D 262 14.40 22.08 11.72
N ILE D 263 14.85 20.83 11.73
CA ILE D 263 14.92 20.07 12.97
C ILE D 263 15.97 20.66 13.91
N ASP D 264 17.10 21.10 13.37
CA ASP D 264 18.13 21.75 14.17
C ASP D 264 17.71 23.19 14.47
N SER D 265 17.65 23.53 15.76
CA SER D 265 17.14 24.84 16.16
C SER D 265 18.00 25.98 15.62
N GLU D 266 19.29 25.74 15.44
CA GLU D 266 20.20 26.78 14.93
C GLU D 266 20.17 26.91 13.41
N CYS D 267 19.33 26.16 12.70
CA CYS D 267 19.13 26.38 11.27
C CYS D 267 17.94 27.28 10.98
N ARG D 268 17.13 27.60 11.98
CA ARG D 268 15.95 28.43 11.80
C ARG D 268 16.32 29.91 11.77
N PRO D 269 15.48 30.74 11.14
CA PRO D 269 15.74 32.18 11.14
C PRO D 269 15.57 32.77 12.52
N ARG D 270 16.22 33.91 12.74
CA ARG D 270 15.96 34.70 13.93
C ARG D 270 14.75 35.60 13.70
N PHE D 271 14.08 35.97 14.80
CA PHE D 271 12.92 36.84 14.67
C PHE D 271 13.30 38.19 14.08
N ARG D 272 14.49 38.70 14.39
CA ARG D 272 14.91 39.96 13.80
C ARG D 272 15.22 39.82 12.32
N GLU D 273 15.71 38.65 11.89
CA GLU D 273 15.88 38.41 10.45
C GLU D 273 14.53 38.29 9.76
N LEU D 274 13.58 37.61 10.41
CA LEU D 274 12.24 37.51 9.85
C LEU D 274 11.60 38.89 9.69
N VAL D 275 11.91 39.81 10.60
CA VAL D 275 11.41 41.18 10.46
C VAL D 275 12.00 41.82 9.21
N SER D 276 13.32 41.71 9.04
CA SER D 276 14.00 42.33 7.90
C SER D 276 13.55 41.73 6.57
N GLU D 277 13.13 40.46 6.57
CA GLU D 277 12.80 39.81 5.30
C GLU D 277 11.36 40.07 4.87
N PHE D 278 10.41 40.01 5.80
CA PHE D 278 9.02 40.27 5.42
C PHE D 278 8.77 41.76 5.21
N SER D 279 9.52 42.61 5.92
CA SER D 279 9.47 44.05 5.63
C SER D 279 10.12 44.35 4.29
N ARG D 280 11.16 43.60 3.93
CA ARG D 280 11.74 43.73 2.60
C ARG D 280 10.77 43.30 1.53
N MET D 281 10.03 42.21 1.78
CA MET D 281 9.04 41.75 0.81
C MET D 281 7.80 42.63 0.80
N ALA D 282 7.44 43.22 1.94
CA ALA D 282 6.27 44.09 1.98
C ALA D 282 6.47 45.34 1.12
N ARG D 283 7.71 45.73 0.86
CA ARG D 283 7.96 46.87 -0.01
C ARG D 283 7.64 46.53 -1.46
N ASP D 284 7.84 45.28 -1.86
CA ASP D 284 7.48 44.78 -3.19
C ASP D 284 6.58 43.56 -3.04
N PRO D 285 5.33 43.77 -2.64
CA PRO D 285 4.46 42.62 -2.38
C PRO D 285 4.11 41.81 -3.62
N GLN D 286 4.14 42.44 -4.80
CA GLN D 286 3.74 41.75 -6.02
C GLN D 286 4.76 40.68 -6.42
N ARG D 287 6.03 40.89 -6.08
CA ARG D 287 7.08 39.94 -6.46
C ARG D 287 7.00 38.62 -5.71
N PHE D 288 6.33 38.59 -4.56
CA PHE D 288 6.48 37.48 -3.63
C PHE D 288 5.19 36.76 -3.28
N VAL D 289 4.04 37.39 -3.47
CA VAL D 289 2.75 36.75 -3.21
C VAL D 289 1.85 36.97 -4.40
N VAL D 290 1.30 35.89 -4.94
CA VAL D 290 0.50 35.94 -6.15
C VAL D 290 -0.92 35.59 -5.74
N ILE D 291 -1.74 36.62 -5.52
CA ILE D 291 -3.11 36.42 -5.05
C ILE D 291 -3.93 35.76 -6.13
N GLN D 292 -3.49 35.91 -7.38
CA GLN D 292 -4.18 35.39 -8.54
C GLN D 292 -4.34 33.88 -8.50
N ASN D 293 -3.40 33.18 -7.87
CA ASN D 293 -3.38 31.73 -7.85
C ASN D 293 -4.32 31.23 -6.76
N GLU D 294 -5.61 31.24 -7.07
CA GLU D 294 -6.63 30.82 -6.12
C GLU D 294 -7.89 30.32 -6.83
N GLN E 11 31.58 -5.38 -36.12
CA GLN E 11 32.90 -5.99 -36.23
C GLN E 11 32.78 -7.50 -36.15
N ALA E 12 31.70 -8.05 -36.70
CA ALA E 12 31.55 -9.52 -36.72
C ALA E 12 31.81 -10.04 -38.13
N GLN E 13 32.60 -11.09 -38.23
CA GLN E 13 33.01 -11.55 -39.56
C GLN E 13 31.88 -12.28 -40.27
N MET E 14 31.78 -12.11 -41.59
CA MET E 14 30.82 -12.88 -42.39
C MET E 14 31.61 -13.78 -43.34
N ARG E 15 31.38 -15.08 -43.30
CA ARG E 15 32.22 -15.98 -44.12
C ARG E 15 31.50 -16.27 -45.42
N ILE E 16 31.77 -15.48 -46.44
CA ILE E 16 31.26 -15.72 -47.79
C ILE E 16 31.71 -17.10 -48.23
N LEU E 17 30.76 -17.98 -48.54
CA LEU E 17 31.05 -19.39 -48.77
C LEU E 17 31.03 -19.73 -50.26
N LYS E 18 32.00 -20.54 -50.66
CA LYS E 18 31.98 -21.16 -51.97
C LYS E 18 31.00 -22.32 -51.94
N GLU E 19 30.27 -22.53 -53.04
CA GLU E 19 29.21 -23.54 -53.02
C GLU E 19 29.78 -24.95 -52.90
N THR E 20 31.03 -25.17 -53.30
CA THR E 20 31.60 -26.51 -53.25
C THR E 20 32.08 -26.93 -51.88
N GLU E 21 32.16 -26.01 -50.91
CA GLU E 21 32.48 -26.39 -49.54
C GLU E 21 31.24 -26.64 -48.71
N LEU E 22 30.09 -26.88 -49.37
CA LEU E 22 28.84 -27.25 -48.72
C LEU E 22 28.31 -28.52 -49.36
N ARG E 23 27.85 -29.44 -48.51
CA ARG E 23 27.23 -30.69 -48.96
C ARG E 23 25.81 -30.72 -48.43
N LYS E 24 24.83 -30.62 -49.33
CA LYS E 24 23.43 -30.69 -48.93
C LYS E 24 23.03 -32.15 -48.75
N VAL E 25 22.75 -32.54 -47.51
CA VAL E 25 22.53 -33.95 -47.19
C VAL E 25 21.04 -34.32 -47.25
N LYS E 26 20.18 -33.54 -46.61
CA LYS E 26 18.77 -33.91 -46.51
C LYS E 26 17.92 -32.67 -46.32
N VAL E 27 16.72 -32.69 -46.91
CA VAL E 27 15.77 -31.59 -46.77
C VAL E 27 15.14 -31.62 -45.39
N LEU E 28 15.08 -30.46 -44.74
CA LEU E 28 14.39 -30.31 -43.47
C LEU E 28 13.03 -29.64 -43.63
N GLY E 29 12.83 -28.88 -44.72
CA GLY E 29 11.55 -28.29 -45.03
C GLY E 29 11.67 -27.24 -46.13
N SER E 30 10.70 -27.21 -47.04
CA SER E 30 10.68 -26.22 -48.12
C SER E 30 9.34 -25.51 -48.13
N GLY E 31 9.34 -24.21 -47.83
CA GLY E 31 8.16 -23.39 -47.84
C GLY E 31 8.15 -22.44 -49.02
N ALA E 32 7.21 -21.49 -48.97
CA ALA E 32 7.05 -20.59 -50.11
C ALA E 32 8.16 -19.54 -50.19
N PHE E 33 9.07 -19.52 -49.22
CA PHE E 33 10.17 -18.56 -49.18
C PHE E 33 11.55 -19.18 -49.28
N GLY E 34 11.63 -20.50 -49.38
CA GLY E 34 12.93 -21.15 -49.55
C GLY E 34 12.93 -22.55 -48.97
N THR E 35 13.99 -23.27 -49.31
CA THR E 35 14.20 -24.64 -48.85
C THR E 35 15.36 -24.69 -47.87
N VAL E 36 15.17 -25.42 -46.78
CA VAL E 36 16.19 -25.56 -45.75
C VAL E 36 16.75 -26.98 -45.83
N TYR E 37 18.06 -27.10 -45.98
CA TYR E 37 18.74 -28.38 -46.08
C TYR E 37 19.62 -28.60 -44.85
N LYS E 38 19.59 -29.81 -44.32
CA LYS E 38 20.61 -30.27 -43.40
C LYS E 38 21.84 -30.68 -44.20
N GLY E 39 23.01 -30.25 -43.77
CA GLY E 39 24.20 -30.52 -44.56
C GLY E 39 25.48 -30.37 -43.78
N ILE E 40 26.59 -30.49 -44.51
CA ILE E 40 27.93 -30.45 -43.95
C ILE E 40 28.70 -29.33 -44.62
N TRP E 41 29.29 -28.46 -43.81
CA TRP E 41 30.14 -27.38 -44.29
C TRP E 41 31.59 -27.73 -44.03
N ILE E 42 32.41 -27.66 -45.09
CA ILE E 42 33.83 -27.91 -44.98
C ILE E 42 34.52 -26.56 -45.19
N PRO E 43 34.77 -25.81 -44.11
CA PRO E 43 35.19 -24.42 -44.26
C PRO E 43 36.45 -24.27 -45.11
N ASP E 44 36.55 -23.14 -45.81
CA ASP E 44 37.70 -22.89 -46.65
C ASP E 44 39.00 -22.90 -45.83
N GLY E 45 38.98 -22.26 -44.67
CA GLY E 45 40.16 -22.11 -43.83
C GLY E 45 40.96 -23.37 -43.59
N GLU E 46 40.33 -24.37 -42.96
CA GLU E 46 40.98 -25.64 -42.64
C GLU E 46 40.10 -26.79 -43.12
N ASN E 47 40.52 -28.01 -42.81
CA ASN E 47 39.79 -29.22 -43.21
C ASN E 47 39.15 -29.84 -41.97
N VAL E 48 37.84 -29.61 -41.83
CA VAL E 48 37.00 -30.10 -40.74
C VAL E 48 35.58 -30.19 -41.28
N LYS E 49 34.68 -30.82 -40.52
CA LYS E 49 33.29 -30.97 -40.95
C LYS E 49 32.36 -30.44 -39.87
N ILE E 50 31.52 -29.47 -40.26
CA ILE E 50 30.58 -28.79 -39.37
C ILE E 50 29.16 -29.11 -39.83
N PRO E 51 28.30 -29.67 -38.99
CA PRO E 51 26.89 -29.83 -39.33
C PRO E 51 26.20 -28.46 -39.41
N VAL E 52 25.61 -28.17 -40.57
CA VAL E 52 25.00 -26.87 -40.81
C VAL E 52 23.61 -27.03 -41.40
N ALA E 53 22.81 -25.98 -41.24
CA ALA E 53 21.56 -25.82 -41.98
C ALA E 53 21.76 -24.80 -43.09
N ILE E 54 21.24 -25.11 -44.28
CA ILE E 54 21.39 -24.28 -45.46
C ILE E 54 20.01 -23.95 -46.00
N LYS E 55 19.71 -22.65 -46.14
CA LYS E 55 18.46 -22.22 -46.73
C LYS E 55 18.77 -21.61 -48.09
N VAL E 56 18.41 -22.35 -49.14
CA VAL E 56 18.50 -21.87 -50.52
C VAL E 56 17.22 -21.15 -50.86
N LEU E 57 17.31 -19.87 -51.20
CA LEU E 57 16.11 -19.09 -51.42
C LEU E 57 15.47 -19.53 -52.74
N ARG E 58 14.36 -18.88 -53.09
CA ARG E 58 13.72 -19.21 -54.33
C ARG E 58 14.40 -18.50 -55.50
N GLU E 59 14.17 -19.05 -56.69
CA GLU E 59 14.81 -18.51 -57.89
C GLU E 59 14.21 -17.16 -58.25
N ASN E 60 12.88 -17.07 -58.18
CA ASN E 60 12.13 -15.87 -58.55
C ASN E 60 12.11 -14.87 -57.39
N THR E 61 13.32 -14.49 -56.98
CA THR E 61 13.54 -13.53 -55.89
C THR E 61 13.79 -12.12 -56.46
N SER E 62 13.04 -11.14 -55.96
CA SER E 62 13.13 -9.78 -56.43
C SER E 62 14.42 -9.13 -55.93
N PRO E 63 14.95 -8.09 -56.63
CA PRO E 63 16.20 -7.44 -56.17
C PRO E 63 16.09 -6.87 -54.77
N LYS E 64 15.00 -6.13 -54.50
CA LYS E 64 14.70 -5.64 -53.16
C LYS E 64 14.84 -6.72 -52.10
N ALA E 65 14.40 -7.95 -52.40
CA ALA E 65 14.45 -9.00 -51.39
C ALA E 65 15.88 -9.40 -51.05
N ASN E 66 16.78 -9.39 -52.03
CA ASN E 66 18.18 -9.69 -51.73
C ASN E 66 18.83 -8.57 -50.93
N LYS E 67 18.43 -7.32 -51.17
CA LYS E 67 18.91 -6.22 -50.35
C LYS E 67 18.50 -6.40 -48.89
N GLU E 68 17.24 -6.77 -48.65
CA GLU E 68 16.77 -7.00 -47.28
C GLU E 68 17.49 -8.17 -46.63
N ILE E 69 17.70 -9.27 -47.37
CA ILE E 69 18.42 -10.42 -46.82
C ILE E 69 19.78 -9.98 -46.31
N LEU E 70 20.49 -9.24 -47.16
CA LEU E 70 21.84 -8.83 -46.84
C LEU E 70 21.90 -7.81 -45.72
N ASP E 71 20.90 -6.91 -45.64
CA ASP E 71 20.86 -5.94 -44.56
C ASP E 71 20.51 -6.58 -43.22
N GLU E 72 19.74 -7.67 -43.22
CA GLU E 72 19.63 -8.45 -41.99
C GLU E 72 20.94 -9.16 -41.69
N ALA E 73 21.82 -9.32 -42.69
CA ALA E 73 23.05 -10.09 -42.39
C ALA E 73 23.77 -9.33 -41.29
N TYR E 74 23.99 -8.04 -41.51
CA TYR E 74 24.51 -7.27 -40.36
C TYR E 74 23.36 -7.40 -39.38
N VAL E 75 23.59 -7.81 -38.13
CA VAL E 75 22.55 -8.06 -37.09
C VAL E 75 22.49 -9.57 -36.79
N MET E 76 22.42 -10.43 -37.82
CA MET E 76 22.46 -11.85 -37.47
C MET E 76 23.72 -12.51 -38.01
N ALA E 77 24.80 -11.75 -38.05
CA ALA E 77 26.13 -12.35 -38.29
C ALA E 77 26.81 -11.99 -36.97
N GLY E 78 26.22 -11.03 -36.25
CA GLY E 78 26.76 -10.58 -34.97
C GLY E 78 26.44 -11.53 -33.84
N VAL E 79 27.26 -11.52 -32.77
CA VAL E 79 27.06 -12.52 -31.67
C VAL E 79 25.69 -12.32 -31.02
N GLY E 80 25.30 -11.10 -30.71
CA GLY E 80 23.92 -10.91 -30.23
C GLY E 80 23.49 -11.80 -29.08
N SER E 81 22.34 -12.44 -29.22
CA SER E 81 21.75 -13.20 -28.10
C SER E 81 21.96 -14.70 -28.24
N PRO E 82 22.18 -15.46 -27.15
CA PRO E 82 22.29 -16.92 -27.26
C PRO E 82 20.97 -17.59 -27.59
N TYR E 83 19.88 -16.84 -27.61
CA TYR E 83 18.55 -17.35 -27.91
C TYR E 83 18.06 -16.91 -29.27
N VAL E 84 18.96 -16.39 -30.11
CA VAL E 84 18.65 -15.96 -31.46
C VAL E 84 19.66 -16.64 -32.40
N SER E 85 19.16 -17.28 -33.45
CA SER E 85 20.03 -18.01 -34.36
C SER E 85 20.92 -17.04 -35.14
N ARG E 86 22.21 -17.41 -35.26
CA ARG E 86 23.21 -16.59 -35.92
C ARG E 86 23.57 -17.16 -37.28
N LEU E 87 23.74 -16.27 -38.27
CA LEU E 87 24.15 -16.66 -39.61
C LEU E 87 25.65 -16.87 -39.63
N LEU E 88 26.09 -18.06 -40.05
CA LEU E 88 27.52 -18.32 -40.17
C LEU E 88 28.10 -17.72 -41.44
N GLY E 89 27.43 -17.91 -42.57
CA GLY E 89 27.98 -17.44 -43.82
C GLY E 89 26.94 -17.37 -44.92
N ILE E 90 27.34 -16.76 -46.04
CA ILE E 90 26.47 -16.56 -47.18
C ILE E 90 27.14 -17.16 -48.41
N CYS E 91 26.36 -17.90 -49.21
CA CYS E 91 26.81 -18.46 -50.47
C CYS E 91 26.22 -17.62 -51.60
N LEU E 92 27.05 -16.79 -52.23
CA LEU E 92 26.59 -15.83 -53.23
C LEU E 92 26.50 -16.44 -54.63
N THR E 93 25.80 -17.57 -54.76
CA THR E 93 25.46 -18.04 -56.10
C THR E 93 24.36 -17.15 -56.69
N SER E 94 23.93 -17.49 -57.90
CA SER E 94 22.82 -16.75 -58.53
C SER E 94 21.60 -16.74 -57.63
N THR E 95 21.36 -17.85 -56.93
CA THR E 95 20.35 -17.93 -55.87
C THR E 95 21.08 -17.96 -54.54
N VAL E 96 20.86 -16.94 -53.72
CA VAL E 96 21.61 -16.79 -52.47
C VAL E 96 21.28 -17.93 -51.52
N GLN E 97 22.31 -18.44 -50.85
CA GLN E 97 22.17 -19.50 -49.86
C GLN E 97 22.67 -19.00 -48.51
N LEU E 98 21.91 -19.28 -47.47
CA LEU E 98 22.25 -18.88 -46.11
C LEU E 98 22.63 -20.10 -45.30
N VAL E 99 23.75 -20.01 -44.59
CA VAL E 99 24.33 -21.12 -43.85
C VAL E 99 24.36 -20.76 -42.37
N THR E 100 23.91 -21.68 -41.53
CA THR E 100 23.87 -21.47 -40.10
C THR E 100 24.19 -22.80 -39.41
N GLN E 101 24.64 -22.69 -38.15
CA GLN E 101 24.94 -23.87 -37.36
C GLN E 101 23.71 -24.76 -37.23
N LEU E 102 23.92 -26.07 -37.33
CA LEU E 102 22.81 -27.01 -37.25
C LEU E 102 22.38 -27.17 -35.80
N MET E 103 21.10 -26.94 -35.55
CA MET E 103 20.53 -27.19 -34.23
C MET E 103 20.05 -28.64 -34.21
N PRO E 104 20.73 -29.54 -33.48
CA PRO E 104 20.50 -30.98 -33.68
C PRO E 104 19.15 -31.49 -33.19
N TYR E 105 18.52 -30.83 -32.24
CA TYR E 105 17.29 -31.35 -31.66
C TYR E 105 16.04 -30.91 -32.43
N GLY E 106 16.21 -30.21 -33.55
CA GLY E 106 15.11 -29.84 -34.41
C GLY E 106 14.38 -28.59 -33.98
N CYS E 107 13.10 -28.50 -34.35
CA CYS E 107 12.24 -27.38 -34.04
C CYS E 107 11.37 -27.70 -32.79
N LEU E 108 11.12 -26.67 -31.99
CA LEU E 108 10.41 -26.85 -30.72
C LEU E 108 9.05 -27.50 -30.96
N LEU E 109 8.40 -27.14 -32.06
CA LEU E 109 7.09 -27.66 -32.39
C LEU E 109 7.10 -29.19 -32.49
N ASP E 110 8.14 -29.77 -33.10
CA ASP E 110 8.24 -31.21 -33.15
C ASP E 110 8.79 -31.78 -31.83
N HIS E 111 9.73 -31.08 -31.21
CA HIS E 111 10.33 -31.54 -29.97
C HIS E 111 9.30 -31.72 -28.87
N VAL E 112 8.46 -30.70 -28.64
CA VAL E 112 7.47 -30.78 -27.58
C VAL E 112 6.36 -31.77 -27.91
N ARG E 113 6.10 -32.04 -29.20
CA ARG E 113 5.01 -32.93 -29.56
C ARG E 113 5.35 -34.39 -29.27
N GLU E 114 6.58 -34.80 -29.55
CA GLU E 114 7.00 -36.17 -29.34
C GLU E 114 7.60 -36.40 -27.97
N ASN E 115 7.73 -35.35 -27.15
CA ASN E 115 8.15 -35.48 -25.77
C ASN E 115 7.05 -35.05 -24.80
N ARG E 116 5.79 -35.11 -25.21
CA ARG E 116 4.69 -34.89 -24.29
C ARG E 116 4.62 -36.04 -23.30
N GLY E 117 4.43 -35.70 -22.03
CA GLY E 117 4.58 -36.66 -20.96
C GLY E 117 6.01 -36.92 -20.56
N ARG E 118 6.96 -36.14 -21.10
CA ARG E 118 8.37 -36.27 -20.79
C ARG E 118 9.00 -34.97 -20.33
N LEU E 119 8.30 -33.85 -20.43
CA LEU E 119 8.87 -32.53 -20.21
C LEU E 119 8.27 -31.96 -18.94
N GLY E 120 9.12 -31.38 -18.09
CA GLY E 120 8.64 -30.82 -16.85
C GLY E 120 8.25 -29.36 -16.96
N SER E 121 7.69 -28.86 -15.85
CA SER E 121 7.25 -27.48 -15.79
C SER E 121 8.42 -26.51 -15.88
N GLN E 122 9.59 -26.91 -15.39
CA GLN E 122 10.75 -26.02 -15.49
C GLN E 122 11.25 -25.95 -16.92
N ASP E 123 11.18 -27.07 -17.64
CA ASP E 123 11.58 -27.07 -19.05
C ASP E 123 10.72 -26.10 -19.86
N LEU E 124 9.40 -26.15 -19.65
CA LEU E 124 8.49 -25.31 -20.43
C LEU E 124 8.65 -23.84 -20.09
N LEU E 125 8.68 -23.51 -18.79
CA LEU E 125 8.81 -22.12 -18.38
C LEU E 125 10.19 -21.55 -18.72
N ASN E 126 11.23 -22.38 -18.67
CA ASN E 126 12.56 -21.91 -19.04
C ASN E 126 12.59 -21.53 -20.53
N TRP E 127 11.95 -22.33 -21.38
CA TRP E 127 11.88 -22.00 -22.81
C TRP E 127 11.17 -20.68 -23.04
N CYS E 128 9.96 -20.52 -22.47
CA CYS E 128 9.19 -19.31 -22.67
C CYS E 128 9.98 -18.07 -22.25
N MET E 129 10.80 -18.21 -21.21
CA MET E 129 11.69 -17.12 -20.81
C MET E 129 12.75 -16.87 -21.88
N GLN E 130 13.39 -17.94 -22.35
CA GLN E 130 14.41 -17.81 -23.39
C GLN E 130 13.82 -17.24 -24.66
N ILE E 131 12.64 -17.73 -25.07
CA ILE E 131 11.97 -17.20 -26.24
C ILE E 131 11.66 -15.72 -26.06
N ALA E 132 11.26 -15.34 -24.84
CA ALA E 132 11.05 -13.92 -24.56
C ALA E 132 12.36 -13.14 -24.58
N LYS E 133 13.44 -13.74 -24.06
CA LYS E 133 14.74 -13.07 -24.08
C LYS E 133 15.21 -12.84 -25.51
N GLY E 134 15.08 -13.85 -26.39
CA GLY E 134 15.45 -13.67 -27.78
C GLY E 134 14.66 -12.58 -28.46
N MET E 135 13.34 -12.55 -28.23
CA MET E 135 12.51 -11.50 -28.81
C MET E 135 12.84 -10.12 -28.23
N SER E 136 13.27 -10.08 -26.96
CA SER E 136 13.68 -8.81 -26.36
C SER E 136 14.95 -8.29 -27.02
N TYR E 137 15.87 -9.19 -27.40
CA TYR E 137 17.06 -8.77 -28.13
C TYR E 137 16.68 -8.21 -29.50
N LEU E 138 15.78 -8.90 -30.21
CA LEU E 138 15.34 -8.45 -31.52
C LEU E 138 14.66 -7.09 -31.44
N GLU E 139 13.98 -6.80 -30.32
CA GLU E 139 13.39 -5.47 -30.14
C GLU E 139 14.47 -4.40 -30.00
N ASP E 140 15.59 -4.73 -29.35
CA ASP E 140 16.65 -3.75 -29.16
C ASP E 140 17.39 -3.46 -30.45
N VAL E 141 17.47 -4.41 -31.37
CA VAL E 141 18.13 -4.21 -32.65
C VAL E 141 17.13 -3.83 -33.74
N ARG E 142 15.92 -3.43 -33.36
CA ARG E 142 14.93 -2.81 -34.25
C ARG E 142 14.42 -3.76 -35.32
N LEU E 143 14.44 -5.07 -35.05
CA LEU E 143 13.94 -6.06 -35.98
C LEU E 143 12.59 -6.58 -35.50
N VAL E 144 11.62 -6.67 -36.41
CA VAL E 144 10.29 -7.19 -36.12
C VAL E 144 10.19 -8.58 -36.73
N HIS E 145 10.06 -9.62 -35.91
CA HIS E 145 10.08 -11.01 -36.45
C HIS E 145 8.98 -11.17 -37.49
N ARG E 146 7.73 -10.97 -37.08
CA ARG E 146 6.56 -11.00 -37.99
C ARG E 146 6.08 -12.44 -38.25
N ASP E 147 6.75 -13.43 -37.68
CA ASP E 147 6.38 -14.85 -37.91
C ASP E 147 6.86 -15.66 -36.71
N LEU E 148 6.64 -15.16 -35.51
CA LEU E 148 7.04 -15.93 -34.34
C LEU E 148 6.06 -17.09 -34.10
N ALA E 149 6.61 -18.29 -33.97
CA ALA E 149 5.81 -19.49 -33.78
C ALA E 149 6.73 -20.60 -33.30
N ALA E 150 6.12 -21.63 -32.71
CA ALA E 150 6.89 -22.80 -32.26
C ALA E 150 7.68 -23.42 -33.41
N ARG E 151 7.09 -23.44 -34.60
CA ARG E 151 7.78 -23.98 -35.77
C ARG E 151 9.04 -23.19 -36.10
N ASN E 152 9.14 -21.95 -35.64
CA ASN E 152 10.31 -21.11 -35.91
C ASN E 152 11.15 -20.91 -34.66
N VAL E 153 11.08 -21.82 -33.69
CA VAL E 153 11.97 -21.84 -32.54
C VAL E 153 12.71 -23.17 -32.55
N LEU E 154 14.03 -23.11 -32.43
CA LEU E 154 14.89 -24.26 -32.60
C LEU E 154 15.40 -24.74 -31.26
N VAL E 155 15.69 -26.04 -31.17
CA VAL E 155 16.21 -26.64 -29.94
C VAL E 155 17.68 -26.97 -30.18
N LYS E 156 18.57 -26.18 -29.60
CA LYS E 156 19.98 -26.54 -29.61
C LYS E 156 20.25 -27.70 -28.66
N SER E 157 19.79 -27.58 -27.43
CA SER E 157 19.87 -28.61 -26.42
C SER E 157 18.57 -28.61 -25.64
N PRO E 158 18.28 -29.66 -24.87
CA PRO E 158 16.96 -29.75 -24.22
C PRO E 158 16.57 -28.54 -23.38
N ASN E 159 17.52 -27.77 -22.87
CA ASN E 159 17.21 -26.56 -22.12
C ASN E 159 17.86 -25.34 -22.77
N HIS E 160 17.81 -25.30 -24.10
CA HIS E 160 18.34 -24.15 -24.85
C HIS E 160 17.62 -24.08 -26.19
N VAL E 161 16.92 -22.98 -26.43
CA VAL E 161 16.19 -22.77 -27.67
C VAL E 161 16.63 -21.44 -28.28
N LYS E 162 16.39 -21.32 -29.59
CA LYS E 162 16.77 -20.15 -30.37
C LYS E 162 15.64 -19.76 -31.30
N ILE E 163 15.44 -18.46 -31.46
CA ILE E 163 14.49 -17.94 -32.44
C ILE E 163 15.18 -17.80 -33.79
N THR E 164 14.48 -18.20 -34.86
CA THR E 164 15.07 -18.20 -36.19
C THR E 164 13.97 -17.82 -37.18
N ASP E 165 14.35 -17.63 -38.44
CA ASP E 165 13.42 -17.38 -39.54
C ASP E 165 12.74 -16.01 -39.39
N PHE E 166 13.47 -15.01 -38.89
CA PHE E 166 12.89 -13.69 -38.66
C PHE E 166 13.13 -12.74 -39.82
N GLY E 167 12.24 -11.75 -39.93
CA GLY E 167 12.31 -10.71 -40.93
C GLY E 167 11.75 -11.09 -42.29
N LEU E 168 10.87 -12.09 -42.36
CA LEU E 168 10.33 -12.53 -43.63
C LEU E 168 8.94 -11.97 -43.95
N ALA E 169 8.47 -12.36 -45.14
CA ALA E 169 7.21 -12.09 -45.82
C ALA E 169 7.39 -11.09 -46.96
N ARG E 170 8.33 -10.17 -46.80
CA ARG E 170 8.49 -9.09 -47.78
C ARG E 170 9.53 -9.41 -48.85
N PRO E 187 0.03 -17.00 -42.51
CA PRO E 187 0.12 -17.45 -41.12
C PRO E 187 -0.78 -16.63 -40.19
N ILE E 188 -2.08 -16.63 -40.47
CA ILE E 188 -2.99 -15.68 -39.83
C ILE E 188 -3.30 -16.03 -38.38
N LYS E 189 -3.09 -17.28 -37.97
CA LYS E 189 -3.46 -17.68 -36.61
C LYS E 189 -2.41 -17.30 -35.58
N TRP E 190 -1.27 -16.76 -35.99
CA TRP E 190 -0.30 -16.17 -35.08
C TRP E 190 -0.26 -14.66 -35.17
N MET E 191 -1.11 -14.05 -35.99
CA MET E 191 -1.04 -12.63 -36.28
C MET E 191 -1.96 -11.83 -35.36
N ALA E 192 -1.50 -10.66 -34.94
CA ALA E 192 -2.34 -9.72 -34.22
C ALA E 192 -3.48 -9.24 -35.11
N LEU E 193 -4.54 -8.75 -34.47
CA LEU E 193 -5.71 -8.29 -35.21
C LEU E 193 -5.37 -7.09 -36.07
N GLU E 194 -4.58 -6.15 -35.54
CA GLU E 194 -4.15 -5.00 -36.33
C GLU E 194 -3.24 -5.44 -37.48
N SER E 195 -2.59 -6.60 -37.34
CA SER E 195 -1.79 -7.12 -38.44
C SER E 195 -2.69 -7.70 -39.53
N ILE E 196 -3.82 -8.30 -39.13
CA ILE E 196 -4.74 -8.87 -40.11
C ILE E 196 -5.50 -7.77 -40.85
N LEU E 197 -6.01 -6.78 -40.11
CA LEU E 197 -6.91 -5.78 -40.69
C LEU E 197 -6.17 -4.61 -41.33
N ARG E 198 -5.29 -3.94 -40.58
CA ARG E 198 -4.60 -2.76 -41.08
C ARG E 198 -3.18 -3.06 -41.56
N ARG E 199 -2.82 -4.35 -41.64
CA ARG E 199 -1.53 -4.79 -42.15
C ARG E 199 -0.35 -4.12 -41.43
N ARG E 200 -0.52 -3.79 -40.16
CA ARG E 200 0.55 -3.13 -39.41
C ARG E 200 1.29 -4.17 -38.59
N PHE E 201 2.62 -4.12 -38.63
CA PHE E 201 3.47 -5.05 -37.89
C PHE E 201 4.43 -4.24 -37.03
N THR E 202 4.25 -4.29 -35.72
CA THR E 202 5.14 -3.65 -34.75
C THR E 202 5.72 -4.71 -33.81
N HIS E 203 6.56 -4.25 -32.87
CA HIS E 203 7.03 -5.15 -31.83
C HIS E 203 5.91 -5.62 -30.92
N GLN E 204 4.87 -4.80 -30.75
CA GLN E 204 3.76 -5.20 -29.89
C GLN E 204 2.87 -6.25 -30.55
N SER E 205 2.85 -6.31 -31.88
CA SER E 205 2.17 -7.42 -32.55
C SER E 205 2.97 -8.71 -32.41
N ASP E 206 4.30 -8.60 -32.30
CA ASP E 206 5.09 -9.78 -31.99
C ASP E 206 4.75 -10.35 -30.62
N VAL E 207 4.34 -9.48 -29.68
CA VAL E 207 3.93 -9.92 -28.35
C VAL E 207 2.69 -10.80 -28.46
N TRP E 208 1.75 -10.42 -29.33
CA TRP E 208 0.60 -11.29 -29.62
C TRP E 208 1.06 -12.64 -30.15
N SER E 209 1.99 -12.62 -31.11
CA SER E 209 2.53 -13.87 -31.64
C SER E 209 3.22 -14.68 -30.55
N TYR E 210 3.87 -13.99 -29.62
CA TYR E 210 4.49 -14.65 -28.48
C TYR E 210 3.46 -15.39 -27.64
N GLY E 211 2.31 -14.76 -27.40
CA GLY E 211 1.28 -15.42 -26.61
C GLY E 211 0.78 -16.70 -27.23
N VAL E 212 0.58 -16.70 -28.55
CA VAL E 212 0.17 -17.91 -29.25
C VAL E 212 1.27 -18.96 -29.15
N THR E 213 2.53 -18.53 -29.29
CA THR E 213 3.65 -19.47 -29.20
C THR E 213 3.70 -20.14 -27.84
N VAL E 214 3.50 -19.37 -26.75
CA VAL E 214 3.45 -19.96 -25.42
C VAL E 214 2.27 -20.91 -25.30
N TRP E 215 1.13 -20.53 -25.87
CA TRP E 215 -0.03 -21.43 -25.88
C TRP E 215 0.30 -22.75 -26.57
N GLU E 216 1.02 -22.70 -27.69
CA GLU E 216 1.41 -23.93 -28.38
C GLU E 216 2.24 -24.83 -27.47
N LEU E 217 3.20 -24.24 -26.75
CA LEU E 217 4.03 -25.03 -25.85
C LEU E 217 3.22 -25.65 -24.72
N MET E 218 2.38 -24.85 -24.06
CA MET E 218 1.60 -25.34 -22.93
C MET E 218 0.55 -26.37 -23.33
N THR E 219 0.16 -26.40 -24.61
CA THR E 219 -0.73 -27.43 -25.12
C THR E 219 0.02 -28.62 -25.69
N PHE E 220 1.35 -28.62 -25.55
CA PHE E 220 2.21 -29.67 -26.11
C PHE E 220 2.03 -29.78 -27.64
N GLY E 221 2.03 -28.62 -28.29
CA GLY E 221 2.00 -28.59 -29.74
C GLY E 221 0.64 -28.75 -30.38
N ALA E 222 -0.42 -28.28 -29.75
CA ALA E 222 -1.73 -28.29 -30.39
C ALA E 222 -1.80 -27.28 -31.53
N LYS E 223 -2.78 -27.46 -32.41
CA LYS E 223 -3.00 -26.54 -33.52
C LYS E 223 -3.96 -25.45 -33.08
N PRO E 224 -3.55 -24.19 -33.05
CA PRO E 224 -4.46 -23.13 -32.59
C PRO E 224 -5.68 -23.00 -33.48
N TYR E 225 -6.83 -22.79 -32.84
CA TYR E 225 -8.12 -22.68 -33.53
C TYR E 225 -8.31 -23.85 -34.48
N ASP E 226 -8.02 -25.05 -34.00
CA ASP E 226 -7.93 -26.22 -34.87
C ASP E 226 -9.26 -26.45 -35.60
N GLY E 227 -9.16 -26.61 -36.93
CA GLY E 227 -10.32 -26.83 -37.77
C GLY E 227 -11.00 -25.56 -38.25
N ILE E 228 -10.80 -24.44 -37.55
CA ILE E 228 -11.46 -23.19 -37.90
C ILE E 228 -10.81 -22.59 -39.14
N PRO E 229 -11.57 -22.33 -40.20
CA PRO E 229 -11.01 -21.71 -41.40
C PRO E 229 -10.39 -20.35 -41.11
N ALA E 230 -9.35 -20.02 -41.88
CA ALA E 230 -8.58 -18.80 -41.65
C ALA E 230 -9.42 -17.55 -41.92
N ARG E 231 -10.39 -17.64 -42.82
CA ARG E 231 -11.25 -16.49 -43.09
C ARG E 231 -12.15 -16.15 -41.92
N GLU E 232 -12.42 -17.11 -41.03
CA GLU E 232 -13.24 -16.87 -39.85
C GLU E 232 -12.44 -16.31 -38.68
N ILE E 233 -11.10 -16.35 -38.73
CA ILE E 233 -10.30 -15.93 -37.59
C ILE E 233 -10.54 -14.47 -37.20
N PRO E 234 -10.49 -13.49 -38.12
CA PRO E 234 -10.64 -12.09 -37.67
C PRO E 234 -11.98 -11.79 -37.03
N ASP E 235 -13.07 -12.34 -37.56
CA ASP E 235 -14.37 -12.14 -36.94
C ASP E 235 -14.44 -12.85 -35.59
N LEU E 236 -13.85 -14.04 -35.50
CA LEU E 236 -13.79 -14.77 -34.23
C LEU E 236 -13.06 -13.94 -33.18
N LEU E 237 -11.93 -13.34 -33.55
CA LEU E 237 -11.18 -12.52 -32.60
C LEU E 237 -11.95 -11.26 -32.24
N GLU E 238 -12.64 -10.67 -33.20
CA GLU E 238 -13.44 -9.47 -32.92
C GLU E 238 -14.64 -9.78 -32.05
N LYS E 239 -15.13 -11.02 -32.10
CA LYS E 239 -16.23 -11.42 -31.24
C LYS E 239 -15.78 -11.81 -29.83
N GLY E 240 -14.51 -11.60 -29.51
CA GLY E 240 -14.04 -11.74 -28.15
C GLY E 240 -13.44 -13.07 -27.78
N GLU E 241 -13.39 -14.02 -28.71
CA GLU E 241 -12.86 -15.34 -28.40
C GLU E 241 -11.34 -15.35 -28.53
N ARG E 242 -10.70 -16.15 -27.69
CA ARG E 242 -9.27 -16.38 -27.75
C ARG E 242 -9.02 -17.87 -27.60
N LEU E 243 -7.75 -18.25 -27.64
CA LEU E 243 -7.38 -19.64 -27.42
C LEU E 243 -7.72 -20.04 -25.98
N PRO E 244 -8.22 -21.26 -25.76
CA PRO E 244 -8.64 -21.65 -24.42
C PRO E 244 -7.45 -21.87 -23.50
N GLN E 245 -7.77 -22.04 -22.22
CA GLN E 245 -6.73 -22.25 -21.21
C GLN E 245 -6.16 -23.65 -21.32
N PRO E 246 -4.84 -23.80 -21.48
CA PRO E 246 -4.26 -25.14 -21.50
C PRO E 246 -4.46 -25.84 -20.19
N PRO E 247 -4.60 -27.19 -20.21
CA PRO E 247 -4.86 -27.92 -18.96
C PRO E 247 -3.78 -27.71 -17.90
N ILE E 248 -2.51 -27.64 -18.31
CA ILE E 248 -1.40 -27.54 -17.36
C ILE E 248 -1.15 -26.12 -16.89
N CYS E 249 -1.87 -25.14 -17.43
CA CYS E 249 -1.67 -23.75 -17.07
C CYS E 249 -2.50 -23.37 -15.86
N THR E 250 -1.85 -22.75 -14.88
CA THR E 250 -2.56 -22.00 -13.86
C THR E 250 -3.08 -20.70 -14.47
N ILE E 251 -4.00 -20.04 -13.75
CA ILE E 251 -4.54 -18.79 -14.23
C ILE E 251 -3.48 -17.70 -14.31
N ASP E 252 -2.39 -17.82 -13.53
CA ASP E 252 -1.27 -16.88 -13.64
C ASP E 252 -0.67 -16.92 -15.04
N VAL E 253 -0.34 -18.12 -15.52
CA VAL E 253 0.27 -18.25 -16.83
C VAL E 253 -0.72 -17.86 -17.92
N TYR E 254 -1.96 -18.34 -17.81
CA TYR E 254 -2.96 -18.04 -18.83
C TYR E 254 -3.27 -16.55 -18.89
N MET E 255 -3.15 -15.84 -17.77
CA MET E 255 -3.40 -14.40 -17.80
C MET E 255 -2.34 -13.65 -18.59
N ILE E 256 -1.11 -14.15 -18.59
CA ILE E 256 -0.06 -13.54 -19.41
C ILE E 256 -0.41 -13.67 -20.89
N MET E 257 -0.77 -14.88 -21.33
CA MET E 257 -1.17 -15.07 -22.72
C MET E 257 -2.34 -14.18 -23.09
N VAL E 258 -3.33 -14.10 -22.21
CA VAL E 258 -4.52 -13.27 -22.45
C VAL E 258 -4.12 -11.81 -22.66
N LYS E 259 -3.18 -11.31 -21.85
CA LYS E 259 -2.73 -9.93 -21.99
C LYS E 259 -2.09 -9.69 -23.35
N CYS E 260 -1.37 -10.69 -23.88
CA CYS E 260 -0.75 -10.55 -25.19
C CYS E 260 -1.79 -10.48 -26.31
N TRP E 261 -3.02 -10.92 -26.07
CA TRP E 261 -4.04 -10.94 -27.11
C TRP E 261 -5.07 -9.83 -26.93
N MET E 262 -4.71 -8.76 -26.21
CA MET E 262 -5.54 -7.57 -26.19
C MET E 262 -5.55 -6.92 -27.56
N ILE E 263 -6.73 -6.42 -27.95
CA ILE E 263 -6.83 -5.76 -29.25
C ILE E 263 -6.03 -4.46 -29.24
N ASP E 264 -6.05 -3.75 -28.12
CA ASP E 264 -5.23 -2.55 -27.98
C ASP E 264 -3.79 -3.00 -27.70
N SER E 265 -2.87 -2.62 -28.58
CA SER E 265 -1.50 -3.11 -28.47
C SER E 265 -0.83 -2.62 -27.20
N GLU E 266 -1.22 -1.46 -26.70
CA GLU E 266 -0.61 -0.89 -25.50
C GLU E 266 -1.17 -1.48 -24.21
N CYS E 267 -2.08 -2.46 -24.28
CA CYS E 267 -2.46 -3.24 -23.11
C CYS E 267 -1.66 -4.52 -23.00
N ARG E 268 -0.90 -4.87 -24.03
CA ARG E 268 -0.10 -6.08 -24.06
C ARG E 268 1.19 -5.87 -23.27
N PRO E 269 1.78 -6.95 -22.76
CA PRO E 269 3.05 -6.81 -22.05
C PRO E 269 4.18 -6.44 -23.00
N ARG E 270 5.21 -5.83 -22.42
CA ARG E 270 6.47 -5.63 -23.13
C ARG E 270 7.31 -6.89 -23.00
N PHE E 271 8.20 -7.09 -23.97
CA PHE E 271 9.06 -8.28 -23.95
C PHE E 271 9.92 -8.33 -22.69
N ARG E 272 10.35 -7.17 -22.19
CA ARG E 272 11.13 -7.15 -20.95
C ARG E 272 10.29 -7.51 -19.73
N GLU E 273 9.00 -7.18 -19.73
CA GLU E 273 8.13 -7.66 -18.66
C GLU E 273 7.93 -9.16 -18.75
N LEU E 274 7.74 -9.68 -19.96
CA LEU E 274 7.58 -11.13 -20.14
C LEU E 274 8.81 -11.89 -19.68
N VAL E 275 10.00 -11.33 -19.90
CA VAL E 275 11.23 -11.97 -19.42
C VAL E 275 11.24 -12.01 -17.90
N SER E 276 10.93 -10.88 -17.26
CA SER E 276 10.94 -10.84 -15.79
C SER E 276 9.88 -11.74 -15.20
N GLU E 277 8.70 -11.79 -15.82
CA GLU E 277 7.61 -12.59 -15.28
C GLU E 277 7.89 -14.09 -15.43
N PHE E 278 8.40 -14.50 -16.58
CA PHE E 278 8.71 -15.91 -16.79
C PHE E 278 9.99 -16.33 -16.06
N SER E 279 10.93 -15.42 -15.85
CA SER E 279 12.09 -15.75 -15.02
C SER E 279 11.67 -15.91 -13.57
N ARG E 280 10.72 -15.10 -13.12
CA ARG E 280 10.15 -15.26 -11.78
C ARG E 280 9.40 -16.59 -11.65
N MET E 281 8.65 -16.97 -12.70
CA MET E 281 7.95 -18.25 -12.66
C MET E 281 8.92 -19.41 -12.82
N ALA E 282 9.99 -19.23 -13.60
CA ALA E 282 10.99 -20.29 -13.71
C ALA E 282 11.69 -20.56 -12.39
N ARG E 283 11.71 -19.57 -11.48
CA ARG E 283 12.29 -19.78 -10.17
C ARG E 283 11.42 -20.70 -9.30
N ASP E 284 10.10 -20.62 -9.47
CA ASP E 284 9.15 -21.46 -8.73
C ASP E 284 8.24 -22.17 -9.72
N PRO E 285 8.75 -23.20 -10.41
CA PRO E 285 7.94 -23.83 -11.47
C PRO E 285 6.71 -24.57 -10.96
N GLN E 286 6.73 -25.07 -9.73
CA GLN E 286 5.59 -25.84 -9.24
C GLN E 286 4.36 -24.98 -9.01
N ARG E 287 4.57 -23.69 -8.68
CA ARG E 287 3.46 -22.79 -8.40
C ARG E 287 2.62 -22.46 -9.62
N PHE E 288 3.16 -22.61 -10.83
CA PHE E 288 2.57 -22.02 -12.01
C PHE E 288 2.23 -22.98 -13.14
N VAL E 289 2.83 -24.17 -13.18
CA VAL E 289 2.52 -25.15 -14.21
C VAL E 289 2.33 -26.50 -13.53
N VAL E 290 1.20 -27.14 -13.81
CA VAL E 290 0.81 -28.39 -13.16
C VAL E 290 0.87 -29.48 -14.23
N ILE E 291 1.98 -30.23 -14.23
CA ILE E 291 2.21 -31.21 -15.29
C ILE E 291 1.26 -32.40 -15.17
N GLN E 292 0.77 -32.70 -13.96
CA GLN E 292 -0.08 -33.87 -13.78
C GLN E 292 -1.38 -33.77 -14.56
N ASN E 293 -1.84 -32.56 -14.88
CA ASN E 293 -3.11 -32.38 -15.55
C ASN E 293 -2.98 -32.66 -17.04
N GLU E 294 -1.99 -33.45 -17.43
CA GLU E 294 -1.87 -33.93 -18.80
C GLU E 294 -2.71 -35.19 -18.98
N ARG F 15 -25.61 9.06 21.42
CA ARG F 15 -25.97 10.22 20.61
C ARG F 15 -24.70 10.98 20.24
N ILE F 16 -24.41 11.06 18.95
CA ILE F 16 -23.19 11.68 18.45
C ILE F 16 -23.48 13.14 18.13
N LEU F 17 -22.72 14.05 18.74
CA LEU F 17 -23.01 15.47 18.68
C LEU F 17 -22.08 16.17 17.68
N LYS F 18 -22.65 17.07 16.90
CA LYS F 18 -21.87 18.00 16.11
C LYS F 18 -21.31 19.10 17.00
N GLU F 19 -20.07 19.50 16.77
CA GLU F 19 -19.44 20.47 17.68
C GLU F 19 -20.15 21.82 17.65
N THR F 20 -20.86 22.14 16.58
CA THR F 20 -21.50 23.45 16.46
C THR F 20 -22.77 23.58 17.29
N GLU F 21 -23.31 22.48 17.83
CA GLU F 21 -24.45 22.55 18.74
C GLU F 21 -24.02 22.52 20.20
N LEU F 22 -22.76 22.82 20.49
CA LEU F 22 -22.25 22.94 21.84
C LEU F 22 -21.58 24.29 22.03
N ARG F 23 -21.87 24.94 23.16
CA ARG F 23 -21.29 26.22 23.52
C ARG F 23 -20.55 26.07 24.84
N LYS F 24 -19.24 26.27 24.82
CA LYS F 24 -18.45 26.24 26.05
C LYS F 24 -18.51 27.61 26.73
N VAL F 25 -19.12 27.68 27.91
CA VAL F 25 -19.32 28.94 28.62
C VAL F 25 -18.25 29.19 29.67
N LYS F 26 -17.92 28.17 30.48
CA LYS F 26 -17.00 28.37 31.59
C LYS F 26 -16.30 27.06 31.95
N VAL F 27 -15.02 27.18 32.31
CA VAL F 27 -14.21 26.04 32.75
C VAL F 27 -14.55 25.70 34.19
N LEU F 28 -14.83 24.42 34.45
CA LEU F 28 -15.13 23.94 35.79
C LEU F 28 -13.98 23.20 36.46
N GLY F 29 -13.06 22.60 35.71
CA GLY F 29 -11.96 21.88 36.34
C GLY F 29 -11.10 21.22 35.28
N SER F 30 -9.85 20.93 35.69
CA SER F 30 -8.91 20.27 34.80
C SER F 30 -7.85 19.54 35.62
N GLY F 31 -6.94 18.89 34.89
CA GLY F 31 -5.84 18.11 35.40
C GLY F 31 -5.15 17.54 34.18
N ALA F 32 -4.63 16.31 34.26
CA ALA F 32 -4.03 15.65 33.10
C ALA F 32 -5.09 14.98 32.24
N PHE F 33 -6.23 14.62 32.83
CA PHE F 33 -7.21 13.79 32.16
C PHE F 33 -7.98 14.57 31.10
N GLY F 34 -8.17 15.86 31.33
CA GLY F 34 -8.84 16.72 30.38
C GLY F 34 -9.42 17.89 31.14
N THR F 35 -10.10 18.76 30.40
CA THR F 35 -10.71 19.94 30.97
C THR F 35 -12.23 19.83 30.82
N VAL F 36 -12.94 20.13 31.90
CA VAL F 36 -14.40 20.04 31.94
C VAL F 36 -14.97 21.46 31.87
N TYR F 37 -15.88 21.68 30.92
CA TYR F 37 -16.51 22.97 30.72
C TYR F 37 -17.98 22.92 31.09
N LYS F 38 -18.47 23.99 31.71
CA LYS F 38 -19.91 24.25 31.78
C LYS F 38 -20.34 24.86 30.47
N GLY F 39 -21.42 24.33 29.88
CA GLY F 39 -21.78 24.80 28.57
C GLY F 39 -23.22 24.53 28.20
N ILE F 40 -23.55 24.82 26.94
CA ILE F 40 -24.90 24.76 26.43
C ILE F 40 -24.93 23.84 25.22
N TRP F 41 -25.85 22.87 25.24
CA TRP F 41 -26.09 21.95 24.14
C TRP F 41 -27.42 22.30 23.48
N ILE F 42 -27.44 22.36 22.16
CA ILE F 42 -28.66 22.67 21.43
C ILE F 42 -29.08 21.48 20.58
N VAL F 48 -34.38 24.58 21.78
CA VAL F 48 -34.22 24.33 23.21
C VAL F 48 -32.74 24.46 23.59
N LYS F 49 -32.49 24.63 24.89
CA LYS F 49 -31.15 24.82 25.42
C LYS F 49 -30.99 23.94 26.65
N ILE F 50 -29.99 23.08 26.65
CA ILE F 50 -29.74 22.15 27.74
C ILE F 50 -28.45 22.57 28.45
N PRO F 51 -28.49 22.81 29.76
CA PRO F 51 -27.24 23.00 30.51
C PRO F 51 -26.47 21.69 30.58
N VAL F 52 -25.22 21.72 30.12
CA VAL F 52 -24.42 20.50 30.04
C VAL F 52 -23.05 20.73 30.65
N ALA F 53 -22.45 19.62 31.09
CA ALA F 53 -21.03 19.57 31.39
C ALA F 53 -20.33 18.91 30.21
N ILE F 54 -19.23 19.51 29.76
CA ILE F 54 -18.48 19.02 28.61
C ILE F 54 -17.05 18.79 29.06
N LYS F 55 -16.55 17.56 28.86
CA LYS F 55 -15.18 17.20 29.15
C LYS F 55 -14.44 16.93 27.85
N VAL F 56 -13.51 17.81 27.55
CA VAL F 56 -12.67 17.64 26.34
C VAL F 56 -11.45 16.88 26.81
N LEU F 57 -11.17 15.75 26.19
CA LEU F 57 -10.07 14.89 26.67
C LEU F 57 -8.75 15.38 26.08
N ARG F 58 -7.71 14.58 26.25
CA ARG F 58 -6.37 14.97 25.75
C ARG F 58 -6.35 14.83 24.23
N GLU F 59 -5.37 15.45 23.59
CA GLU F 59 -5.25 15.49 22.13
C GLU F 59 -4.57 14.24 21.60
N ASN F 60 -3.48 13.81 22.24
CA ASN F 60 -2.79 12.60 21.81
C ASN F 60 -3.33 11.43 22.62
N THR F 61 -4.44 10.90 22.12
CA THR F 61 -5.03 9.70 22.66
C THR F 61 -4.59 8.53 21.78
N SER F 62 -3.95 7.54 22.36
CA SER F 62 -3.47 6.40 21.62
C SER F 62 -4.64 5.45 21.35
N PRO F 63 -4.46 4.42 20.53
CA PRO F 63 -5.57 3.48 20.29
C PRO F 63 -6.00 2.80 21.58
N LYS F 64 -5.07 2.52 22.48
CA LYS F 64 -5.43 1.88 23.75
C LYS F 64 -6.27 2.83 24.58
N ALA F 65 -5.87 4.11 24.62
CA ALA F 65 -6.61 5.11 25.40
C ALA F 65 -7.98 5.38 24.82
N ASN F 66 -8.15 5.26 23.50
CA ASN F 66 -9.46 5.55 22.91
C ASN F 66 -10.44 4.42 23.14
N LYS F 67 -9.97 3.17 23.02
CA LYS F 67 -10.83 2.02 23.28
C LYS F 67 -11.42 2.08 24.68
N GLU F 68 -10.62 2.46 25.67
CA GLU F 68 -11.11 2.63 27.05
C GLU F 68 -12.19 3.70 27.13
N ILE F 69 -12.02 4.82 26.40
CA ILE F 69 -13.04 5.87 26.43
C ILE F 69 -14.34 5.29 25.89
N LEU F 70 -14.24 4.44 24.87
CA LEU F 70 -15.41 3.81 24.30
C LEU F 70 -16.03 2.81 25.27
N ASP F 71 -15.23 2.20 26.14
CA ASP F 71 -15.78 1.29 27.15
C ASP F 71 -16.52 2.06 28.24
N GLU F 72 -15.92 3.15 28.72
CA GLU F 72 -16.60 4.03 29.65
C GLU F 72 -17.85 4.63 29.03
N ALA F 73 -17.78 4.96 27.74
CA ALA F 73 -18.97 5.45 27.05
C ALA F 73 -20.03 4.37 26.94
N TYR F 74 -19.63 3.14 26.65
CA TYR F 74 -20.59 2.04 26.52
C TYR F 74 -21.37 1.81 27.82
N VAL F 75 -20.66 1.74 28.95
CA VAL F 75 -21.33 1.40 30.21
C VAL F 75 -22.04 2.61 30.81
N MET F 76 -21.47 3.81 30.68
CA MET F 76 -22.04 4.97 31.32
C MET F 76 -22.95 5.77 30.40
N ALA F 77 -23.42 5.16 29.32
CA ALA F 77 -24.55 5.70 28.56
C ALA F 77 -25.83 4.94 28.84
N GLY F 78 -25.73 3.76 29.46
CA GLY F 78 -26.93 3.04 29.87
C GLY F 78 -27.52 3.67 31.11
N VAL F 79 -28.83 3.87 31.10
CA VAL F 79 -29.58 4.40 32.24
C VAL F 79 -29.55 3.40 33.39
N GLY F 80 -28.43 3.34 34.11
CA GLY F 80 -28.25 2.28 35.09
C GLY F 80 -28.64 2.63 36.51
N SER F 81 -27.78 3.38 37.20
CA SER F 81 -28.10 3.77 38.57
C SER F 81 -28.30 5.28 38.67
N PRO F 82 -29.28 5.73 39.46
CA PRO F 82 -29.46 7.19 39.65
C PRO F 82 -28.30 7.86 40.36
N TYR F 83 -27.34 7.10 40.88
CA TYR F 83 -26.20 7.63 41.61
C TYR F 83 -24.91 7.55 40.81
N VAL F 84 -25.04 7.36 39.49
CA VAL F 84 -23.91 7.42 38.57
C VAL F 84 -24.30 8.37 37.43
N SER F 85 -23.41 9.32 37.14
CA SER F 85 -23.69 10.27 36.07
C SER F 85 -23.74 9.57 34.72
N ARG F 86 -24.72 9.94 33.92
CA ARG F 86 -24.96 9.32 32.62
C ARG F 86 -24.39 10.18 31.49
N LEU F 87 -23.76 9.52 30.53
CA LEU F 87 -23.21 10.20 29.36
C LEU F 87 -24.35 10.52 28.41
N LEU F 88 -24.54 11.81 28.13
CA LEU F 88 -25.59 12.21 27.19
C LEU F 88 -25.16 11.94 25.75
N GLY F 89 -23.94 12.31 25.40
CA GLY F 89 -23.50 12.13 24.03
C GLY F 89 -22.00 12.31 23.91
N ILE F 90 -21.50 11.99 22.73
CA ILE F 90 -20.07 12.09 22.42
C ILE F 90 -19.91 12.98 21.19
N CYS F 91 -18.98 13.92 21.26
CA CYS F 91 -18.61 14.75 20.12
C CYS F 91 -17.30 14.20 19.56
N LEU F 92 -17.38 13.55 18.41
CA LEU F 92 -16.25 12.80 17.86
C LEU F 92 -15.32 13.65 17.00
N THR F 93 -14.87 14.80 17.51
CA THR F 93 -13.83 15.54 16.82
C THR F 93 -12.50 14.79 16.94
N SER F 94 -11.43 15.41 16.43
CA SER F 94 -10.10 14.85 16.60
C SER F 94 -9.79 14.59 18.08
N THR F 95 -10.24 15.49 18.95
CA THR F 95 -10.15 15.30 20.40
C THR F 95 -11.56 15.04 20.91
N VAL F 96 -11.78 13.83 21.44
CA VAL F 96 -13.12 13.41 21.83
C VAL F 96 -13.60 14.25 23.01
N GLN F 97 -14.84 14.72 22.92
CA GLN F 97 -15.49 15.49 23.97
C GLN F 97 -16.68 14.69 24.50
N LEU F 98 -16.84 14.69 25.82
CA LEU F 98 -17.90 13.92 26.48
C LEU F 98 -18.90 14.89 27.09
N VAL F 99 -20.16 14.78 26.66
CA VAL F 99 -21.22 15.68 27.06
C VAL F 99 -22.18 14.96 28.00
N THR F 100 -22.70 15.69 28.98
CA THR F 100 -23.51 15.12 30.04
C THR F 100 -24.33 16.21 30.69
N GLN F 101 -25.39 15.80 31.37
CA GLN F 101 -26.27 16.74 32.06
C GLN F 101 -25.48 17.49 33.14
N LEU F 102 -25.82 18.76 33.34
CA LEU F 102 -25.12 19.60 34.30
C LEU F 102 -25.78 19.50 35.66
N MET F 103 -25.05 18.96 36.62
CA MET F 103 -25.45 18.97 38.02
C MET F 103 -25.23 20.37 38.56
N PRO F 104 -26.29 21.13 38.87
CA PRO F 104 -26.10 22.56 39.15
C PRO F 104 -25.37 22.83 40.44
N TYR F 105 -25.43 21.92 41.41
CA TYR F 105 -24.81 22.14 42.71
C TYR F 105 -23.33 21.78 42.74
N GLY F 106 -22.81 21.17 41.67
CA GLY F 106 -21.38 20.95 41.62
C GLY F 106 -20.90 19.69 42.29
N CYS F 107 -19.65 19.79 42.77
CA CYS F 107 -18.96 18.65 43.39
C CYS F 107 -19.39 18.57 44.84
N LEU F 108 -19.36 17.37 45.40
CA LEU F 108 -19.68 17.24 46.81
C LEU F 108 -18.64 17.91 47.69
N LEU F 109 -17.36 17.78 47.31
CA LEU F 109 -16.26 18.31 48.10
C LEU F 109 -16.44 19.79 48.39
N ASP F 110 -16.82 20.57 47.41
CA ASP F 110 -16.94 22.02 47.65
C ASP F 110 -18.33 22.28 48.21
N HIS F 111 -19.29 21.42 47.95
CA HIS F 111 -20.60 21.57 48.55
C HIS F 111 -20.51 21.44 50.06
N VAL F 112 -19.96 20.33 50.54
CA VAL F 112 -19.86 20.08 51.98
C VAL F 112 -18.90 21.07 52.63
N ARG F 113 -17.94 21.62 51.88
CA ARG F 113 -16.97 22.55 52.46
C ARG F 113 -17.63 23.88 52.81
N GLU F 114 -18.50 24.38 51.94
CA GLU F 114 -19.16 25.66 52.16
C GLU F 114 -20.50 25.51 52.86
N ASN F 115 -20.89 24.27 53.20
CA ASN F 115 -22.09 24.00 53.99
C ASN F 115 -21.75 23.33 55.32
N ARG F 116 -20.56 23.60 55.87
CA ARG F 116 -20.27 23.15 57.23
C ARG F 116 -21.16 23.92 58.19
N GLY F 117 -21.79 23.22 59.12
CA GLY F 117 -22.78 23.81 59.99
C GLY F 117 -24.16 23.96 59.39
N ARG F 118 -24.40 23.40 58.21
CA ARG F 118 -25.72 23.35 57.60
C ARG F 118 -26.15 21.92 57.30
N LEU F 119 -25.30 20.94 57.58
CA LEU F 119 -25.54 19.54 57.31
C LEU F 119 -25.54 18.78 58.62
N GLY F 120 -26.52 17.91 58.81
CA GLY F 120 -26.63 17.07 59.98
C GLY F 120 -26.15 15.66 59.68
N SER F 121 -26.62 14.72 60.51
CA SER F 121 -26.18 13.34 60.44
C SER F 121 -26.80 12.57 59.27
N GLN F 122 -28.05 12.87 58.92
CA GLN F 122 -28.71 12.14 57.84
C GLN F 122 -28.20 12.56 56.47
N ASP F 123 -27.96 13.87 56.25
CA ASP F 123 -27.39 14.30 54.98
C ASP F 123 -26.09 13.56 54.69
N LEU F 124 -25.25 13.39 55.71
CA LEU F 124 -23.97 12.71 55.54
C LEU F 124 -24.16 11.20 55.38
N LEU F 125 -25.00 10.59 56.23
CA LEU F 125 -25.21 9.15 56.13
C LEU F 125 -25.98 8.78 54.87
N ASN F 126 -26.90 9.64 54.43
CA ASN F 126 -27.63 9.38 53.19
C ASN F 126 -26.69 9.37 51.98
N TRP F 127 -25.76 10.33 51.94
CA TRP F 127 -24.78 10.39 50.85
C TRP F 127 -23.91 9.13 50.83
N CYS F 128 -23.31 8.79 51.98
CA CYS F 128 -22.44 7.62 52.04
C CYS F 128 -23.15 6.36 51.60
N MET F 129 -24.46 6.25 51.90
CA MET F 129 -25.25 5.13 51.40
C MET F 129 -25.38 5.19 49.88
N GLN F 130 -25.77 6.36 49.36
CA GLN F 130 -25.92 6.51 47.91
C GLN F 130 -24.61 6.26 47.18
N ILE F 131 -23.52 6.87 47.68
CA ILE F 131 -22.21 6.69 47.05
C ILE F 131 -21.83 5.21 47.05
N ALA F 132 -22.16 4.50 48.13
CA ALA F 132 -21.94 3.06 48.14
C ALA F 132 -22.83 2.35 47.13
N LYS F 133 -24.09 2.81 46.99
CA LYS F 133 -24.99 2.24 46.00
C LYS F 133 -24.44 2.43 44.59
N GLY F 134 -24.00 3.65 44.27
CA GLY F 134 -23.41 3.89 42.97
C GLY F 134 -22.19 3.03 42.71
N MET F 135 -21.33 2.89 43.72
CA MET F 135 -20.17 2.02 43.58
C MET F 135 -20.60 0.56 43.45
N SER F 136 -21.69 0.18 44.12
CA SER F 136 -22.19 -1.18 44.00
C SER F 136 -22.67 -1.47 42.58
N TYR F 137 -23.26 -0.48 41.93
CA TYR F 137 -23.66 -0.64 40.52
C TYR F 137 -22.44 -0.82 39.64
N LEU F 138 -21.42 0.02 39.82
CA LEU F 138 -20.21 -0.08 39.03
C LEU F 138 -19.50 -1.40 39.24
N GLU F 139 -19.60 -1.97 40.44
CA GLU F 139 -19.04 -3.29 40.69
C GLU F 139 -19.81 -4.36 39.91
N ASP F 140 -21.13 -4.16 39.72
CA ASP F 140 -21.93 -5.12 38.99
C ASP F 140 -21.66 -5.07 37.49
N VAL F 141 -21.26 -3.90 36.98
CA VAL F 141 -20.94 -3.78 35.56
C VAL F 141 -19.43 -3.90 35.32
N ARG F 142 -18.69 -4.44 36.29
CA ARG F 142 -17.30 -4.84 36.14
C ARG F 142 -16.37 -3.65 35.89
N LEU F 143 -16.74 -2.46 36.35
CA LEU F 143 -15.90 -1.28 36.17
C LEU F 143 -15.23 -0.93 37.49
N VAL F 144 -13.93 -0.63 37.45
CA VAL F 144 -13.19 -0.19 38.68
C VAL F 144 -12.90 1.31 38.54
N HIS F 145 -13.37 2.15 39.46
CA HIS F 145 -13.19 3.61 39.31
C HIS F 145 -11.72 4.02 39.31
N ARG F 146 -10.93 3.48 40.22
CA ARG F 146 -9.49 3.82 40.36
C ARG F 146 -9.32 5.24 40.92
N ASP F 147 -10.36 6.07 40.90
CA ASP F 147 -10.25 7.45 41.32
C ASP F 147 -11.48 7.88 42.11
N LEU F 148 -11.94 7.04 43.03
CA LEU F 148 -13.07 7.44 43.86
C LEU F 148 -12.61 8.46 44.90
N ALA F 149 -13.31 9.59 44.96
CA ALA F 149 -12.95 10.67 45.85
C ALA F 149 -14.13 11.64 45.92
N ALA F 150 -14.11 12.50 46.93
CA ALA F 150 -15.17 13.49 47.11
C ALA F 150 -15.26 14.42 45.91
N ARG F 151 -14.12 14.86 45.38
CA ARG F 151 -14.10 15.75 44.23
C ARG F 151 -14.77 15.13 43.01
N ASN F 152 -14.85 13.80 42.94
CA ASN F 152 -15.44 13.11 41.81
C ASN F 152 -16.84 12.60 42.14
N VAL F 153 -17.53 13.25 43.08
CA VAL F 153 -18.92 12.99 43.40
C VAL F 153 -19.71 14.26 43.16
N LEU F 154 -20.82 14.15 42.45
CA LEU F 154 -21.61 15.31 42.02
C LEU F 154 -22.88 15.41 42.86
N VAL F 155 -23.36 16.64 43.01
CA VAL F 155 -24.58 16.93 43.75
C VAL F 155 -25.64 17.39 42.76
N LYS F 156 -26.60 16.53 42.46
CA LYS F 156 -27.74 16.94 41.65
C LYS F 156 -28.71 17.79 42.46
N SER F 157 -29.12 17.29 43.62
CA SER F 157 -29.99 18.00 44.55
C SER F 157 -29.44 17.80 45.95
N PRO F 158 -29.88 18.59 46.96
CA PRO F 158 -29.26 18.51 48.29
C PRO F 158 -29.17 17.11 48.88
N ASN F 159 -30.01 16.19 48.43
CA ASN F 159 -30.04 14.83 48.96
C ASN F 159 -29.92 13.81 47.85
N HIS F 160 -29.02 14.05 46.90
CA HIS F 160 -28.83 13.15 45.76
C HIS F 160 -27.46 13.38 45.18
N VAL F 161 -26.64 12.32 45.11
CA VAL F 161 -25.27 12.42 44.63
C VAL F 161 -25.03 11.42 43.52
N LYS F 162 -24.02 11.71 42.70
CA LYS F 162 -23.64 10.86 41.58
C LYS F 162 -22.13 10.76 41.50
N ILE F 163 -21.64 9.54 41.25
CA ILE F 163 -20.23 9.31 41.02
C ILE F 163 -19.91 9.64 39.56
N THR F 164 -18.74 10.20 39.31
CA THR F 164 -18.47 10.74 37.99
C THR F 164 -17.00 10.57 37.64
N ASP F 165 -16.55 11.34 36.63
CA ASP F 165 -15.20 11.38 36.11
C ASP F 165 -14.94 10.18 35.19
N PHE F 166 -14.60 9.02 35.76
CA PHE F 166 -14.37 7.78 34.99
C PHE F 166 -13.32 7.93 33.90
N GLY F 167 -12.62 9.07 33.88
CA GLY F 167 -11.53 9.32 32.96
C GLY F 167 -10.44 8.29 33.12
N LEU F 168 -10.53 7.50 34.19
CA LEU F 168 -9.56 6.47 34.54
C LEU F 168 -10.08 5.05 34.33
N ALA F 169 -11.28 4.93 33.74
CA ALA F 169 -11.89 3.61 33.44
C ALA F 169 -10.90 2.46 33.62
N ARG F 170 -10.06 2.21 32.61
CA ARG F 170 -8.99 1.18 32.73
C ARG F 170 -7.66 1.76 32.25
N LEU F 171 -7.64 3.02 31.81
CA LEU F 171 -6.41 3.56 31.18
C LEU F 171 -5.31 3.78 32.20
N LEU F 172 -4.12 3.22 31.93
CA LEU F 172 -2.97 3.48 32.82
C LEU F 172 -2.86 4.99 32.96
N ASP F 173 -2.72 5.49 34.19
CA ASP F 173 -2.71 6.96 34.44
C ASP F 173 -3.30 7.70 33.24
N VAL F 186 -2.48 8.72 39.48
CA VAL F 186 -3.56 8.54 40.44
C VAL F 186 -3.17 9.21 41.76
N PRO F 187 -4.12 9.89 42.39
CA PRO F 187 -3.86 10.48 43.72
C PRO F 187 -3.59 9.38 44.74
N ILE F 188 -2.41 9.45 45.35
CA ILE F 188 -1.93 8.34 46.18
C ILE F 188 -2.65 8.27 47.52
N LYS F 189 -3.29 9.36 47.97
CA LYS F 189 -3.92 9.36 49.28
C LYS F 189 -5.31 8.74 49.29
N TRP F 190 -5.86 8.41 48.11
CA TRP F 190 -7.09 7.64 48.01
C TRP F 190 -6.85 6.20 47.57
N MET F 191 -5.60 5.80 47.36
CA MET F 191 -5.29 4.50 46.79
C MET F 191 -5.05 3.46 47.88
N ALA F 192 -5.49 2.23 47.62
CA ALA F 192 -5.17 1.12 48.49
C ALA F 192 -3.66 0.88 48.51
N LEU F 193 -3.21 0.18 49.56
CA LEU F 193 -1.78 -0.09 49.69
C LEU F 193 -1.29 -1.00 48.56
N GLU F 194 -2.06 -2.03 48.23
CA GLU F 194 -1.67 -2.92 47.14
C GLU F 194 -1.68 -2.21 45.79
N SER F 195 -2.40 -1.10 45.67
CA SER F 195 -2.35 -0.30 44.46
C SER F 195 -1.08 0.55 44.38
N ILE F 196 -0.57 1.01 45.53
CA ILE F 196 0.66 1.80 45.54
C ILE F 196 1.87 0.91 45.28
N LEU F 197 1.94 -0.23 45.96
CA LEU F 197 3.12 -1.09 45.89
C LEU F 197 3.08 -1.99 44.66
N ARG F 198 2.04 -2.81 44.55
CA ARG F 198 1.96 -3.83 43.50
C ARG F 198 1.15 -3.37 42.28
N ARG F 199 0.81 -2.09 42.19
CA ARG F 199 0.12 -1.53 41.03
C ARG F 199 -1.20 -2.25 40.73
N ARG F 200 -1.78 -2.86 41.75
CA ARG F 200 -2.97 -3.72 41.60
C ARG F 200 -4.23 -2.93 41.91
N PHE F 201 -5.23 -3.03 41.04
CA PHE F 201 -6.50 -2.34 41.21
C PHE F 201 -7.65 -3.33 41.08
N THR F 202 -8.38 -3.55 42.16
CA THR F 202 -9.59 -4.37 42.17
C THR F 202 -10.77 -3.54 42.66
N HIS F 203 -11.94 -4.19 42.74
CA HIS F 203 -13.09 -3.54 43.36
C HIS F 203 -12.83 -3.25 44.83
N GLN F 204 -12.06 -4.10 45.50
CA GLN F 204 -11.76 -3.90 46.91
C GLN F 204 -10.79 -2.75 47.14
N SER F 205 -9.99 -2.39 46.13
CA SER F 205 -9.19 -1.18 46.25
C SER F 205 -10.07 0.07 46.13
N ASP F 206 -11.17 -0.01 45.39
CA ASP F 206 -12.15 1.07 45.39
C ASP F 206 -12.82 1.22 46.74
N VAL F 207 -13.00 0.12 47.47
CA VAL F 207 -13.56 0.19 48.82
C VAL F 207 -12.65 1.03 49.71
N TRP F 208 -11.34 0.86 49.56
CA TRP F 208 -10.39 1.74 50.24
C TRP F 208 -10.64 3.20 49.87
N SER F 209 -10.74 3.49 48.58
CA SER F 209 -11.07 4.85 48.14
C SER F 209 -12.42 5.28 48.69
N TYR F 210 -13.38 4.35 48.79
CA TYR F 210 -14.67 4.68 49.39
C TYR F 210 -14.51 5.09 50.86
N GLY F 211 -13.67 4.37 51.60
CA GLY F 211 -13.43 4.74 52.99
C GLY F 211 -12.85 6.13 53.14
N VAL F 212 -11.88 6.46 52.27
CA VAL F 212 -11.30 7.81 52.29
C VAL F 212 -12.37 8.84 51.92
N THR F 213 -13.19 8.52 50.91
CA THR F 213 -14.24 9.45 50.50
C THR F 213 -15.20 9.75 51.65
N VAL F 214 -15.61 8.71 52.39
CA VAL F 214 -16.47 8.92 53.55
C VAL F 214 -15.76 9.77 54.59
N TRP F 215 -14.46 9.54 54.79
CA TRP F 215 -13.68 10.36 55.71
C TRP F 215 -13.74 11.83 55.30
N GLU F 216 -13.65 12.12 54.00
CA GLU F 216 -13.74 13.50 53.55
C GLU F 216 -15.06 14.14 53.94
N LEU F 217 -16.16 13.39 53.80
CA LEU F 217 -17.47 13.92 54.17
C LEU F 217 -17.56 14.16 55.68
N MET F 218 -17.25 13.15 56.48
CA MET F 218 -17.42 13.26 57.93
C MET F 218 -16.52 14.32 58.54
N THR F 219 -15.49 14.75 57.82
CA THR F 219 -14.65 15.85 58.28
C THR F 219 -15.04 17.18 57.66
N PHE F 220 -16.13 17.22 56.89
CA PHE F 220 -16.58 18.43 56.18
C PHE F 220 -15.50 18.93 55.22
N GLY F 221 -14.92 18.01 54.46
CA GLY F 221 -13.99 18.36 53.42
C GLY F 221 -12.56 18.61 53.86
N ALA F 222 -12.10 17.91 54.88
CA ALA F 222 -10.68 18.00 55.25
C ALA F 222 -9.82 17.30 54.22
N LYS F 223 -8.55 17.69 54.17
CA LYS F 223 -7.60 17.07 53.27
C LYS F 223 -6.93 15.89 53.97
N PRO F 224 -7.05 14.68 53.45
CA PRO F 224 -6.43 13.52 54.13
C PRO F 224 -4.91 13.66 54.20
N TYR F 225 -4.35 13.25 55.34
CA TYR F 225 -2.91 13.30 55.59
C TYR F 225 -2.35 14.68 55.25
N ASP F 226 -3.06 15.73 55.70
CA ASP F 226 -2.70 17.09 55.31
C ASP F 226 -1.29 17.44 55.75
N GLY F 227 -0.52 18.01 54.82
CA GLY F 227 0.86 18.36 55.08
C GLY F 227 1.84 17.23 54.88
N ILE F 228 1.39 15.98 54.94
CA ILE F 228 2.26 14.82 54.77
C ILE F 228 2.58 14.68 53.28
N PRO F 229 3.85 14.69 52.89
CA PRO F 229 4.19 14.51 51.48
C PRO F 229 3.75 13.14 50.98
N ALA F 230 3.50 13.05 49.68
CA ALA F 230 3.02 11.81 49.08
C ALA F 230 4.05 10.69 49.22
N ARG F 231 5.33 11.03 49.33
CA ARG F 231 6.36 10.01 49.48
C ARG F 231 6.15 9.19 50.75
N GLU F 232 5.71 9.83 51.83
CA GLU F 232 5.60 9.19 53.13
C GLU F 232 4.36 8.32 53.29
N ILE F 233 3.39 8.41 52.38
CA ILE F 233 2.14 7.67 52.57
C ILE F 233 2.34 6.17 52.65
N PRO F 234 3.06 5.51 51.73
CA PRO F 234 3.17 4.05 51.84
C PRO F 234 3.90 3.59 53.10
N ASP F 235 4.96 4.29 53.48
CA ASP F 235 5.63 3.98 54.74
C ASP F 235 4.74 4.26 55.93
N LEU F 236 3.99 5.36 55.89
CA LEU F 236 3.02 5.67 56.94
C LEU F 236 1.96 4.58 57.05
N LEU F 237 1.41 4.17 55.91
CA LEU F 237 0.36 3.15 55.92
C LEU F 237 0.89 1.80 56.37
N GLU F 238 2.11 1.44 55.95
CA GLU F 238 2.69 0.16 56.34
C GLU F 238 3.06 0.10 57.81
N LYS F 239 3.24 1.25 58.46
CA LYS F 239 3.53 1.29 59.89
C LYS F 239 2.26 1.26 60.74
N GLY F 240 1.09 1.11 60.12
CA GLY F 240 -0.14 0.90 60.85
C GLY F 240 -0.99 2.14 61.09
N GLU F 241 -0.56 3.30 60.62
CA GLU F 241 -1.34 4.50 60.84
C GLU F 241 -2.41 4.66 59.77
N ARG F 242 -3.53 5.26 60.17
CA ARG F 242 -4.64 5.54 59.27
C ARG F 242 -5.13 6.96 59.52
N LEU F 243 -6.15 7.35 58.75
CA LEU F 243 -6.79 8.65 58.97
C LEU F 243 -7.50 8.65 60.32
N PRO F 244 -7.45 9.75 61.06
CA PRO F 244 -8.00 9.76 62.42
C PRO F 244 -9.52 9.72 62.39
N GLN F 245 -10.09 9.48 63.57
CA GLN F 245 -11.53 9.43 63.73
C GLN F 245 -12.11 10.83 63.61
N PRO F 246 -13.05 11.08 62.71
CA PRO F 246 -13.69 12.39 62.64
C PRO F 246 -14.47 12.67 63.91
N PRO F 247 -14.45 13.92 64.38
CA PRO F 247 -15.11 14.22 65.67
C PRO F 247 -16.59 13.86 65.71
N ILE F 248 -17.30 14.05 64.59
CA ILE F 248 -18.75 13.80 64.57
C ILE F 248 -19.09 12.32 64.43
N CYS F 249 -18.10 11.47 64.25
CA CYS F 249 -18.34 10.04 64.06
C CYS F 249 -18.42 9.30 65.37
N THR F 250 -19.41 8.43 65.49
CA THR F 250 -19.36 7.38 66.48
C THR F 250 -18.38 6.30 66.03
N ILE F 251 -17.94 5.48 66.99
CA ILE F 251 -17.01 4.40 66.65
C ILE F 251 -17.68 3.41 65.70
N ASP F 252 -18.98 3.50 65.59
CA ASP F 252 -19.69 2.56 64.71
C ASP F 252 -19.36 2.94 63.28
N VAL F 253 -19.45 4.23 62.94
CA VAL F 253 -19.13 4.69 61.59
C VAL F 253 -17.65 4.59 61.32
N TYR F 254 -16.82 5.01 62.28
CA TYR F 254 -15.38 4.98 62.10
C TYR F 254 -14.88 3.55 61.90
N MET F 255 -15.58 2.56 62.46
CA MET F 255 -15.14 1.18 62.34
C MET F 255 -15.32 0.66 60.92
N ILE F 256 -16.33 1.17 60.20
CA ILE F 256 -16.50 0.81 58.81
C ILE F 256 -15.33 1.33 57.98
N MET F 257 -14.94 2.59 58.21
CA MET F 257 -13.79 3.16 57.52
C MET F 257 -12.52 2.36 57.80
N VAL F 258 -12.31 1.97 59.06
CA VAL F 258 -11.12 1.20 59.41
C VAL F 258 -11.09 -0.12 58.64
N LYS F 259 -12.25 -0.78 58.52
CA LYS F 259 -12.32 -2.00 57.73
C LYS F 259 -11.92 -1.77 56.28
N CYS F 260 -12.33 -0.62 55.73
CA CYS F 260 -12.01 -0.32 54.34
C CYS F 260 -10.52 -0.07 54.10
N TRP F 261 -9.73 0.14 55.15
CA TRP F 261 -8.31 0.38 55.03
C TRP F 261 -7.47 -0.78 55.57
N MET F 262 -8.05 -1.97 55.67
CA MET F 262 -7.28 -3.15 56.02
C MET F 262 -6.32 -3.50 54.88
N ILE F 263 -5.11 -3.91 55.26
CA ILE F 263 -4.09 -4.22 54.26
C ILE F 263 -4.52 -5.40 53.39
N ASP F 264 -5.10 -6.43 54.00
CA ASP F 264 -5.64 -7.54 53.24
C ASP F 264 -6.99 -7.12 52.63
N SER F 265 -7.05 -7.11 51.31
CA SER F 265 -8.27 -6.68 50.60
C SER F 265 -9.43 -7.58 50.98
N GLU F 266 -9.15 -8.84 51.28
CA GLU F 266 -10.23 -9.80 51.60
C GLU F 266 -10.90 -9.34 52.89
N CYS F 267 -10.13 -8.72 53.77
CA CYS F 267 -10.68 -8.17 55.04
C CYS F 267 -11.64 -7.01 54.79
N ARG F 268 -11.46 -6.24 53.72
CA ARG F 268 -12.27 -5.03 53.47
C ARG F 268 -13.74 -5.36 53.21
N PRO F 269 -14.69 -4.45 53.55
CA PRO F 269 -16.12 -4.69 53.35
C PRO F 269 -16.56 -4.66 51.88
N ARG F 270 -17.57 -5.45 51.50
CA ARG F 270 -18.06 -5.43 50.14
C ARG F 270 -19.02 -4.27 49.96
N PHE F 271 -19.13 -3.77 48.73
CA PHE F 271 -19.98 -2.63 48.47
C PHE F 271 -21.44 -2.91 48.81
N ARG F 272 -21.89 -4.16 48.62
CA ARG F 272 -23.26 -4.49 48.99
C ARG F 272 -23.45 -4.50 50.50
N GLU F 273 -22.40 -4.80 51.27
CA GLU F 273 -22.48 -4.65 52.72
C GLU F 273 -22.47 -3.18 53.10
N LEU F 274 -21.60 -2.38 52.47
CA LEU F 274 -21.54 -0.96 52.75
C LEU F 274 -22.88 -0.27 52.47
N VAL F 275 -23.62 -0.75 51.48
CA VAL F 275 -24.96 -0.24 51.23
C VAL F 275 -25.88 -0.56 52.39
N SER F 276 -25.94 -1.83 52.80
CA SER F 276 -26.88 -2.25 53.82
C SER F 276 -26.52 -1.70 55.19
N GLU F 277 -25.24 -1.52 55.48
CA GLU F 277 -24.85 -1.00 56.78
C GLU F 277 -25.14 0.51 56.87
N PHE F 278 -24.83 1.25 55.80
CA PHE F 278 -25.11 2.69 55.80
C PHE F 278 -26.60 2.99 55.63
N SER F 279 -27.34 2.10 54.97
CA SER F 279 -28.79 2.26 54.94
C SER F 279 -29.39 2.04 56.31
N ARG F 280 -28.80 1.13 57.09
CA ARG F 280 -29.22 0.92 58.47
C ARG F 280 -28.93 2.15 59.32
N MET F 281 -27.78 2.77 59.10
CA MET F 281 -27.41 3.94 59.93
C MET F 281 -28.19 5.15 59.48
N ALA F 282 -28.45 5.26 58.19
CA ALA F 282 -29.27 6.37 57.71
C ALA F 282 -30.71 6.30 58.27
N ARG F 283 -31.17 5.10 58.60
CA ARG F 283 -32.50 4.95 59.19
C ARG F 283 -32.56 5.44 60.63
N ASP F 284 -31.43 5.48 61.34
CA ASP F 284 -31.34 6.04 62.68
C ASP F 284 -30.11 6.95 62.76
N PRO F 285 -30.18 8.13 62.13
CA PRO F 285 -28.98 8.97 62.03
C PRO F 285 -28.47 9.50 63.35
N GLN F 286 -29.33 9.68 64.36
CA GLN F 286 -28.88 10.27 65.61
C GLN F 286 -27.95 9.32 66.38
N ARG F 287 -28.10 8.01 66.17
CA ARG F 287 -27.29 7.03 66.90
C ARG F 287 -25.83 7.01 66.47
N PHE F 288 -25.52 7.51 65.29
CA PHE F 288 -24.15 7.25 64.76
C PHE F 288 -23.37 8.48 64.32
N VAL F 289 -24.01 9.61 64.14
CA VAL F 289 -23.28 10.82 63.80
C VAL F 289 -23.82 11.96 64.64
N VAL F 290 -22.93 12.68 65.32
CA VAL F 290 -23.29 13.72 66.27
C VAL F 290 -22.70 15.04 65.75
N ILE F 291 -23.53 15.86 65.12
CA ILE F 291 -23.00 17.07 64.44
C ILE F 291 -22.81 18.22 65.44
N GLN F 292 -23.24 18.03 66.67
CA GLN F 292 -23.16 19.13 67.68
C GLN F 292 -21.68 19.49 67.80
N ASN F 293 -20.82 18.49 67.74
CA ASN F 293 -19.37 18.76 67.76
C ASN F 293 -19.06 19.66 66.56
N MET G 8 9.11 39.49 -12.71
CA MET G 8 8.31 38.28 -12.71
C MET G 8 8.53 37.47 -11.44
N PRO G 9 7.45 37.12 -10.76
CA PRO G 9 7.58 36.37 -9.51
C PRO G 9 7.97 34.91 -9.79
N ASN G 10 8.83 34.39 -8.93
CA ASN G 10 9.34 33.03 -9.08
C ASN G 10 8.36 32.04 -8.45
N GLN G 11 7.45 31.51 -9.26
CA GLN G 11 6.49 30.49 -8.84
C GLN G 11 7.08 29.09 -8.85
N ALA G 12 8.36 28.97 -8.55
CA ALA G 12 8.91 27.62 -8.50
C ALA G 12 8.25 26.83 -7.39
N GLN G 13 8.31 25.51 -7.51
CA GLN G 13 7.65 24.66 -6.51
C GLN G 13 8.70 23.79 -5.84
N MET G 14 9.00 24.11 -4.59
CA MET G 14 9.89 23.21 -3.82
C MET G 14 8.97 22.14 -3.27
N ARG G 15 9.16 20.94 -3.75
CA ARG G 15 8.36 19.84 -3.22
C ARG G 15 9.08 19.34 -1.99
N ILE G 16 8.39 19.28 -0.88
CA ILE G 16 8.92 18.71 0.34
C ILE G 16 8.43 17.29 0.46
N LEU G 17 9.36 16.33 0.48
CA LEU G 17 9.03 14.92 0.37
C LEU G 17 9.12 14.20 1.71
N LYS G 18 8.16 13.33 1.96
CA LYS G 18 8.21 12.40 3.08
C LYS G 18 9.18 11.26 2.75
N GLU G 19 9.92 10.80 3.77
CA GLU G 19 10.93 9.79 3.52
C GLU G 19 10.35 8.45 3.09
N THR G 20 9.09 8.17 3.44
CA THR G 20 8.49 6.89 3.13
C THR G 20 8.00 6.77 1.69
N GLU G 21 7.94 7.87 0.94
CA GLU G 21 7.60 7.79 -0.47
C GLU G 21 8.85 7.72 -1.35
N LEU G 22 9.98 7.32 -0.77
CA LEU G 22 11.23 7.10 -1.51
C LEU G 22 11.74 5.70 -1.21
N ARG G 23 12.19 5.01 -2.26
CA ARG G 23 12.78 3.68 -2.14
C ARG G 23 14.21 3.76 -2.64
N LYS G 24 15.18 3.61 -1.74
CA LYS G 24 16.59 3.63 -2.11
C LYS G 24 16.98 2.26 -2.65
N VAL G 25 17.30 2.19 -3.95
CA VAL G 25 17.54 0.91 -4.61
C VAL G 25 19.02 0.55 -4.63
N LYS G 26 19.88 1.47 -5.08
CA LYS G 26 21.30 1.16 -5.24
C LYS G 26 22.11 2.44 -5.14
N VAL G 27 23.31 2.31 -4.56
CA VAL G 27 24.21 3.43 -4.39
C VAL G 27 24.84 3.80 -5.72
N LEU G 28 24.85 5.09 -6.05
CA LEU G 28 25.57 5.58 -7.20
C LEU G 28 26.90 6.25 -6.85
N GLY G 29 27.03 6.78 -5.64
CA GLY G 29 28.31 7.31 -5.21
C GLY G 29 28.31 8.19 -3.97
N SER G 30 29.36 7.95 -3.19
CA SER G 30 29.52 8.67 -1.92
C SER G 30 30.97 9.09 -1.76
N GLY G 31 31.18 10.30 -1.28
CA GLY G 31 32.54 10.75 -0.94
C GLY G 31 32.45 11.34 0.45
N ALA G 32 32.81 12.60 0.62
CA ALA G 32 32.59 13.25 1.92
C ALA G 32 31.53 14.32 1.73
N PHE G 33 30.79 14.26 0.64
CA PHE G 33 29.81 15.32 0.32
C PHE G 33 28.40 14.81 0.59
N GLY G 34 28.22 13.51 0.51
CA GLY G 34 26.92 12.91 0.69
C GLY G 34 26.91 11.60 -0.08
N THR G 35 25.89 10.78 0.09
CA THR G 35 25.77 9.56 -0.67
C THR G 35 24.60 9.72 -1.64
N VAL G 36 24.82 9.33 -2.89
CA VAL G 36 23.80 9.44 -3.93
C VAL G 36 23.28 8.04 -4.24
N TYR G 37 21.96 7.86 -4.11
CA TYR G 37 21.32 6.58 -4.34
C TYR G 37 20.44 6.65 -5.58
N LYS G 38 20.46 5.59 -6.37
CA LYS G 38 19.43 5.36 -7.37
C LYS G 38 18.19 4.82 -6.66
N GLY G 39 17.03 5.37 -6.99
CA GLY G 39 15.85 4.96 -6.26
C GLY G 39 14.55 5.29 -6.98
N ILE G 40 13.45 5.03 -6.27
CA ILE G 40 12.11 5.17 -6.80
C ILE G 40 11.34 6.13 -5.89
N TRP G 41 10.72 7.15 -6.48
CA TRP G 41 9.87 8.07 -5.75
C TRP G 41 8.42 7.75 -6.09
N ILE G 42 7.62 7.47 -5.07
CA ILE G 42 6.20 7.20 -5.27
C ILE G 42 5.43 8.35 -4.63
N PRO G 43 5.09 9.43 -5.38
CA PRO G 43 4.32 10.53 -4.80
C PRO G 43 3.12 10.01 -4.00
N ASP G 44 2.62 10.83 -3.06
CA ASP G 44 1.53 10.35 -2.17
C ASP G 44 0.26 10.03 -2.97
N GLY G 45 -0.38 8.89 -2.67
CA GLY G 45 -1.63 8.51 -3.35
C GLY G 45 -1.41 8.07 -4.78
N GLU G 46 -0.84 8.95 -5.60
CA GLU G 46 -0.62 8.62 -7.03
C GLU G 46 0.34 7.44 -7.06
N ASN G 47 0.07 6.45 -7.92
CA ASN G 47 0.92 5.23 -7.91
C ASN G 47 2.11 5.42 -8.84
N VAL G 48 2.17 6.55 -9.55
CA VAL G 48 3.27 6.75 -10.54
C VAL G 48 4.59 6.41 -9.86
N LYS G 49 5.45 5.64 -10.52
CA LYS G 49 6.79 5.38 -10.00
C LYS G 49 7.78 6.14 -10.87
N ILE G 50 8.57 7.00 -10.24
CA ILE G 50 9.50 7.88 -10.93
C ILE G 50 10.91 7.46 -10.56
N PRO G 51 11.75 7.07 -11.51
CA PRO G 51 13.17 6.80 -11.21
C PRO G 51 13.85 8.10 -10.82
N VAL G 52 14.44 8.12 -9.62
CA VAL G 52 15.03 9.33 -9.07
C VAL G 52 16.43 9.04 -8.56
N ALA G 53 17.23 10.10 -8.48
CA ALA G 53 18.48 10.10 -7.76
C ALA G 53 18.29 10.82 -6.43
N ILE G 54 18.82 10.23 -5.36
CA ILE G 54 18.64 10.74 -4.01
C ILE G 54 20.02 10.96 -3.41
N LYS G 55 20.30 12.19 -2.99
CA LYS G 55 21.57 12.51 -2.31
C LYS G 55 21.27 12.83 -0.85
N VAL G 56 21.64 11.91 0.04
CA VAL G 56 21.58 12.14 1.48
C VAL G 56 22.92 12.73 1.90
N LEU G 57 22.89 13.95 2.44
CA LEU G 57 24.13 14.64 2.78
C LEU G 57 24.76 14.00 4.01
N ARG G 58 25.82 14.61 4.52
CA ARG G 58 26.53 14.05 5.66
C ARG G 58 25.78 14.33 6.96
N GLU G 59 26.07 13.51 7.97
CA GLU G 59 25.38 13.62 9.26
C GLU G 59 25.71 14.94 9.96
N ASN G 60 26.99 15.17 10.23
CA ASN G 60 27.44 16.35 10.96
C ASN G 60 27.50 17.59 10.06
N THR G 61 26.32 18.00 9.59
CA THR G 61 26.16 19.20 8.78
C THR G 61 25.88 20.39 9.71
N SER G 62 26.76 21.40 9.64
CA SER G 62 26.70 22.61 10.44
C SER G 62 25.65 23.57 9.92
N PRO G 63 25.22 24.56 10.76
CA PRO G 63 24.24 25.55 10.30
C PRO G 63 24.71 26.30 9.08
N LYS G 64 25.94 26.82 9.13
CA LYS G 64 26.54 27.50 7.99
C LYS G 64 26.37 26.66 6.74
N ALA G 65 26.74 25.37 6.83
CA ALA G 65 26.65 24.46 5.68
C ALA G 65 25.23 24.04 5.33
N ASN G 66 24.25 24.26 6.21
CA ASN G 66 22.87 24.00 5.88
C ASN G 66 22.12 25.28 5.54
N LYS G 67 22.83 26.31 5.09
CA LYS G 67 22.18 27.49 4.56
C LYS G 67 22.17 27.46 3.04
N GLU G 68 23.32 27.16 2.44
CA GLU G 68 23.42 27.10 0.98
C GLU G 68 22.48 26.07 0.37
N ILE G 69 22.26 24.95 1.06
CA ILE G 69 21.43 23.87 0.50
C ILE G 69 20.08 24.41 0.07
N LEU G 70 19.43 25.17 0.97
CA LEU G 70 18.11 25.70 0.67
C LEU G 70 18.21 26.78 -0.40
N ASP G 71 19.25 27.61 -0.29
CA ASP G 71 19.51 28.68 -1.24
C ASP G 71 20.02 28.16 -2.57
N GLU G 72 20.73 27.02 -2.59
CA GLU G 72 20.93 26.37 -3.88
C GLU G 72 19.61 25.80 -4.38
N ALA G 73 18.78 25.32 -3.45
CA ALA G 73 17.45 24.81 -3.77
C ALA G 73 16.52 25.91 -4.23
N TYR G 74 16.69 27.12 -3.73
CA TYR G 74 15.84 28.23 -4.13
C TYR G 74 16.01 28.50 -5.62
N VAL G 75 17.25 28.53 -6.10
CA VAL G 75 17.49 28.83 -7.49
C VAL G 75 17.55 27.57 -8.35
N MET G 76 18.07 26.46 -7.82
CA MET G 76 18.12 25.25 -8.61
C MET G 76 17.03 24.23 -8.22
N ALA G 77 15.84 24.75 -7.99
CA ALA G 77 14.63 23.89 -7.88
C ALA G 77 13.71 24.74 -8.72
N GLY G 78 14.25 25.87 -9.17
CA GLY G 78 13.48 26.79 -10.02
C GLY G 78 13.72 26.44 -11.47
N VAL G 79 12.66 26.47 -12.27
CA VAL G 79 12.79 26.05 -13.70
C VAL G 79 13.78 27.00 -14.38
N GLY G 80 14.70 26.44 -15.16
CA GLY G 80 15.70 27.26 -15.86
C GLY G 80 16.14 26.63 -17.15
N SER G 81 17.42 26.32 -17.28
CA SER G 81 17.91 25.81 -18.55
C SER G 81 17.90 24.28 -18.57
N PRO G 82 17.63 23.68 -19.72
CA PRO G 82 17.62 22.20 -19.79
C PRO G 82 18.98 21.55 -19.55
N TYR G 83 20.07 22.32 -19.40
CA TYR G 83 21.39 21.74 -19.26
C TYR G 83 21.93 21.82 -17.83
N VAL G 84 21.05 22.08 -16.85
CA VAL G 84 21.41 22.06 -15.45
C VAL G 84 20.39 21.18 -14.72
N SER G 85 20.87 20.30 -13.85
CA SER G 85 19.97 19.42 -13.12
C SER G 85 19.07 20.23 -12.21
N ARG G 86 17.79 19.90 -12.21
CA ARG G 86 16.80 20.63 -11.43
C ARG G 86 16.43 19.79 -10.21
N LEU G 87 16.29 20.45 -9.06
CA LEU G 87 15.92 19.75 -7.84
C LEU G 87 14.43 19.47 -7.85
N LEU G 88 14.06 18.20 -7.73
CA LEU G 88 12.65 17.83 -7.69
C LEU G 88 12.06 18.09 -6.31
N GLY G 89 12.76 17.65 -5.26
CA GLY G 89 12.23 17.83 -3.93
C GLY G 89 13.29 17.65 -2.88
N ILE G 90 12.93 18.01 -1.65
CA ILE G 90 13.81 17.91 -0.49
C ILE G 90 13.09 17.10 0.58
N CYS G 91 13.81 16.18 1.20
CA CYS G 91 13.30 15.39 2.33
C CYS G 91 13.90 15.98 3.61
N LEU G 92 13.08 16.68 4.38
CA LEU G 92 13.57 17.39 5.55
C LEU G 92 13.67 16.49 6.77
N THR G 93 14.36 15.36 6.63
CA THR G 93 14.71 14.55 7.79
C THR G 93 15.81 15.26 8.59
N SER G 94 16.24 14.62 9.68
CA SER G 94 17.35 15.16 10.46
C SER G 94 18.58 15.36 9.59
N THR G 95 18.82 14.43 8.66
CA THR G 95 19.83 14.58 7.63
C THR G 95 19.11 14.84 6.31
N VAL G 96 19.37 16.01 5.71
CA VAL G 96 18.62 16.43 4.53
C VAL G 96 18.91 15.48 3.37
N GLN G 97 17.87 15.16 2.62
CA GLN G 97 17.96 14.33 1.43
C GLN G 97 17.45 15.13 0.24
N LEU G 98 18.19 15.10 -0.86
CA LEU G 98 17.83 15.84 -2.07
C LEU G 98 17.46 14.85 -3.16
N VAL G 99 16.32 15.10 -3.83
CA VAL G 99 15.75 14.19 -4.81
C VAL G 99 15.68 14.89 -6.16
N THR G 100 16.14 14.22 -7.20
CA THR G 100 16.15 14.73 -8.56
C THR G 100 15.87 13.58 -9.52
N GLN G 101 15.40 13.93 -10.71
CA GLN G 101 15.14 12.93 -11.74
C GLN G 101 16.40 12.14 -12.05
N LEU G 102 16.23 10.83 -12.25
CA LEU G 102 17.37 9.98 -12.56
C LEU G 102 17.74 10.14 -14.03
N MET G 103 19.01 10.44 -14.28
CA MET G 103 19.54 10.49 -15.63
C MET G 103 20.00 9.09 -16.01
N PRO G 104 19.33 8.40 -16.93
CA PRO G 104 19.56 6.95 -17.08
C PRO G 104 20.94 6.58 -17.58
N TYR G 105 21.62 7.46 -18.33
CA TYR G 105 22.91 7.10 -18.90
C TYR G 105 24.09 7.42 -17.98
N GLY G 106 23.83 7.92 -16.77
CA GLY G 106 24.90 8.11 -15.81
C GLY G 106 25.67 9.41 -16.00
N CYS G 107 26.94 9.37 -15.61
CA CYS G 107 27.81 10.53 -15.69
C CYS G 107 28.62 10.45 -16.98
N LEU G 108 28.91 11.62 -17.56
CA LEU G 108 29.61 11.66 -18.83
C LEU G 108 30.95 10.95 -18.75
N LEU G 109 31.65 11.10 -17.61
CA LEU G 109 32.99 10.51 -17.47
C LEU G 109 32.96 9.01 -17.68
N ASP G 110 31.93 8.32 -17.17
CA ASP G 110 31.84 6.88 -17.45
C ASP G 110 31.27 6.62 -18.84
N HIS G 111 30.35 7.45 -19.32
CA HIS G 111 29.81 7.26 -20.65
C HIS G 111 30.89 7.37 -21.72
N VAL G 112 31.69 8.44 -21.67
CA VAL G 112 32.70 8.67 -22.71
C VAL G 112 33.82 7.64 -22.65
N ARG G 113 34.06 7.05 -21.48
CA ARG G 113 35.16 6.12 -21.34
C ARG G 113 34.84 4.77 -21.99
N GLU G 114 33.61 4.31 -21.86
CA GLU G 114 33.19 3.02 -22.42
C GLU G 114 32.62 3.15 -23.82
N ASN G 115 32.52 4.37 -24.35
CA ASN G 115 32.08 4.60 -25.72
C ASN G 115 33.19 5.18 -26.59
N ARG G 116 34.44 4.88 -26.23
CA ARG G 116 35.57 5.22 -27.07
C ARG G 116 35.51 4.39 -28.35
N GLY G 117 35.71 5.05 -29.49
CA GLY G 117 35.49 4.40 -30.77
C GLY G 117 34.04 4.34 -31.19
N ARG G 118 33.15 5.03 -30.47
CA ARG G 118 31.73 5.03 -30.75
C ARG G 118 31.17 6.44 -30.94
N LEU G 119 31.96 7.48 -30.71
CA LEU G 119 31.50 8.85 -30.65
C LEU G 119 32.03 9.64 -31.83
N GLY G 120 31.16 10.44 -32.46
CA GLY G 120 31.57 11.28 -33.56
C GLY G 120 32.00 12.66 -33.09
N SER G 121 32.49 13.45 -34.04
CA SER G 121 32.94 14.80 -33.72
C SER G 121 31.78 15.68 -33.26
N GLN G 122 30.57 15.43 -33.75
CA GLN G 122 29.44 16.25 -33.34
C GLN G 122 29.01 15.91 -31.91
N ASP G 123 29.09 14.63 -31.52
CA ASP G 123 28.76 14.26 -30.15
C ASP G 123 29.62 15.03 -29.15
N LEU G 124 30.93 15.08 -29.40
CA LEU G 124 31.84 15.77 -28.48
C LEU G 124 31.64 17.28 -28.53
N LEU G 125 31.55 17.84 -29.75
CA LEU G 125 31.38 19.28 -29.86
C LEU G 125 30.00 19.73 -29.37
N ASN G 126 28.97 18.91 -29.56
CA ASN G 126 27.65 19.25 -29.04
C ASN G 126 27.66 19.29 -27.52
N TRP G 127 28.34 18.34 -26.87
CA TRP G 127 28.42 18.32 -25.42
C TRP G 127 29.09 19.58 -24.88
N CYS G 128 30.28 19.90 -25.41
CA CYS G 128 30.99 21.09 -24.97
C CYS G 128 30.14 22.35 -25.12
N MET G 129 29.31 22.40 -26.16
CA MET G 129 28.38 23.51 -26.30
C MET G 129 27.31 23.47 -25.21
N GLN G 130 26.71 22.30 -24.98
CA GLN G 130 25.69 22.18 -23.94
C GLN G 130 26.28 22.47 -22.57
N ILE G 131 27.47 21.95 -22.28
CA ILE G 131 28.12 22.25 -21.00
C ILE G 131 28.39 23.75 -20.89
N ALA G 132 28.80 24.38 -21.99
CA ALA G 132 29.01 25.82 -21.97
C ALA G 132 27.69 26.57 -21.80
N LYS G 133 26.63 26.08 -22.44
CA LYS G 133 25.31 26.68 -22.26
C LYS G 133 24.84 26.56 -20.82
N GLY G 134 25.02 25.38 -20.21
CA GLY G 134 24.63 25.20 -18.83
C GLY G 134 25.39 26.12 -17.88
N MET G 135 26.71 26.25 -18.08
CA MET G 135 27.48 27.15 -17.24
C MET G 135 27.10 28.61 -17.47
N SER G 136 26.67 28.95 -18.68
CA SER G 136 26.22 30.31 -18.96
C SER G 136 24.95 30.65 -18.18
N TYR G 137 24.05 29.68 -18.03
CA TYR G 137 22.87 29.89 -17.21
C TYR G 137 23.26 30.12 -15.75
N LEU G 138 24.17 29.28 -15.23
CA LEU G 138 24.61 29.43 -13.85
C LEU G 138 25.30 30.77 -13.61
N GLU G 139 26.00 31.30 -14.61
CA GLU G 139 26.60 32.62 -14.46
C GLU G 139 25.52 33.71 -14.39
N ASP G 140 24.41 33.52 -15.10
CA ASP G 140 23.34 34.50 -15.04
C ASP G 140 22.63 34.47 -13.69
N VAL G 141 22.60 33.32 -13.02
CA VAL G 141 21.98 33.20 -11.70
C VAL G 141 23.00 33.30 -10.57
N ARG G 142 24.22 33.77 -10.86
CA ARG G 142 25.20 34.19 -9.86
C ARG G 142 25.72 33.03 -9.00
N LEU G 143 25.70 31.80 -9.52
CA LEU G 143 26.20 30.65 -8.79
C LEU G 143 27.54 30.22 -9.37
N VAL G 144 28.50 29.95 -8.48
CA VAL G 144 29.82 29.47 -8.86
C VAL G 144 29.91 27.98 -8.54
N HIS G 145 30.19 27.18 -9.57
CA HIS G 145 30.16 25.71 -9.43
C HIS G 145 31.30 25.22 -8.55
N ARG G 146 32.52 25.70 -8.82
CA ARG G 146 33.75 25.38 -8.08
C ARG G 146 34.18 23.92 -8.23
N ASP G 147 33.32 23.05 -8.77
CA ASP G 147 33.67 21.63 -8.89
C ASP G 147 33.24 21.09 -10.25
N LEU G 148 33.42 21.90 -11.30
CA LEU G 148 33.02 21.49 -12.63
C LEU G 148 33.97 20.43 -13.18
N ALA G 149 33.42 19.31 -13.61
CA ALA G 149 34.21 18.19 -14.11
C ALA G 149 33.29 17.23 -14.85
N ALA G 150 33.90 16.39 -15.68
CA ALA G 150 33.15 15.36 -16.40
C ALA G 150 32.39 14.46 -15.43
N ARG G 151 32.99 14.17 -14.28
CA ARG G 151 32.33 13.36 -13.26
C ARG G 151 31.06 14.02 -12.74
N ASN G 152 30.93 15.34 -12.91
CA ASN G 152 29.78 16.09 -12.43
C ASN G 152 28.88 16.58 -13.57
N VAL G 153 28.94 15.91 -14.72
CA VAL G 153 28.03 16.17 -15.84
C VAL G 153 27.29 14.88 -16.17
N LEU G 154 25.98 14.98 -16.32
CA LEU G 154 25.11 13.82 -16.47
C LEU G 154 24.65 13.68 -17.91
N VAL G 155 24.39 12.45 -18.32
CA VAL G 155 23.91 12.14 -19.66
C VAL G 155 22.44 11.76 -19.54
N LYS G 156 21.55 12.67 -19.93
CA LYS G 156 20.13 12.32 -20.02
C LYS G 156 19.87 11.43 -21.23
N SER G 157 20.35 11.83 -22.40
CA SER G 157 20.25 11.08 -23.63
C SER G 157 21.60 11.24 -24.35
N PRO G 158 21.91 10.41 -25.38
CA PRO G 158 23.25 10.46 -25.98
C PRO G 158 23.69 11.84 -26.46
N ASN G 159 22.75 12.75 -26.71
CA ASN G 159 23.07 14.11 -27.13
C ASN G 159 22.37 15.12 -26.23
N HIS G 160 22.39 14.88 -24.93
CA HIS G 160 21.81 15.80 -23.95
C HIS G 160 22.52 15.58 -22.62
N VAL G 161 23.19 16.63 -22.13
CA VAL G 161 23.93 16.54 -20.88
C VAL G 161 23.49 17.65 -19.93
N LYS G 162 23.75 17.43 -18.64
CA LYS G 162 23.36 18.34 -17.56
C LYS G 162 24.51 18.47 -16.57
N ILE G 163 24.69 19.67 -16.04
CA ILE G 163 25.67 19.91 -14.98
C ILE G 163 25.02 19.60 -13.63
N THR G 164 25.75 18.93 -12.73
CA THR G 164 25.14 18.40 -11.52
C THR G 164 26.12 18.54 -10.35
N ASP G 165 25.85 17.80 -9.26
CA ASP G 165 26.61 17.71 -8.03
C ASP G 165 26.40 18.95 -7.16
N PHE G 166 27.24 19.97 -7.32
CA PHE G 166 27.10 21.23 -6.60
C PHE G 166 27.25 21.11 -5.08
N GLY G 167 27.87 20.03 -4.57
CA GLY G 167 28.09 19.96 -3.15
C GLY G 167 29.09 20.99 -2.68
N LEU G 168 29.99 21.41 -3.56
CA LEU G 168 30.92 22.49 -3.31
C LEU G 168 30.47 23.79 -3.95
N ALA G 169 29.38 23.76 -4.71
CA ALA G 169 28.92 24.96 -5.40
C ALA G 169 28.54 25.97 -4.34
N ARG G 170 29.51 26.82 -4.01
CA ARG G 170 29.48 27.87 -3.01
C ARG G 170 29.55 27.30 -1.60
N LEU G 171 29.72 26.00 -1.44
CA LEU G 171 30.05 25.47 -0.13
C LEU G 171 31.31 24.61 -0.21
N VAL G 186 38.59 20.62 -2.48
CA VAL G 186 38.35 20.60 -3.91
C VAL G 186 39.46 19.83 -4.64
N PRO G 187 39.07 18.92 -5.53
CA PRO G 187 40.03 18.28 -6.44
C PRO G 187 40.89 19.28 -7.21
N ILE G 188 42.17 19.36 -6.85
CA ILE G 188 43.02 20.47 -7.26
C ILE G 188 43.34 20.48 -8.76
N LYS G 189 43.14 19.37 -9.46
CA LYS G 189 43.53 19.33 -10.87
C LYS G 189 42.48 19.92 -11.81
N TRP G 190 41.31 20.32 -11.29
CA TRP G 190 40.34 21.08 -12.06
C TRP G 190 40.26 22.54 -11.63
N MET G 191 41.09 22.98 -10.69
CA MET G 191 40.99 24.31 -10.12
C MET G 191 41.87 25.30 -10.86
N ALA G 192 41.37 26.53 -11.02
CA ALA G 192 42.20 27.61 -11.52
C ALA G 192 43.35 27.88 -10.56
N LEU G 193 44.40 28.50 -11.09
CA LEU G 193 45.59 28.74 -10.27
C LEU G 193 45.29 29.71 -9.14
N GLU G 194 44.52 30.78 -9.43
CA GLU G 194 44.17 31.72 -8.37
C GLU G 194 43.27 31.10 -7.31
N SER G 195 42.54 30.03 -7.66
CA SER G 195 41.78 29.31 -6.66
C SER G 195 42.69 28.46 -5.77
N ILE G 196 43.76 27.93 -6.35
CA ILE G 196 44.71 27.14 -5.57
C ILE G 196 45.50 28.05 -4.62
N LEU G 197 45.96 29.21 -5.11
CA LEU G 197 46.87 30.06 -4.35
C LEU G 197 46.14 30.99 -3.40
N ARG G 198 45.21 31.80 -3.91
CA ARG G 198 44.55 32.83 -3.10
C ARG G 198 43.16 32.43 -2.63
N ARG G 199 42.78 31.16 -2.79
CA ARG G 199 41.47 30.64 -2.38
C ARG G 199 40.31 31.42 -2.99
N ARG G 200 40.50 31.95 -4.20
CA ARG G 200 39.51 32.76 -4.88
C ARG G 200 38.74 31.91 -5.88
N PHE G 201 37.41 31.99 -5.85
CA PHE G 201 36.56 31.27 -6.78
C PHE G 201 35.62 32.26 -7.45
N THR G 202 35.82 32.48 -8.74
CA THR G 202 34.96 33.34 -9.54
C THR G 202 34.33 32.52 -10.67
N HIS G 203 33.51 33.20 -11.47
CA HIS G 203 32.99 32.56 -12.69
C HIS G 203 34.11 32.29 -13.67
N GLN G 204 35.17 33.10 -13.65
CA GLN G 204 36.30 32.88 -14.54
C GLN G 204 37.17 31.71 -14.10
N SER G 205 37.14 31.36 -12.82
CA SER G 205 37.79 30.12 -12.38
C SER G 205 37.00 28.91 -12.84
N ASP G 206 35.68 29.04 -12.95
CA ASP G 206 34.88 27.97 -13.55
C ASP G 206 35.23 27.76 -15.01
N VAL G 207 35.63 28.83 -15.71
CA VAL G 207 36.04 28.70 -17.11
C VAL G 207 37.28 27.82 -17.23
N TRP G 208 38.23 27.99 -16.30
CA TRP G 208 39.37 27.08 -16.20
C TRP G 208 38.89 25.65 -16.00
N SER G 209 37.98 25.44 -15.06
CA SER G 209 37.45 24.10 -14.83
C SER G 209 36.75 23.57 -16.09
N TYR G 210 36.09 24.46 -16.83
CA TYR G 210 35.48 24.06 -18.10
C TYR G 210 36.52 23.57 -19.07
N GLY G 211 37.68 24.24 -19.14
CA GLY G 211 38.73 23.79 -20.03
C GLY G 211 39.22 22.39 -19.72
N VAL G 212 39.38 22.06 -18.43
CA VAL G 212 39.80 20.71 -18.06
C VAL G 212 38.75 19.69 -18.44
N THR G 213 37.47 20.01 -18.20
CA THR G 213 36.39 19.10 -18.55
C THR G 213 36.36 18.85 -20.06
N VAL G 214 36.56 19.91 -20.86
CA VAL G 214 36.63 19.74 -22.30
C VAL G 214 37.81 18.86 -22.67
N TRP G 215 38.94 19.05 -22.00
CA TRP G 215 40.10 18.19 -22.22
C TRP G 215 39.78 16.73 -21.90
N GLU G 216 39.05 16.48 -20.80
CA GLU G 216 38.67 15.11 -20.47
C GLU G 216 37.87 14.46 -21.58
N LEU G 217 36.90 15.20 -22.15
CA LEU G 217 36.10 14.66 -23.24
C LEU G 217 36.95 14.37 -24.46
N MET G 218 37.79 15.33 -24.86
CA MET G 218 38.61 15.18 -26.06
C MET G 218 39.66 14.08 -25.91
N THR G 219 40.04 13.73 -24.68
CA THR G 219 40.93 12.60 -24.42
C THR G 219 40.16 11.32 -24.14
N PHE G 220 38.82 11.35 -24.28
CA PHE G 220 37.95 10.22 -23.96
C PHE G 220 38.11 9.80 -22.50
N GLY G 221 38.12 10.78 -21.61
CA GLY G 221 38.12 10.50 -20.19
C GLY G 221 39.45 10.14 -19.59
N ALA G 222 40.55 10.69 -20.12
CA ALA G 222 41.84 10.50 -19.48
C ALA G 222 41.90 11.27 -18.16
N LYS G 223 42.85 10.89 -17.32
CA LYS G 223 43.06 11.56 -16.06
C LYS G 223 44.04 12.71 -16.24
N PRO G 224 43.64 13.96 -16.01
CA PRO G 224 44.57 15.08 -16.18
C PRO G 224 45.75 14.96 -15.24
N TYR G 225 46.94 15.32 -15.75
CA TYR G 225 48.18 15.26 -15.00
C TYR G 225 48.37 13.87 -14.39
N ASP G 226 48.15 12.84 -15.21
CA ASP G 226 48.12 11.46 -14.73
C ASP G 226 49.41 11.08 -14.03
N GLY G 227 49.29 10.52 -12.82
CA GLY G 227 50.42 10.10 -12.04
C GLY G 227 51.05 11.19 -11.20
N ILE G 228 50.85 12.45 -11.55
CA ILE G 228 51.46 13.58 -10.86
C ILE G 228 50.78 13.79 -9.51
N PRO G 229 51.54 13.77 -8.40
CA PRO G 229 50.93 14.05 -7.09
C PRO G 229 50.32 15.43 -7.06
N ALA G 230 49.25 15.57 -6.26
CA ALA G 230 48.47 16.80 -6.24
C ALA G 230 49.26 17.98 -5.68
N ARG G 231 50.23 17.71 -4.81
CA ARG G 231 51.05 18.79 -4.26
C ARG G 231 51.95 19.43 -5.29
N GLU G 232 52.25 18.73 -6.39
CA GLU G 232 53.10 19.25 -7.45
C GLU G 232 52.35 20.11 -8.46
N ILE G 233 51.02 20.09 -8.45
CA ILE G 233 50.25 20.80 -9.46
C ILE G 233 50.51 22.31 -9.46
N PRO G 234 50.46 23.02 -8.32
CA PRO G 234 50.63 24.48 -8.38
C PRO G 234 51.99 24.92 -8.92
N ASP G 235 53.05 24.20 -8.55
CA ASP G 235 54.37 24.51 -9.10
C ASP G 235 54.42 24.20 -10.60
N LEU G 236 53.79 23.12 -11.02
CA LEU G 236 53.72 22.77 -12.44
C LEU G 236 53.05 23.88 -13.24
N LEU G 237 51.91 24.38 -12.74
CA LEU G 237 51.18 25.41 -13.46
C LEU G 237 51.93 26.73 -13.50
N GLU G 238 52.60 27.08 -12.40
CA GLU G 238 53.36 28.33 -12.37
C GLU G 238 54.56 28.29 -13.30
N LYS G 239 55.08 27.11 -13.58
CA LYS G 239 56.18 26.95 -14.52
C LYS G 239 55.72 26.90 -15.98
N GLY G 240 54.43 27.11 -16.24
CA GLY G 240 53.95 27.27 -17.59
C GLY G 240 53.40 26.04 -18.27
N GLU G 241 53.39 24.89 -17.60
CA GLU G 241 52.88 23.68 -18.22
C GLU G 241 51.37 23.60 -18.09
N ARG G 242 50.73 23.03 -19.11
CA ARG G 242 49.30 22.77 -19.11
C ARG G 242 49.07 21.35 -19.65
N LEU G 243 47.80 20.96 -19.72
CA LEU G 243 47.47 19.67 -20.29
C LEU G 243 47.81 19.65 -21.78
N PRO G 244 48.34 18.54 -22.29
CA PRO G 244 48.75 18.50 -23.70
C PRO G 244 47.56 18.48 -24.64
N GLN G 245 47.87 18.62 -25.91
CA GLN G 245 46.85 18.64 -26.95
C GLN G 245 46.29 17.23 -27.16
N PRO G 246 44.97 17.04 -27.07
CA PRO G 246 44.40 15.73 -27.35
C PRO G 246 44.63 15.35 -28.80
N PRO G 247 44.81 14.06 -29.09
CA PRO G 247 45.08 13.65 -30.49
C PRO G 247 43.98 14.08 -31.45
N ILE G 248 42.72 14.05 -31.02
CA ILE G 248 41.60 14.32 -31.92
C ILE G 248 41.30 15.81 -32.09
N CYS G 249 41.97 16.67 -31.34
CA CYS G 249 41.70 18.10 -31.39
C CYS G 249 42.53 18.76 -32.48
N THR G 250 41.86 19.55 -33.31
CA THR G 250 42.59 20.53 -34.11
C THR G 250 43.11 21.63 -33.20
N ILE G 251 44.05 22.42 -33.72
CA ILE G 251 44.60 23.52 -32.93
C ILE G 251 43.53 24.55 -32.61
N ASP G 252 42.45 24.60 -33.39
CA ASP G 252 41.34 25.50 -33.09
C ASP G 252 40.73 25.19 -31.73
N VAL G 253 40.35 23.93 -31.50
CA VAL G 253 39.71 23.55 -30.24
C VAL G 253 40.69 23.67 -29.08
N TYR G 254 41.92 23.17 -29.27
CA TYR G 254 42.92 23.26 -28.20
C TYR G 254 43.25 24.70 -27.86
N MET G 255 43.11 25.61 -28.82
CA MET G 255 43.35 27.02 -28.53
C MET G 255 42.31 27.57 -27.55
N ILE G 256 41.09 27.04 -27.61
CA ILE G 256 40.06 27.43 -26.64
C ILE G 256 40.47 26.99 -25.24
N MET G 257 40.90 25.73 -25.10
CA MET G 257 41.34 25.21 -23.81
C MET G 257 42.48 26.05 -23.25
N VAL G 258 43.47 26.36 -24.09
CA VAL G 258 44.62 27.14 -23.64
C VAL G 258 44.16 28.49 -23.12
N LYS G 259 43.19 29.11 -23.81
CA LYS G 259 42.63 30.37 -23.33
C LYS G 259 41.98 30.22 -21.97
N CYS G 260 41.36 29.07 -21.71
CA CYS G 260 40.76 28.84 -20.40
C CYS G 260 41.80 28.72 -19.30
N TRP G 261 43.05 28.42 -19.64
CA TRP G 261 44.10 28.20 -18.66
C TRP G 261 45.11 29.35 -18.62
N MET G 262 44.72 30.54 -19.08
CA MET G 262 45.57 31.71 -18.87
C MET G 262 45.62 32.05 -17.39
N ILE G 263 46.80 32.47 -16.93
CA ILE G 263 46.94 32.80 -15.51
C ILE G 263 46.11 34.04 -15.17
N ASP G 264 46.06 35.00 -16.08
CA ASP G 264 45.22 36.17 -15.90
C ASP G 264 43.78 35.79 -16.20
N SER G 265 42.90 35.93 -15.21
CA SER G 265 41.52 35.47 -15.35
C SER G 265 40.75 36.27 -16.41
N GLU G 266 41.10 37.55 -16.60
CA GLU G 266 40.41 38.37 -17.58
C GLU G 266 40.90 38.12 -19.00
N CYS G 267 41.82 37.18 -19.19
CA CYS G 267 42.21 36.70 -20.51
C CYS G 267 41.47 35.43 -20.90
N ARG G 268 40.74 34.82 -19.98
CA ARG G 268 39.98 33.61 -20.24
C ARG G 268 38.69 33.93 -20.97
N PRO G 269 38.14 32.98 -21.71
CA PRO G 269 36.88 33.23 -22.41
C PRO G 269 35.74 33.41 -21.44
N ARG G 270 34.72 34.13 -21.89
CA ARG G 270 33.45 34.15 -21.19
C ARG G 270 32.63 32.96 -21.65
N PHE G 271 31.73 32.51 -20.77
CA PHE G 271 30.91 31.35 -21.11
C PHE G 271 30.04 31.61 -22.33
N ARG G 272 29.60 32.85 -22.52
CA ARG G 272 28.79 33.17 -23.69
C ARG G 272 29.62 33.10 -24.98
N GLU G 273 30.90 33.44 -24.91
CA GLU G 273 31.77 33.21 -26.06
C GLU G 273 31.97 31.72 -26.30
N LEU G 274 32.15 30.96 -25.21
CA LEU G 274 32.27 29.51 -25.34
C LEU G 274 31.00 28.91 -25.95
N VAL G 275 29.84 29.49 -25.65
CA VAL G 275 28.60 29.05 -26.27
C VAL G 275 28.65 29.31 -27.78
N SER G 276 29.07 30.52 -28.16
CA SER G 276 29.06 30.91 -29.56
C SER G 276 30.22 30.30 -30.36
N GLU G 277 31.28 29.87 -29.68
CA GLU G 277 32.41 29.27 -30.40
C GLU G 277 32.20 27.78 -30.65
N PHE G 278 31.70 27.05 -29.65
CA PHE G 278 31.47 25.62 -29.84
C PHE G 278 30.23 25.36 -30.67
N SER G 279 29.25 26.26 -30.65
CA SER G 279 28.12 26.16 -31.57
C SER G 279 28.54 26.43 -33.00
N ARG G 280 29.50 27.35 -33.20
CA ARG G 280 30.03 27.57 -34.53
C ARG G 280 30.75 26.33 -35.04
N MET G 281 31.51 25.67 -34.16
CA MET G 281 32.19 24.43 -34.55
C MET G 281 31.24 23.26 -34.64
N ALA G 282 30.19 23.21 -33.81
CA ALA G 282 29.22 22.14 -33.89
C ALA G 282 28.45 22.14 -35.20
N ARG G 283 28.35 23.31 -35.85
CA ARG G 283 27.69 23.37 -37.14
C ARG G 283 28.53 22.70 -38.23
N ASP G 284 29.86 22.78 -38.11
CA ASP G 284 30.78 22.13 -39.03
C ASP G 284 31.76 21.29 -38.21
N PRO G 285 31.30 20.14 -37.70
CA PRO G 285 32.14 19.36 -36.77
C PRO G 285 33.39 18.76 -37.42
N GLN G 286 33.38 18.54 -38.74
CA GLN G 286 34.51 17.88 -39.39
C GLN G 286 35.76 18.75 -39.41
N ARG G 287 35.59 20.08 -39.45
CA ARG G 287 36.75 20.98 -39.53
C ARG G 287 37.56 21.02 -38.25
N PHE G 288 37.00 20.60 -37.12
CA PHE G 288 37.55 20.93 -35.82
C PHE G 288 37.93 19.74 -34.95
N VAL G 289 37.37 18.56 -35.21
CA VAL G 289 37.68 17.36 -34.45
C VAL G 289 37.93 16.22 -35.43
N VAL G 290 39.07 15.56 -35.28
CA VAL G 290 39.49 14.50 -36.19
C VAL G 290 39.45 13.19 -35.39
N ILE G 291 38.36 12.44 -35.55
CA ILE G 291 38.14 11.27 -34.72
C ILE G 291 39.09 10.14 -35.08
N GLN G 292 39.57 10.10 -36.33
CA GLN G 292 40.45 9.02 -36.76
C GLN G 292 41.76 8.99 -35.97
N ASN G 293 42.18 10.12 -35.40
CA ASN G 293 43.44 10.21 -34.69
C ASN G 293 43.36 9.65 -33.27
N GLU G 294 42.26 8.99 -32.91
CA GLU G 294 42.10 8.46 -31.55
C GLU G 294 42.94 7.20 -31.34
N PRO H 9 -51.56 24.37 -33.05
CA PRO H 9 -52.33 23.36 -32.32
C PRO H 9 -51.89 21.94 -32.70
N ASN H 10 -50.98 21.36 -31.92
CA ASN H 10 -50.52 19.98 -32.17
C ASN H 10 -51.52 19.08 -31.47
N GLN H 11 -52.31 18.34 -32.24
CA GLN H 11 -53.36 17.51 -31.62
C GLN H 11 -52.85 16.08 -31.67
N ALA H 12 -51.55 15.91 -31.43
CA ALA H 12 -51.01 14.55 -31.39
C ALA H 12 -51.69 13.78 -30.29
N GLN H 13 -51.89 12.49 -30.50
CA GLN H 13 -52.60 11.67 -29.50
C GLN H 13 -51.60 10.70 -28.89
N MET H 14 -51.42 10.79 -27.57
CA MET H 14 -50.55 9.82 -26.87
C MET H 14 -51.44 8.78 -26.23
N ARG H 15 -51.15 7.52 -26.49
CA ARG H 15 -52.04 6.47 -25.96
C ARG H 15 -51.37 5.89 -24.73
N ILE H 16 -51.75 6.36 -23.56
CA ILE H 16 -51.23 5.81 -22.31
C ILE H 16 -51.72 4.38 -22.19
N LEU H 17 -50.78 3.43 -22.15
CA LEU H 17 -51.10 2.02 -22.24
C LEU H 17 -51.02 1.33 -20.88
N LYS H 18 -51.99 0.44 -20.64
CA LYS H 18 -51.92 -0.47 -19.51
C LYS H 18 -50.95 -1.59 -19.82
N GLU H 19 -50.19 -2.04 -18.81
CA GLU H 19 -49.16 -3.03 -19.08
C GLU H 19 -49.74 -4.38 -19.51
N THR H 20 -50.98 -4.68 -19.15
CA THR H 20 -51.57 -5.97 -19.46
C THR H 20 -52.07 -6.10 -20.89
N GLU H 21 -52.14 -5.00 -21.65
CA GLU H 21 -52.48 -5.09 -23.07
C GLU H 21 -51.24 -5.19 -23.95
N LEU H 22 -50.10 -5.59 -23.37
CA LEU H 22 -48.87 -5.83 -24.12
C LEU H 22 -48.33 -7.21 -23.79
N ARG H 23 -47.90 -7.94 -24.81
CA ARG H 23 -47.27 -9.25 -24.66
C ARG H 23 -45.87 -9.18 -25.21
N LYS H 24 -44.86 -9.27 -24.34
CA LYS H 24 -43.46 -9.26 -24.77
C LYS H 24 -43.05 -10.65 -25.22
N VAL H 25 -42.75 -10.79 -26.51
CA VAL H 25 -42.48 -12.11 -27.07
C VAL H 25 -40.99 -12.43 -27.04
N LYS H 26 -40.14 -11.52 -27.50
CA LYS H 26 -38.72 -11.81 -27.64
C LYS H 26 -37.92 -10.51 -27.57
N VAL H 27 -36.73 -10.60 -26.95
CA VAL H 27 -35.83 -9.46 -26.89
C VAL H 27 -35.18 -9.25 -28.24
N LEU H 28 -35.17 -8.01 -28.72
CA LEU H 28 -34.51 -7.68 -29.98
C LEU H 28 -33.15 -7.04 -29.81
N GLY H 29 -32.89 -6.42 -28.66
CA GLY H 29 -31.60 -5.81 -28.39
C GLY H 29 -31.64 -4.92 -27.15
N SER H 30 -30.55 -4.89 -26.41
CA SER H 30 -30.46 -4.04 -25.23
C SER H 30 -29.28 -3.08 -25.37
N GLY H 31 -29.16 -2.20 -24.39
CA GLY H 31 -28.11 -1.20 -24.39
C GLY H 31 -28.18 -0.39 -23.12
N ALA H 32 -27.42 0.69 -23.08
CA ALA H 32 -27.30 1.41 -21.82
C ALA H 32 -28.54 2.20 -21.43
N PHE H 33 -29.56 2.26 -22.29
CA PHE H 33 -30.74 3.07 -22.02
C PHE H 33 -32.03 2.27 -21.93
N GLY H 34 -32.00 0.96 -22.13
CA GLY H 34 -33.20 0.16 -22.03
C GLY H 34 -33.14 -1.04 -22.95
N THR H 35 -34.13 -1.92 -22.78
CA THR H 35 -34.25 -3.15 -23.55
C THR H 35 -35.41 -3.05 -24.53
N VAL H 36 -35.21 -3.56 -25.74
CA VAL H 36 -36.21 -3.55 -26.79
C VAL H 36 -36.76 -4.96 -26.94
N TYR H 37 -38.08 -5.09 -26.81
CA TYR H 37 -38.75 -6.38 -26.94
C TYR H 37 -39.63 -6.37 -28.19
N LYS H 38 -39.59 -7.47 -28.94
CA LYS H 38 -40.60 -7.71 -29.95
C LYS H 38 -41.85 -8.24 -29.27
N GLY H 39 -43.01 -7.69 -29.62
CA GLY H 39 -44.22 -8.11 -28.94
C GLY H 39 -45.48 -7.75 -29.68
N ILE H 40 -46.60 -8.03 -29.04
CA ILE H 40 -47.93 -7.86 -29.61
C ILE H 40 -48.74 -6.98 -28.68
N TRP H 41 -49.35 -5.94 -29.23
CA TRP H 41 -50.23 -5.04 -28.48
C TRP H 41 -51.68 -5.33 -28.84
N ILE H 42 -52.48 -5.61 -27.82
CA ILE H 42 -53.92 -5.80 -28.00
C ILE H 42 -54.62 -4.64 -27.30
N PRO H 43 -55.04 -3.57 -28.01
CA PRO H 43 -55.60 -2.40 -27.37
C PRO H 43 -56.77 -2.76 -26.46
N ASP H 44 -57.23 -1.79 -25.66
CA ASP H 44 -58.26 -2.15 -24.65
C ASP H 44 -59.50 -2.68 -25.35
N GLY H 45 -59.93 -3.88 -24.98
CA GLY H 45 -61.17 -4.44 -25.53
C GLY H 45 -61.07 -5.06 -26.91
N GLU H 46 -60.45 -4.37 -27.88
CA GLU H 46 -60.52 -4.90 -29.23
C GLU H 46 -59.80 -6.24 -29.35
N ASN H 47 -60.29 -7.07 -30.28
CA ASN H 47 -59.67 -8.34 -30.58
C ASN H 47 -58.63 -8.23 -31.71
N VAL H 48 -58.07 -7.05 -31.91
CA VAL H 48 -57.01 -6.87 -32.89
C VAL H 48 -55.66 -7.09 -32.21
N LYS H 49 -54.66 -7.40 -33.01
CA LYS H 49 -53.31 -7.66 -32.51
C LYS H 49 -52.34 -6.88 -33.36
N ILE H 50 -51.55 -6.02 -32.73
CA ILE H 50 -50.61 -5.15 -33.43
C ILE H 50 -49.19 -5.58 -33.07
N PRO H 51 -48.37 -5.98 -34.04
CA PRO H 51 -46.94 -6.24 -33.75
C PRO H 51 -46.26 -4.93 -33.40
N VAL H 52 -45.65 -4.88 -32.22
CA VAL H 52 -45.04 -3.65 -31.73
C VAL H 52 -43.62 -3.93 -31.26
N ALA H 53 -42.82 -2.87 -31.24
CA ALA H 53 -41.55 -2.88 -30.54
C ALA H 53 -41.75 -2.19 -29.20
N ILE H 54 -41.25 -2.80 -28.13
CA ILE H 54 -41.44 -2.29 -26.78
C ILE H 54 -40.07 -2.07 -26.17
N LYS H 55 -39.80 -0.85 -25.73
CA LYS H 55 -38.55 -0.51 -25.05
C LYS H 55 -38.84 -0.22 -23.59
N VAL H 56 -38.38 -1.11 -22.71
CA VAL H 56 -38.53 -0.90 -21.25
C VAL H 56 -37.24 -0.20 -20.83
N LEU H 57 -37.36 0.98 -20.24
CA LEU H 57 -36.17 1.76 -19.86
C LEU H 57 -35.68 1.26 -18.50
N ARG H 58 -34.77 1.98 -17.85
CA ARG H 58 -34.21 1.49 -16.57
C ARG H 58 -34.92 2.17 -15.40
N PRO H 63 -34.03 8.93 -13.26
CA PRO H 63 -34.95 9.52 -12.30
C PRO H 63 -34.78 11.04 -12.16
N LYS H 64 -33.54 11.49 -11.95
CA LYS H 64 -33.32 12.94 -11.70
C LYS H 64 -33.75 13.73 -12.92
N ALA H 65 -33.35 13.25 -14.10
CA ALA H 65 -33.65 14.00 -15.34
C ALA H 65 -34.37 13.02 -16.25
N ASN H 66 -35.57 12.65 -15.84
CA ASN H 66 -36.39 11.80 -16.72
C ASN H 66 -37.19 12.77 -17.56
N LYS H 67 -36.83 14.06 -17.55
CA LYS H 67 -37.75 14.94 -18.30
C LYS H 67 -37.52 14.61 -19.76
N GLU H 68 -36.27 14.32 -20.13
CA GLU H 68 -35.86 13.92 -21.49
C GLU H 68 -36.85 12.89 -22.04
N ILE H 69 -37.03 11.79 -21.31
CA ILE H 69 -37.93 10.66 -21.63
C ILE H 69 -39.24 11.15 -22.24
N LEU H 70 -39.94 12.02 -21.53
CA LEU H 70 -41.24 12.55 -21.98
C LEU H 70 -41.04 13.46 -23.18
N ASP H 71 -39.96 14.23 -23.18
CA ASP H 71 -39.67 15.14 -24.32
C ASP H 71 -39.53 14.36 -25.61
N GLU H 72 -38.89 13.19 -25.58
CA GLU H 72 -38.76 12.34 -26.81
C GLU H 72 -40.15 11.92 -27.26
N ALA H 73 -41.02 11.58 -26.30
CA ALA H 73 -42.42 11.21 -26.59
C ALA H 73 -43.22 12.46 -26.95
N TYR H 74 -42.80 13.62 -26.49
CA TYR H 74 -43.58 14.81 -26.85
C TYR H 74 -43.48 15.05 -28.36
N VAL H 75 -42.30 14.84 -28.94
CA VAL H 75 -42.09 15.14 -30.39
C VAL H 75 -42.11 13.88 -31.24
N MET H 76 -42.20 12.69 -30.65
CA MET H 76 -42.30 11.48 -31.50
C MET H 76 -43.69 10.88 -31.40
N ALA H 77 -44.65 11.72 -31.10
CA ALA H 77 -46.06 11.33 -31.00
C ALA H 77 -46.81 12.10 -32.08
N GLY H 78 -46.27 13.24 -32.51
CA GLY H 78 -46.92 13.92 -33.62
C GLY H 78 -46.56 13.23 -34.93
N VAL H 79 -47.58 12.96 -35.74
CA VAL H 79 -47.37 12.37 -37.05
C VAL H 79 -46.58 13.38 -37.87
N GLY H 80 -45.27 13.16 -37.99
CA GLY H 80 -44.40 14.12 -38.64
C GLY H 80 -43.80 13.63 -39.93
N SER H 81 -42.57 13.13 -39.86
CA SER H 81 -41.99 12.65 -41.10
C SER H 81 -42.17 11.15 -41.22
N PRO H 82 -42.43 10.66 -42.43
CA PRO H 82 -42.51 9.20 -42.64
C PRO H 82 -41.18 8.49 -42.44
N TYR H 83 -40.09 9.23 -42.23
CA TYR H 83 -38.77 8.67 -42.09
C TYR H 83 -38.27 8.72 -40.65
N VAL H 84 -39.16 8.97 -39.70
CA VAL H 84 -38.83 8.95 -38.28
C VAL H 84 -39.87 8.07 -37.59
N SER H 85 -39.41 7.11 -36.78
CA SER H 85 -40.34 6.22 -36.10
C SER H 85 -41.19 7.01 -35.11
N ARG H 86 -42.48 6.71 -35.08
CA ARG H 86 -43.43 7.44 -34.25
C ARG H 86 -43.85 6.60 -33.04
N LEU H 87 -43.96 7.26 -31.89
CA LEU H 87 -44.35 6.59 -30.66
C LEU H 87 -45.86 6.36 -30.65
N LEU H 88 -46.26 5.10 -30.48
CA LEU H 88 -47.68 4.79 -30.37
C LEU H 88 -48.19 5.09 -28.96
N GLY H 89 -47.48 4.62 -27.94
CA GLY H 89 -47.96 4.83 -26.59
C GLY H 89 -46.90 4.63 -25.54
N ILE H 90 -47.24 5.02 -24.31
CA ILE H 90 -46.36 4.94 -23.16
C ILE H 90 -47.08 4.14 -22.07
N CYS H 91 -46.36 3.23 -21.43
CA CYS H 91 -46.86 2.49 -20.29
C CYS H 91 -46.21 3.08 -19.03
N LEU H 92 -47.01 3.82 -18.26
CA LEU H 92 -46.47 4.56 -17.11
C LEU H 92 -46.35 3.71 -15.87
N THR H 93 -45.69 2.56 -15.97
CA THR H 93 -45.31 1.80 -14.79
C THR H 93 -44.16 2.52 -14.07
N SER H 94 -43.71 1.92 -12.96
CA SER H 94 -42.57 2.48 -12.24
C SER H 94 -41.36 2.64 -13.17
N THR H 95 -41.17 1.68 -14.07
CA THR H 95 -40.19 1.78 -15.14
C THR H 95 -40.96 1.99 -16.45
N VAL H 96 -40.73 3.14 -17.08
CA VAL H 96 -41.52 3.54 -18.24
C VAL H 96 -41.24 2.62 -19.42
N GLN H 97 -42.30 2.27 -20.16
CA GLN H 97 -42.23 1.46 -21.37
C GLN H 97 -42.78 2.26 -22.54
N LEU H 98 -42.06 2.22 -23.67
CA LEU H 98 -42.45 2.92 -24.88
C LEU H 98 -42.85 1.93 -25.94
N VAL H 99 -43.98 2.16 -26.60
CA VAL H 99 -44.59 1.23 -27.55
C VAL H 99 -44.66 1.90 -28.91
N THR H 100 -44.21 1.18 -29.94
CA THR H 100 -44.18 1.69 -31.31
C THR H 100 -44.45 0.55 -32.29
N GLN H 101 -44.88 0.93 -33.50
CA GLN H 101 -45.12 -0.05 -34.56
C GLN H 101 -43.86 -0.84 -34.86
N LEU H 102 -44.02 -2.15 -35.06
CA LEU H 102 -42.88 -3.01 -35.37
C LEU H 102 -42.51 -2.89 -36.84
N MET H 103 -41.23 -2.61 -37.09
CA MET H 103 -40.70 -2.59 -38.45
C MET H 103 -40.24 -3.99 -38.83
N PRO H 104 -40.90 -4.65 -39.78
CA PRO H 104 -40.68 -6.10 -39.96
C PRO H 104 -39.30 -6.48 -40.44
N TYR H 105 -38.59 -5.53 -41.07
CA TYR H 105 -37.29 -5.84 -41.71
C TYR H 105 -36.11 -5.67 -40.76
N GLY H 106 -36.31 -4.95 -39.68
CA GLY H 106 -35.21 -4.82 -38.72
C GLY H 106 -34.61 -3.46 -38.81
N CYS H 107 -33.28 -3.44 -38.82
CA CYS H 107 -32.47 -2.21 -38.93
C CYS H 107 -31.96 -2.06 -40.34
N LEU H 108 -31.11 -1.09 -40.57
CA LEU H 108 -30.55 -1.00 -41.93
C LEU H 108 -29.23 -1.69 -41.82
N LEU H 109 -28.69 -1.74 -40.63
CA LEU H 109 -27.33 -2.28 -40.54
C LEU H 109 -27.32 -3.78 -40.80
N ASP H 110 -28.38 -4.45 -40.38
CA ASP H 110 -28.40 -5.91 -40.55
C ASP H 110 -29.01 -6.20 -41.91
N HIS H 111 -29.92 -5.35 -42.38
CA HIS H 111 -30.49 -5.49 -43.71
C HIS H 111 -29.42 -5.36 -44.78
N VAL H 112 -28.62 -4.28 -44.71
CA VAL H 112 -27.62 -4.03 -45.73
C VAL H 112 -26.49 -5.06 -45.69
N ARG H 113 -26.24 -5.66 -44.52
CA ARG H 113 -25.13 -6.60 -44.39
C ARG H 113 -25.46 -7.95 -45.03
N GLU H 114 -26.69 -8.42 -44.89
CA GLU H 114 -27.10 -9.71 -45.43
C GLU H 114 -27.68 -9.58 -46.83
N ASN H 115 -27.80 -8.36 -47.35
CA ASN H 115 -28.24 -8.12 -48.72
C ASN H 115 -27.11 -7.54 -49.57
N ARG H 116 -25.87 -7.84 -49.22
CA ARG H 116 -24.74 -7.48 -50.05
C ARG H 116 -24.80 -8.27 -51.36
N GLY H 117 -24.63 -7.58 -52.48
CA GLY H 117 -24.86 -8.19 -53.77
C GLY H 117 -26.32 -8.27 -54.15
N ARG H 118 -27.19 -7.62 -53.39
CA ARG H 118 -28.62 -7.64 -53.64
C ARG H 118 -29.23 -6.25 -53.75
N LEU H 119 -28.46 -5.20 -53.50
CA LEU H 119 -28.96 -3.83 -53.44
C LEU H 119 -28.41 -3.04 -54.62
N GLY H 120 -29.28 -2.26 -55.27
CA GLY H 120 -28.87 -1.44 -56.39
C GLY H 120 -28.44 -0.05 -55.96
N SER H 121 -27.94 0.71 -56.94
CA SER H 121 -27.49 2.08 -56.63
C SER H 121 -28.64 2.96 -56.19
N GLN H 122 -29.85 2.70 -56.70
CA GLN H 122 -31.00 3.50 -56.29
C GLN H 122 -31.46 3.15 -54.88
N ASP H 123 -31.36 1.86 -54.51
CA ASP H 123 -31.74 1.46 -53.15
C ASP H 123 -30.90 2.21 -52.12
N LEU H 124 -29.59 2.27 -52.35
CA LEU H 124 -28.69 2.93 -51.40
C LEU H 124 -28.89 4.44 -51.40
N LEU H 125 -28.97 5.05 -52.59
CA LEU H 125 -29.13 6.51 -52.66
C LEU H 125 -30.49 6.95 -52.16
N ASN H 126 -31.53 6.13 -52.37
CA ASN H 126 -32.85 6.47 -51.83
C ASN H 126 -32.81 6.51 -50.31
N TRP H 127 -32.09 5.56 -49.70
CA TRP H 127 -31.94 5.53 -48.25
C TRP H 127 -31.28 6.81 -47.73
N CYS H 128 -30.12 7.16 -48.31
CA CYS H 128 -29.41 8.37 -47.87
C CYS H 128 -30.29 9.61 -47.98
N MET H 129 -31.15 9.66 -49.00
CA MET H 129 -32.10 10.76 -49.11
C MET H 129 -33.14 10.71 -48.00
N GLN H 130 -33.74 9.54 -47.79
CA GLN H 130 -34.74 9.40 -46.73
C GLN H 130 -34.14 9.66 -45.36
N ILE H 131 -32.94 9.14 -45.11
CA ILE H 131 -32.25 9.41 -43.85
C ILE H 131 -31.99 10.90 -43.71
N ALA H 132 -31.61 11.56 -44.81
CA ALA H 132 -31.42 13.00 -44.78
C ALA H 132 -32.75 13.73 -44.57
N LYS H 133 -33.82 13.24 -45.19
CA LYS H 133 -35.13 13.85 -44.98
C LYS H 133 -35.56 13.74 -43.52
N GLY H 134 -35.38 12.56 -42.93
CA GLY H 134 -35.72 12.39 -41.52
C GLY H 134 -34.93 13.30 -40.60
N MET H 135 -33.61 13.39 -40.82
CA MET H 135 -32.79 14.27 -40.00
C MET H 135 -33.13 15.73 -40.23
N SER H 136 -33.59 16.09 -41.43
CA SER H 136 -34.02 17.46 -41.67
C SER H 136 -35.26 17.80 -40.87
N TYR H 137 -36.17 16.84 -40.72
CA TYR H 137 -37.35 17.04 -39.88
C TYR H 137 -36.95 17.19 -38.42
N LEU H 138 -36.05 16.34 -37.93
CA LEU H 138 -35.62 16.43 -36.53
C LEU H 138 -34.93 17.75 -36.24
N GLU H 139 -34.25 18.33 -37.23
CA GLU H 139 -33.68 19.67 -37.04
C GLU H 139 -34.78 20.72 -36.92
N ASP H 140 -35.90 20.52 -37.63
CA ASP H 140 -36.98 21.51 -37.58
C ASP H 140 -37.71 21.47 -36.24
N VAL H 141 -37.74 20.32 -35.58
CA VAL H 141 -38.36 20.21 -34.27
C VAL H 141 -37.33 20.35 -33.15
N ARG H 142 -36.13 20.85 -33.47
CA ARG H 142 -35.13 21.27 -32.49
C ARG H 142 -34.57 20.09 -31.70
N LEU H 143 -34.58 18.90 -32.29
CA LEU H 143 -34.05 17.70 -31.63
C LEU H 143 -32.71 17.33 -32.22
N VAL H 144 -31.75 17.05 -31.34
CA VAL H 144 -30.41 16.60 -31.73
C VAL H 144 -30.32 15.11 -31.41
N HIS H 145 -30.07 14.29 -32.44
CA HIS H 145 -30.11 12.84 -32.26
C HIS H 145 -28.93 12.35 -31.43
N ARG H 146 -27.73 12.84 -31.74
CA ARG H 146 -26.48 12.53 -31.04
C ARG H 146 -26.02 11.08 -31.21
N ASP H 147 -26.89 10.20 -31.72
CA ASP H 147 -26.53 8.79 -31.88
C ASP H 147 -27.00 8.28 -33.22
N LEU H 148 -26.85 9.08 -34.26
CA LEU H 148 -27.27 8.69 -35.60
C LEU H 148 -26.30 7.65 -36.17
N ALA H 149 -26.84 6.52 -36.60
CA ALA H 149 -26.04 5.42 -37.11
C ALA H 149 -26.95 4.47 -37.86
N ALA H 150 -26.35 3.65 -38.72
CA ALA H 150 -27.10 2.64 -39.46
C ALA H 150 -27.84 1.70 -38.53
N ARG H 151 -27.21 1.35 -37.39
CA ARG H 151 -27.84 0.47 -36.42
C ARG H 151 -29.12 1.06 -35.83
N ASN H 152 -29.27 2.39 -35.90
CA ASN H 152 -30.44 3.08 -35.36
C ASN H 152 -31.36 3.58 -36.46
N VAL H 153 -31.30 2.96 -37.64
CA VAL H 153 -32.21 3.22 -38.73
C VAL H 153 -32.94 1.93 -39.06
N LEU H 154 -34.27 2.01 -39.17
CA LEU H 154 -35.12 0.84 -39.31
C LEU H 154 -35.61 0.72 -40.75
N VAL H 155 -35.87 -0.51 -41.17
CA VAL H 155 -36.37 -0.80 -42.51
C VAL H 155 -37.83 -1.19 -42.36
N LYS H 156 -38.74 -0.28 -42.72
CA LYS H 156 -40.15 -0.63 -42.78
C LYS H 156 -40.42 -1.54 -43.98
N SER H 157 -39.96 -1.13 -45.15
CA SER H 157 -40.04 -1.89 -46.38
C SER H 157 -38.72 -1.69 -47.12
N PRO H 158 -38.41 -2.55 -48.10
CA PRO H 158 -37.09 -2.49 -48.75
C PRO H 158 -36.71 -1.11 -49.32
N ASN H 159 -37.68 -0.23 -49.52
CA ASN H 159 -37.39 1.11 -50.00
C ASN H 159 -38.02 2.16 -49.10
N HIS H 160 -38.00 1.92 -47.79
CA HIS H 160 -38.54 2.88 -46.83
C HIS H 160 -37.86 2.64 -45.49
N VAL H 161 -37.16 3.64 -44.98
CA VAL H 161 -36.41 3.53 -43.73
C VAL H 161 -36.87 4.61 -42.76
N LYS H 162 -36.58 4.37 -41.47
CA LYS H 162 -37.01 5.27 -40.40
C LYS H 162 -35.87 5.48 -39.41
N ILE H 163 -35.74 6.71 -38.91
CA ILE H 163 -34.81 7.02 -37.83
C ILE H 163 -35.49 6.73 -36.50
N THR H 164 -34.76 6.11 -35.57
CA THR H 164 -35.39 5.60 -34.36
C THR H 164 -34.40 5.68 -33.20
N ASP H 165 -34.76 5.05 -32.09
CA ASP H 165 -33.91 4.96 -30.86
C ASP H 165 -33.98 6.25 -30.05
N PHE H 166 -33.50 7.34 -30.61
CA PHE H 166 -33.46 8.55 -29.76
C PHE H 166 -32.67 8.13 -28.52
N GLY H 167 -33.25 8.22 -27.34
CA GLY H 167 -32.53 7.73 -26.16
C GLY H 167 -31.48 8.72 -25.71
N LEU H 168 -30.52 9.04 -26.56
CA LEU H 168 -29.54 10.09 -26.23
C LEU H 168 -30.01 11.38 -26.89
N ALA H 169 -31.18 11.36 -27.54
CA ALA H 169 -31.62 12.55 -28.22
C ALA H 169 -32.09 13.60 -27.22
N ARG H 170 -31.83 14.84 -27.53
CA ARG H 170 -32.13 15.96 -26.66
C ARG H 170 -32.87 17.02 -27.44
N LEU H 171 -33.92 17.56 -26.84
CA LEU H 171 -34.69 18.64 -27.44
C LEU H 171 -34.05 19.97 -27.05
N LEU H 172 -33.56 20.70 -28.05
CA LEU H 172 -32.95 22.00 -27.79
C LEU H 172 -34.01 22.98 -27.28
N ASP H 173 -33.70 23.65 -26.18
CA ASP H 173 -34.53 24.75 -25.73
C ASP H 173 -34.52 25.86 -26.78
N ILE H 174 -35.53 26.72 -26.73
CA ILE H 174 -35.61 27.82 -27.68
C ILE H 174 -34.46 28.78 -27.44
N ASP H 175 -33.89 29.30 -28.54
CA ASP H 175 -32.69 30.12 -28.53
C ASP H 175 -31.48 29.37 -27.96
N GLU H 176 -31.52 28.04 -27.97
CA GLU H 176 -30.38 27.21 -27.61
C GLU H 176 -29.92 26.45 -28.85
N THR H 177 -28.62 26.45 -29.10
CA THR H 177 -28.06 25.85 -30.31
C THR H 177 -27.20 24.62 -30.05
N GLU H 178 -26.91 24.30 -28.79
CA GLU H 178 -26.02 23.20 -28.47
C GLU H 178 -26.42 22.60 -27.14
N TYR H 179 -25.90 21.41 -26.87
CA TYR H 179 -26.22 20.65 -25.66
C TYR H 179 -24.95 20.08 -25.06
N HIS H 180 -24.80 20.22 -23.75
CA HIS H 180 -23.68 19.67 -23.01
C HIS H 180 -24.15 18.54 -22.10
N ALA H 181 -23.29 17.54 -21.89
CA ALA H 181 -23.61 16.40 -21.00
C ALA H 181 -22.33 15.59 -20.67
N ASP H 182 -22.41 14.62 -19.74
CA ASP H 182 -21.22 13.76 -19.46
C ASP H 182 -20.88 13.01 -20.74
N GLY H 183 -21.88 12.46 -21.41
CA GLY H 183 -21.65 11.84 -22.73
C GLY H 183 -20.57 10.79 -22.78
N GLY H 184 -20.49 9.91 -21.80
CA GLY H 184 -19.54 8.80 -21.95
C GLY H 184 -20.28 7.65 -22.59
N LYS H 185 -21.58 7.83 -22.83
CA LYS H 185 -22.41 6.71 -23.34
C LYS H 185 -22.63 6.84 -24.85
N VAL H 186 -21.93 7.75 -25.50
CA VAL H 186 -22.09 7.98 -26.96
C VAL H 186 -21.04 7.18 -27.73
N PRO H 187 -21.38 6.17 -28.57
CA PRO H 187 -20.40 5.48 -29.42
C PRO H 187 -19.53 6.44 -30.23
N ILE H 188 -18.25 6.52 -29.84
CA ILE H 188 -17.39 7.61 -30.27
C ILE H 188 -17.02 7.57 -31.75
N LYS H 189 -17.20 6.45 -32.43
CA LYS H 189 -16.77 6.39 -33.84
C LYS H 189 -17.80 6.99 -34.80
N TRP H 190 -18.96 7.42 -34.30
CA TRP H 190 -19.91 8.20 -35.07
C TRP H 190 -19.95 9.66 -34.62
N MET H 191 -19.06 10.05 -33.70
CA MET H 191 -19.12 11.36 -33.08
C MET H 191 -18.25 12.36 -33.84
N ALA H 192 -18.75 13.59 -33.96
CA ALA H 192 -17.93 14.67 -34.48
C ALA H 192 -16.76 14.94 -33.53
N LEU H 193 -15.72 15.59 -34.08
CA LEU H 193 -14.52 15.84 -33.28
C LEU H 193 -14.83 16.77 -32.12
N GLU H 194 -15.62 17.82 -32.35
CA GLU H 194 -15.96 18.75 -31.29
C GLU H 194 -16.86 18.10 -30.23
N SER H 195 -17.62 17.07 -30.60
CA SER H 195 -18.40 16.36 -29.60
C SER H 195 -17.51 15.48 -28.72
N ILE H 196 -16.44 14.93 -29.29
CA ILE H 196 -15.53 14.11 -28.52
C ILE H 196 -14.75 14.96 -27.53
N LEU H 197 -14.22 16.09 -28.00
CA LEU H 197 -13.36 16.96 -27.21
C LEU H 197 -14.14 17.99 -26.40
N ARG H 198 -15.06 18.70 -27.05
CA ARG H 198 -15.74 19.82 -26.43
C ARG H 198 -17.08 19.42 -25.81
N ARG H 199 -17.39 18.14 -25.81
CA ARG H 199 -18.68 17.67 -25.27
C ARG H 199 -19.79 18.58 -25.78
N ARG H 200 -19.70 19.00 -27.04
CA ARG H 200 -20.70 19.85 -27.67
C ARG H 200 -21.46 19.07 -28.72
N PHE H 201 -22.79 19.19 -28.70
CA PHE H 201 -23.63 18.51 -29.68
C PHE H 201 -24.55 19.53 -30.33
N THR H 202 -24.34 19.77 -31.61
CA THR H 202 -25.17 20.64 -32.43
C THR H 202 -25.79 19.82 -33.56
N HIS H 203 -26.61 20.48 -34.37
CA HIS H 203 -27.11 19.82 -35.58
C HIS H 203 -25.98 19.54 -36.56
N GLN H 204 -24.93 20.36 -36.54
CA GLN H 204 -23.79 20.15 -37.42
C GLN H 204 -22.93 18.98 -36.98
N SER H 205 -22.97 18.61 -35.70
CA SER H 205 -22.31 17.39 -35.26
C SER H 205 -23.06 16.15 -35.72
N ASP H 206 -24.39 16.24 -35.82
CA ASP H 206 -25.16 15.14 -36.42
C ASP H 206 -24.83 14.96 -37.90
N VAL H 207 -24.48 16.04 -38.61
CA VAL H 207 -24.12 15.92 -40.01
C VAL H 207 -22.88 15.04 -40.15
N TRP H 208 -21.93 15.19 -39.23
CA TRP H 208 -20.81 14.26 -39.16
C TRP H 208 -21.32 12.83 -38.98
N SER H 209 -22.27 12.63 -38.06
CA SER H 209 -22.85 11.31 -37.86
C SER H 209 -23.56 10.84 -39.12
N TYR H 210 -24.19 11.76 -39.86
CA TYR H 210 -24.82 11.38 -41.11
C TYR H 210 -23.80 10.85 -42.11
N GLY H 211 -22.65 11.51 -42.21
CA GLY H 211 -21.62 11.07 -43.13
C GLY H 211 -21.11 9.68 -42.81
N VAL H 212 -20.92 9.39 -41.51
CA VAL H 212 -20.47 8.06 -41.10
C VAL H 212 -21.53 7.01 -41.45
N THR H 213 -22.80 7.34 -41.20
CA THR H 213 -23.89 6.41 -41.52
C THR H 213 -23.93 6.09 -43.01
N VAL H 214 -23.77 7.11 -43.85
CA VAL H 214 -23.73 6.88 -45.30
C VAL H 214 -22.55 5.99 -45.66
N TRP H 215 -21.39 6.20 -45.01
CA TRP H 215 -20.24 5.35 -45.23
C TRP H 215 -20.56 3.89 -44.93
N GLU H 216 -21.30 3.63 -43.85
CA GLU H 216 -21.69 2.26 -43.52
C GLU H 216 -22.50 1.63 -44.64
N LEU H 217 -23.48 2.37 -45.16
CA LEU H 217 -24.31 1.85 -46.23
C LEU H 217 -23.49 1.59 -47.49
N MET H 218 -22.65 2.56 -47.87
CA MET H 218 -21.85 2.41 -49.08
C MET H 218 -20.79 1.32 -48.96
N THR H 219 -20.41 0.93 -47.73
CA THR H 219 -19.52 -0.19 -47.51
C THR H 219 -20.26 -1.49 -47.24
N PHE H 220 -21.59 -1.48 -47.35
CA PHE H 220 -22.43 -2.64 -47.04
C PHE H 220 -22.22 -3.11 -45.61
N GLY H 221 -22.21 -2.16 -44.68
CA GLY H 221 -22.16 -2.48 -43.27
C GLY H 221 -20.79 -2.78 -42.70
N ALA H 222 -19.74 -2.14 -43.20
CA ALA H 222 -18.43 -2.29 -42.59
C ALA H 222 -18.39 -1.57 -41.24
N LYS H 223 -17.41 -1.95 -40.42
CA LYS H 223 -17.22 -1.31 -39.12
C LYS H 223 -16.26 -0.14 -39.27
N PRO H 224 -16.69 1.10 -39.00
CA PRO H 224 -15.77 2.24 -39.16
C PRO H 224 -14.57 2.11 -38.24
N TYR H 225 -13.40 2.48 -38.77
CA TYR H 225 -12.13 2.40 -38.05
C TYR H 225 -11.95 1.02 -37.42
N ASP H 226 -12.22 -0.01 -38.23
CA ASP H 226 -12.26 -1.38 -37.72
C ASP H 226 -10.93 -1.77 -37.09
N GLY H 227 -11.00 -2.34 -35.88
CA GLY H 227 -9.84 -2.77 -35.15
C GLY H 227 -9.20 -1.69 -34.30
N ILE H 228 -9.42 -0.42 -34.64
CA ILE H 228 -8.81 0.70 -33.91
C ILE H 228 -9.53 0.90 -32.58
N PRO H 229 -8.81 0.87 -31.45
CA PRO H 229 -9.44 1.17 -30.17
C PRO H 229 -9.98 2.59 -30.16
N ALA H 230 -11.05 2.79 -29.38
CA ALA H 230 -11.75 4.06 -29.40
C ALA H 230 -10.90 5.21 -28.87
N ARG H 231 -9.94 4.91 -28.00
CA ARG H 231 -9.07 5.97 -27.46
C ARG H 231 -8.15 6.56 -28.52
N GLU H 232 -7.88 5.83 -29.60
CA GLU H 232 -7.04 6.35 -30.68
C GLU H 232 -7.83 7.20 -31.66
N ILE H 233 -9.16 7.17 -31.60
CA ILE H 233 -9.97 7.88 -32.60
C ILE H 233 -9.71 9.39 -32.61
N PRO H 234 -9.74 10.10 -31.46
CA PRO H 234 -9.58 11.56 -31.55
C PRO H 234 -8.23 12.00 -32.09
N ASP H 235 -7.16 11.31 -31.70
CA ASP H 235 -5.85 11.62 -32.24
C ASP H 235 -5.78 11.31 -33.73
N LEU H 236 -6.41 10.21 -34.15
CA LEU H 236 -6.49 9.88 -35.57
C LEU H 236 -7.19 10.98 -36.35
N LEU H 237 -8.31 11.49 -35.83
CA LEU H 237 -9.05 12.55 -36.53
C LEU H 237 -8.28 13.85 -36.54
N GLU H 238 -7.59 14.18 -35.45
CA GLU H 238 -6.83 15.43 -35.40
C GLU H 238 -5.64 15.39 -36.35
N LYS H 239 -5.14 14.19 -36.65
CA LYS H 239 -4.05 14.03 -37.61
C LYS H 239 -4.52 14.01 -39.05
N GLY H 240 -5.81 14.24 -39.28
CA GLY H 240 -6.33 14.44 -40.62
C GLY H 240 -6.89 13.21 -41.31
N GLU H 241 -6.87 12.05 -40.65
CA GLU H 241 -7.38 10.85 -41.30
C GLU H 241 -8.89 10.75 -41.12
N ARG H 242 -9.55 10.20 -42.14
CA ARG H 242 -10.98 9.92 -42.12
C ARG H 242 -11.19 8.51 -42.67
N LEU H 243 -12.47 8.11 -42.74
CA LEU H 243 -12.80 6.83 -43.33
C LEU H 243 -12.46 6.84 -44.82
N PRO H 244 -11.94 5.74 -45.34
CA PRO H 244 -11.52 5.72 -46.76
C PRO H 244 -12.73 5.71 -47.68
N GLN H 245 -12.44 5.85 -48.97
CA GLN H 245 -13.47 5.87 -49.98
C GLN H 245 -14.05 4.48 -50.18
N PRO H 246 -15.38 4.31 -50.08
CA PRO H 246 -15.96 3.01 -50.36
C PRO H 246 -15.77 2.63 -51.81
N PRO H 247 -15.58 1.34 -52.12
CA PRO H 247 -15.32 0.95 -53.52
C PRO H 247 -16.43 1.35 -54.48
N ILE H 248 -17.70 1.29 -54.04
CA ILE H 248 -18.82 1.55 -54.95
C ILE H 248 -19.12 3.03 -55.09
N CYS H 249 -18.45 3.90 -54.33
CA CYS H 249 -18.72 5.32 -54.39
C CYS H 249 -17.89 6.00 -55.46
N THR H 250 -18.54 6.81 -56.28
CA THR H 250 -17.81 7.78 -57.06
C THR H 250 -17.29 8.88 -56.13
N ILE H 251 -16.33 9.66 -56.63
CA ILE H 251 -15.68 10.72 -55.81
C ILE H 251 -16.70 11.80 -55.57
N ASP H 252 -17.89 11.61 -56.08
CA ASP H 252 -18.90 12.68 -55.97
C ASP H 252 -19.73 12.41 -54.73
N VAL H 253 -19.97 11.14 -54.43
CA VAL H 253 -20.69 10.79 -53.18
C VAL H 253 -19.67 10.88 -52.06
N TYR H 254 -18.47 10.40 -52.30
CA TYR H 254 -17.46 10.48 -51.25
C TYR H 254 -17.13 11.92 -50.88
N MET H 255 -17.27 12.85 -51.84
CA MET H 255 -17.03 14.26 -51.54
C MET H 255 -18.09 14.79 -50.59
N ILE H 256 -19.31 14.27 -50.66
CA ILE H 256 -20.36 14.66 -49.73
C ILE H 256 -20.00 14.22 -48.31
N MET H 257 -19.59 12.95 -48.16
CA MET H 257 -19.17 12.45 -46.85
C MET H 257 -18.01 13.24 -46.27
N VAL H 258 -17.00 13.51 -47.11
CA VAL H 258 -15.81 14.23 -46.64
C VAL H 258 -16.19 15.59 -46.08
N LYS H 259 -17.12 16.29 -46.75
CA LYS H 259 -17.58 17.57 -46.22
C LYS H 259 -18.25 17.41 -44.87
N CYS H 260 -18.91 16.28 -44.63
CA CYS H 260 -19.54 16.04 -43.34
C CYS H 260 -18.53 15.85 -42.21
N TRP H 261 -17.28 15.53 -42.54
CA TRP H 261 -16.25 15.28 -41.55
C TRP H 261 -15.23 16.42 -41.47
N MET H 262 -15.61 17.61 -41.91
CA MET H 262 -14.79 18.78 -41.67
C MET H 262 -14.75 19.10 -40.18
N ILE H 263 -13.57 19.50 -39.70
CA ILE H 263 -13.43 19.84 -38.30
C ILE H 263 -14.23 21.09 -37.97
N ASP H 264 -14.25 22.06 -38.88
CA ASP H 264 -15.06 23.26 -38.72
C ASP H 264 -16.51 22.91 -39.05
N SER H 265 -17.41 23.10 -38.07
CA SER H 265 -18.78 22.63 -38.24
C SER H 265 -19.52 23.36 -39.36
N GLU H 266 -19.18 24.63 -39.61
CA GLU H 266 -19.88 25.38 -40.65
C GLU H 266 -19.33 25.10 -42.04
N CYS H 267 -18.38 24.18 -42.18
CA CYS H 267 -17.98 23.69 -43.49
C CYS H 267 -18.74 22.42 -43.88
N ARG H 268 -19.48 21.85 -42.95
CA ARG H 268 -20.28 20.67 -43.22
C ARG H 268 -21.56 21.06 -43.93
N PRO H 269 -22.16 20.14 -44.68
CA PRO H 269 -23.42 20.46 -45.36
C PRO H 269 -24.54 20.69 -44.37
N ARG H 270 -25.54 21.43 -44.81
CA ARG H 270 -26.78 21.48 -44.05
C ARG H 270 -27.63 20.29 -44.46
N PHE H 271 -28.50 19.86 -43.54
CA PHE H 271 -29.33 18.70 -43.83
C PHE H 271 -30.24 18.95 -45.04
N ARG H 272 -30.67 20.19 -45.24
CA ARG H 272 -31.46 20.51 -46.42
C ARG H 272 -30.61 20.45 -47.68
N GLU H 273 -29.30 20.74 -47.60
CA GLU H 273 -28.44 20.56 -48.75
C GLU H 273 -28.25 19.08 -49.07
N LEU H 274 -28.06 18.24 -48.04
CA LEU H 274 -27.93 16.81 -48.25
C LEU H 274 -29.16 16.20 -48.88
N VAL H 275 -30.34 16.72 -48.55
CA VAL H 275 -31.57 16.23 -49.15
C VAL H 275 -31.57 16.52 -50.65
N SER H 276 -31.28 17.77 -51.03
CA SER H 276 -31.31 18.13 -52.44
C SER H 276 -30.18 17.50 -53.23
N GLU H 277 -29.08 17.11 -52.56
CA GLU H 277 -27.96 16.55 -53.29
C GLU H 277 -28.14 15.05 -53.51
N PHE H 278 -28.60 14.32 -52.48
CA PHE H 278 -28.82 12.89 -52.65
C PHE H 278 -30.09 12.58 -53.44
N SER H 279 -31.09 13.47 -53.38
CA SER H 279 -32.25 13.31 -54.27
C SER H 279 -31.87 13.58 -55.71
N ARG H 280 -30.96 14.51 -55.95
CA ARG H 280 -30.45 14.76 -57.28
C ARG H 280 -29.71 13.54 -57.84
N MET H 281 -28.92 12.87 -56.99
CA MET H 281 -28.25 11.64 -57.42
C MET H 281 -29.24 10.50 -57.54
N ALA H 282 -30.28 10.51 -56.71
CA ALA H 282 -31.33 9.50 -56.77
C ALA H 282 -32.09 9.54 -58.09
N ARG H 283 -32.05 10.67 -58.80
CA ARG H 283 -32.78 10.75 -60.07
C ARG H 283 -32.15 9.86 -61.14
N ASP H 284 -30.82 9.83 -61.20
CA ASP H 284 -30.07 8.99 -62.12
C ASP H 284 -29.00 8.27 -61.33
N PRO H 285 -29.36 7.20 -60.62
CA PRO H 285 -28.41 6.59 -59.67
C PRO H 285 -27.17 6.01 -60.30
N GLN H 286 -27.17 5.71 -61.60
CA GLN H 286 -26.02 5.05 -62.22
C GLN H 286 -24.79 5.96 -62.26
N ARG H 287 -24.98 7.28 -62.32
CA ARG H 287 -23.85 8.21 -62.43
C ARG H 287 -23.00 8.30 -61.18
N PHE H 288 -23.53 7.90 -60.02
CA PHE H 288 -22.83 8.22 -58.75
C PHE H 288 -22.48 7.01 -57.88
N VAL H 289 -23.10 5.87 -58.10
CA VAL H 289 -22.78 4.67 -57.34
C VAL H 289 -22.59 3.52 -58.32
N VAL H 290 -21.45 2.84 -58.21
CA VAL H 290 -21.07 1.79 -59.15
C VAL H 290 -21.13 0.47 -58.38
N ILE H 291 -22.23 -0.27 -58.57
CA ILE H 291 -22.47 -1.46 -57.77
C ILE H 291 -21.51 -2.59 -58.15
N GLN H 292 -21.02 -2.61 -59.40
CA GLN H 292 -20.14 -3.68 -59.84
C GLN H 292 -18.82 -3.70 -59.08
N ASN H 293 -18.39 -2.56 -58.52
CA ASN H 293 -17.10 -2.47 -57.87
C ASN H 293 -17.11 -3.02 -56.44
N GLU H 294 -18.22 -3.60 -56.00
CA GLU H 294 -18.32 -4.14 -54.64
C GLU H 294 -17.47 -5.40 -54.48
C01 VOY I . 13.75 -10.41 6.94
C02 VOY I . 15.06 -10.35 6.14
C04 VOY I . 17.28 -9.43 6.45
C05 VOY I . 17.83 -10.70 6.33
C06 VOY I . 19.29 -11.00 6.30
C07 VOY I . 20.18 -9.91 6.41
C08 VOY I . 21.64 -10.15 6.38
C10 VOY I . 23.74 -8.70 5.78
C11 VOY I . 24.67 -7.79 6.29
C12 VOY I . 25.88 -7.54 5.64
C13 VOY I . 26.25 -8.17 4.44
C15 VOY I . 28.52 -8.67 4.44
C16 VOY I . 28.37 -9.82 5.18
C17 VOY I . 29.43 -10.62 5.73
C19 VOY I . 30.78 -12.06 6.70
C22 VOY I . 30.96 -9.01 4.74
C23 VOY I . 29.90 -8.27 4.22
C24 VOY I . 25.38 -9.09 3.87
C25 VOY I . 25.66 -9.86 2.57
C26 VOY I . 24.15 -9.32 4.56
C27 VOY I . 22.17 -11.48 6.27
C28 VOY I . 23.58 -11.83 6.24
C30 VOY I . 21.14 -12.49 6.17
C32 VOY I . 19.56 -8.61 6.53
C33 VOY I . 18.24 -8.27 6.55
C35 VOY I . 16.99 -6.18 7.48
C36 VOY I . 16.81 -4.66 7.62
C37 VOY I . 16.76 -4.21 8.98
C38 VOY I . 16.60 -2.70 8.96
C40 VOY I . 15.06 -0.80 8.89
C41 VOY I . 16.27 -1.04 10.94
N09 VOY I . 22.48 -8.96 6.49
N18 VOY I . 29.44 -11.77 6.47
N20 VOY I . 31.61 -11.13 6.13
N21 VOY I . 30.74 -10.21 5.51
N29 VOY I . 24.71 -12.12 6.23
N31 VOY I . 19.84 -12.28 6.19
N34 VOY I . 17.96 -6.82 6.70
N39 VOY I . 15.60 -1.86 9.96
O03 VOY I . 15.92 -9.22 6.46
O14 VOY I . 27.47 -7.89 3.91
O42 VOY I . 16.17 -6.81 8.13
C01 VOY J . -32.54 -9.44 -10.85
C02 VOY J . -31.24 -9.48 -9.99
C04 VOY J . -29.13 -8.26 -9.89
C05 VOY J . -28.40 -9.44 -9.95
C06 VOY J . -26.91 -9.52 -9.99
C07 VOY J . -26.16 -8.29 -9.96
C08 VOY J . -24.63 -8.38 -10.00
C10 VOY J . -22.48 -6.92 -10.60
C11 VOY J . -21.50 -6.02 -10.08
C12 VOY J . -20.23 -5.91 -10.68
C13 VOY J . -19.85 -6.63 -11.84
C15 VOY J . -17.60 -7.38 -11.71
C16 VOY J . -17.90 -8.52 -10.98
C17 VOY J . -16.91 -9.40 -10.30
C19 VOY J . -15.70 -10.91 -9.18
C22 VOY J . -15.20 -7.89 -11.18
C23 VOY J . -16.17 -7.08 -11.80
C24 VOY J . -20.79 -7.55 -12.40
C25 VOY J . -20.55 -8.44 -13.64
C26 VOY J . -22.06 -7.63 -11.77
C27 VOY J . -23.97 -9.68 -10.07
C28 VOY J . -22.51 -9.91 -10.10
C30 VOY J . -24.88 -10.80 -10.10
C32 VOY J . -26.98 -7.07 -9.88
C33 VOY J . -28.39 -6.98 -9.84
C35 VOY J . -28.69 -4.72 -8.75
C36 VOY J . -29.26 -3.31 -8.59
C37 VOY J . -28.76 -2.63 -7.50
C38 VOY J . -29.23 -1.28 -7.40
C40 VOY J . -30.87 0.48 -7.08
C41 VOY J . -29.38 0.14 -5.23
N09 VOY J . -23.82 -7.10 -9.95
N18 VOY J . -17.00 -10.55 -9.53
N20 VOY J . -14.77 -10.04 -9.70
N21 VOY J . -15.55 -9.07 -10.41
N29 VOY J . -21.35 -10.07 -10.13
N31 VOY J . -26.20 -10.74 -10.07
N34 VOY J . -29.04 -5.66 -9.75
N39 VOY J . -30.11 -0.66 -6.20
O03 VOY J . -30.53 -8.23 -9.84
O14 VOY J . -18.56 -6.52 -12.36
O42 VOY J . -27.77 -4.97 -7.98
C01 VOY K . -15.18 -38.37 8.69
C02 VOY K . -13.67 -38.10 8.94
C04 VOY K . -11.80 -39.27 9.93
C05 VOY K . -11.37 -38.13 10.55
C06 VOY K . -10.26 -38.05 11.52
C07 VOY K . -9.55 -39.23 11.85
C08 VOY K . -8.40 -39.11 12.87
C10 VOY K . -7.07 -40.60 14.64
C11 VOY K . -6.03 -41.52 14.85
C12 VOY K . -5.50 -41.75 16.15
C13 VOY K . -5.99 -41.12 17.31
C15 VOY K . -4.20 -40.66 18.78
C16 VOY K . -3.79 -39.53 18.10
C17 VOY K . -2.54 -38.82 18.32
C19 VOY K . -0.78 -37.52 18.36
C22 VOY K . -2.06 -40.49 20.01
C23 VOY K . -3.27 -41.14 19.77
C24 VOY K . -7.01 -40.18 17.17
C25 VOY K . -7.64 -39.39 18.34
C26 VOY K . -7.53 -39.98 15.86
C27 VOY K . -8.08 -37.81 13.43
C28 VOY K . -7.04 -37.47 14.39
C30 VOY K . -8.92 -36.74 12.96
C32 VOY K . -10.04 -40.44 11.15
C33 VOY K . -11.12 -40.54 10.25
C35 VOY K . -10.86 -43.03 9.41
C36 VOY K . -11.31 -44.21 8.48
C37 VOY K . -10.43 -44.23 7.22
C38 VOY K . -11.05 -45.51 6.44
C40 VOY K . -12.16 -46.93 4.80
C41 VOY K . -13.67 -45.84 6.32
N09 VOY K . -7.63 -40.32 13.26
N18 VOY K . -2.00 -37.71 17.75
N20 VOY K . -0.53 -38.48 19.30
N21 VOY K . -1.68 -39.31 19.27
N29 VOY K . -6.21 -37.17 15.16
N31 VOY K . -9.90 -36.85 12.11
N34 VOY K . -11.50 -41.77 9.54
N39 VOY K . -12.46 -45.55 5.56
O03 VOY K . -12.85 -39.28 9.04
O14 VOY K . -5.42 -41.34 18.55
O42 VOY K . -9.83 -43.29 10.01
C01 VOY L . -15.71 40.72 19.12
C02 VOY L . -14.40 40.21 18.47
C04 VOY L . -12.78 38.93 19.76
C05 VOY L . -12.24 40.13 20.22
C06 VOY L . -11.09 40.28 21.14
C07 VOY L . -10.41 39.10 21.56
C08 VOY L . -9.22 39.25 22.52
C10 VOY L . -7.92 37.81 24.34
C11 VOY L . -6.86 36.88 24.55
C12 VOY L . -6.31 36.68 25.83
C13 VOY L . -6.78 37.32 26.99
C15 VOY L . -4.91 37.84 28.36
C16 VOY L . -4.62 39.03 27.70
C17 VOY L . -3.36 39.78 27.84
C19 VOY L . -1.60 41.16 27.80
C22 VOY L . -2.63 38.01 29.36
C23 VOY L . -3.84 37.32 29.21
C24 VOY L . -7.82 38.27 26.86
C25 VOY L . -8.44 39.08 28.03
C26 VOY L . -8.37 38.45 25.54
C27 VOY L . -8.80 40.56 22.95
C28 VOY L . -7.65 40.79 23.84
C30 VOY L . -9.61 41.65 22.42
C32 VOY L . -10.97 37.84 21.03
C33 VOY L . -12.08 37.66 20.17
C35 VOY L . -11.47 35.42 19.14
C36 VOY L . -11.63 33.97 18.61
C37 VOY L . -11.00 33.77 17.38
C38 VOY L . -11.02 32.45 16.72
C40 VOY L . -10.99 30.74 18.58
C41 VOY L . -11.89 29.97 16.46
N09 VOY L . -8.50 38.03 22.96
N18 VOY L . -2.89 40.97 27.29
N20 VOY L . -1.21 40.15 28.66
N21 VOY L . -2.36 39.26 28.68
N29 VOY L . -6.74 40.94 24.56
N31 VOY L . -10.65 41.54 21.59
N34 VOY L . -12.42 36.29 19.75
N39 VOY L . -11.90 31.15 17.31
O03 VOY L . -13.84 38.91 18.87
O14 VOY L . -6.12 37.08 28.20
O42 VOY L . -10.32 35.83 19.00
C01 VOY M . 16.79 -31.82 -36.83
C02 VOY M . 16.09 -31.45 -38.17
C04 VOY M . 15.36 -29.11 -38.30
C05 VOY M . 16.63 -28.66 -37.93
C06 VOY M . 17.13 -27.27 -38.03
C07 VOY M . 16.24 -26.31 -38.55
C08 VOY M . 16.71 -24.89 -38.67
C10 VOY M . 16.12 -22.71 -40.12
C11 VOY M . 15.34 -21.54 -40.17
C12 VOY M . 15.71 -20.45 -40.98
C13 VOY M . 16.86 -20.43 -41.78
C15 VOY M . 17.79 -18.25 -41.87
C16 VOY M . 18.53 -18.32 -40.71
C17 VOY M . 19.15 -17.17 -40.04
C19 VOY M . 20.20 -15.71 -38.79
C22 VOY M . 18.22 -15.81 -41.82
C23 VOY M . 17.64 -16.91 -42.42
C24 VOY M . 17.71 -21.57 -41.78
C25 VOY M . 19.01 -21.72 -42.58
C26 VOY M . 17.28 -22.65 -40.96
C27 VOY M . 18.05 -24.53 -38.26
C28 VOY M . 18.55 -23.19 -38.33
C30 VOY M . 18.84 -25.63 -37.75
C32 VOY M . 14.91 -26.79 -38.93
C33 VOY M . 14.39 -28.08 -38.90
C35 VOY M . 11.90 -29.03 -38.79
C36 VOY M . 10.32 -29.11 -39.05
C37 VOY M . 9.95 -28.36 -37.95
C38 VOY M . 8.65 -27.99 -37.43
C40 VOY M . 7.73 -27.38 -39.63
C41 VOY M . 7.06 -29.55 -38.81
N09 VOY M . 15.76 -23.88 -39.23
N18 VOY M . 19.91 -17.06 -38.91
N20 VOY M . 19.66 -14.97 -39.81
N21 VOY M . 18.98 -15.91 -40.60
N29 VOY M . 18.87 -22.07 -38.44
N31 VOY M . 18.44 -26.88 -37.65
N34 VOY M . 12.94 -28.17 -39.32
N39 VOY M . 7.28 -28.20 -38.33
O03 VOY M . 15.02 -30.44 -38.15
O14 VOY M . 17.17 -19.32 -42.53
O42 VOY M . 12.22 -29.81 -37.91
C01 VOY N . -22.04 24.65 37.96
C02 VOY N . -21.87 23.35 38.76
C04 VOY N . -20.34 21.56 38.24
C05 VOY N . -21.31 20.87 37.59
C06 VOY N . -21.15 19.57 36.98
C07 VOY N . -19.89 18.95 37.04
C08 VOY N . -19.72 17.61 36.39
C10 VOY N . -17.82 16.13 35.38
C11 VOY N . -16.95 15.05 35.61
C12 VOY N . -16.52 14.26 34.55
C13 VOY N . -16.90 14.49 33.23
C15 VOY N . -17.22 12.49 32.12
C16 VOY N . -18.52 12.29 32.49
C17 VOY N . -19.24 11.04 32.37
C19 VOY N . -20.59 9.35 32.33
C22 VOY N . -17.21 10.15 31.47
C23 VOY N . -16.57 11.35 31.59
C24 VOY N . -17.77 15.52 32.93
C25 VOY N . -18.28 15.88 31.54
C26 VOY N . -18.15 16.31 34.02
C27 VOY N . -20.88 16.99 35.73
C28 VOY N . -20.94 15.69 35.08
C30 VOY N . -22.06 17.77 35.78
C32 VOY N . -18.88 19.72 37.73
C33 VOY N . -19.02 20.96 38.32
C35 VOY N . -16.84 21.05 39.67
C36 VOY N . -15.89 21.94 40.40
C37 VOY N . -16.15 21.90 41.83
C38 VOY N . -15.08 22.95 42.37
C40 VOY N . -15.84 25.28 41.63
C41 VOY N . -13.47 25.07 42.04
N09 VOY N . -18.37 16.97 36.46
N18 VOY N . -20.50 10.67 32.68
N20 VOY N . -19.42 8.87 31.82
N21 VOY N . -18.57 9.97 31.85
N29 VOY N . -20.95 14.64 34.56
N31 VOY N . -22.18 18.93 36.34
N34 VOY N . -17.94 21.59 39.00
N39 VOY N . -14.55 24.30 41.46
O03 VOY N . -20.54 22.79 38.80
O14 VOY N . -16.50 13.68 32.24
O42 VOY N . -16.58 19.86 39.76
C01 VOY O . 23.07 4.31 -13.25
C02 VOY O . 23.14 5.84 -13.50
C04 VOY O . 23.99 7.77 -12.37
C05 VOY O . 22.80 8.40 -12.60
C06 VOY O . 22.42 9.71 -12.07
C07 VOY O . 23.34 10.42 -11.28
C08 VOY O . 22.94 11.78 -10.73
C10 VOY O . 23.59 13.46 -8.74
C11 VOY O . 24.46 14.50 -8.37
C12 VOY O . 24.13 15.40 -7.33
C13 VOY O . 22.96 15.32 -6.59
C15 VOY O . 22.11 17.46 -5.96
C16 VOY O . 21.32 17.69 -7.06
C17 VOY O . 20.73 18.97 -7.40
C19 VOY O . 19.68 20.72 -8.19
C22 VOY O . 21.78 19.83 -5.40
C23 VOY O . 22.33 18.60 -5.12
C24 VOY O . 22.04 14.32 -6.90
C25 VOY O . 20.70 14.10 -6.18
C26 VOY O . 22.41 13.42 -7.94
C27 VOY O . 21.64 12.30 -11.07
C28 VOY O . 21.06 13.57 -10.70
C30 VOY O . 20.87 11.45 -11.90
C32 VOY O . 24.60 9.71 -11.05
C33 VOY O . 24.99 8.46 -11.53
C35 VOY O . 27.55 8.63 -11.35
C36 VOY O . 28.99 8.21 -11.06
C37 VOY O . 29.92 8.57 -12.09
C38 VOY O . 31.28 8.11 -11.60
C40 VOY O . 33.59 7.91 -12.28
C41 VOY O . 33.13 9.57 -10.63
N09 VOY O . 23.92 12.52 -9.88
N18 VOY O . 19.93 19.38 -8.43
N20 VOY O . 20.28 21.17 -7.05
N21 VOY O . 20.96 20.04 -6.56
N29 VOY O . 20.60 14.60 -10.40
N31 VOY O . 21.21 10.28 -12.34
N34 VOY O . 26.33 7.92 -11.19
N39 VOY O . 32.56 9.04 -11.84
O03 VOY O . 24.25 6.53 -12.88
O14 VOY O . 22.71 16.24 -5.61
O42 VOY O . 27.53 9.77 -11.73
C01 VOY P . -37.88 -8.54 -35.76
C02 VOY P . -37.45 -7.20 -36.41
C04 VOY P . -36.57 -5.26 -35.28
C05 VOY P . -37.77 -4.60 -35.42
C06 VOY P . -38.06 -3.25 -34.90
C07 VOY P . -37.06 -2.59 -34.22
C08 VOY P . -37.31 -1.24 -33.68
C10 VOY P . -36.42 0.27 -31.75
C11 VOY P . -35.56 1.31 -31.42
C12 VOY P . -35.83 2.12 -30.31
C13 VOY P . -36.93 1.97 -29.47
C15 VOY P . -37.71 4.06 -28.75
C16 VOY P . -38.47 4.28 -29.87
C17 VOY P . -39.08 5.52 -30.23
C19 VOY P . -40.14 7.19 -31.10
C22 VOY P . -38.11 6.44 -28.21
C23 VOY P . -37.53 5.20 -27.90
C24 VOY P . -37.84 0.95 -29.74
C25 VOY P . -39.10 0.63 -28.95
C26 VOY P . -37.52 0.14 -30.85
C27 VOY P . -38.61 -0.62 -33.88
C28 VOY P . -39.04 0.70 -33.45
C30 VOY P . -39.52 -1.44 -34.61
C32 VOY P . -35.83 -3.31 -34.09
C33 VOY P . -35.52 -4.58 -34.51
C35 VOY P . -32.98 -4.31 -34.29
C36 VOY P . -31.61 -4.85 -34.30
C37 VOY P . -30.82 -4.16 -35.32
C38 VOY P . -29.44 -4.97 -35.17
C40 VOY P . -28.37 -3.08 -33.87
C41 VOY P . -26.87 -4.61 -34.95
N09 VOY P . -36.20 -0.59 -32.94
N18 VOY P . -39.85 5.87 -31.30
N20 VOY P . -39.59 7.70 -29.94
N21 VOY P . -38.91 6.61 -29.40
N29 VOY P . -39.32 1.77 -33.09
N31 VOY P . -39.26 -2.63 -35.05
N34 VOY P . -34.18 -5.08 -34.36
N39 VOY P . -28.11 -4.60 -34.23
O03 VOY P . -36.35 -6.52 -35.77
O14 VOY P . -37.12 2.84 -28.44
O42 VOY P . -32.94 -3.09 -34.24
#